data_6UTE
#
_entry.id   6UTE
#
_cell.length_a   96.230
_cell.length_b   114.020
_cell.length_c   127.260
_cell.angle_alpha   90.000
_cell.angle_beta   109.500
_cell.angle_gamma   90.000
#
_symmetry.space_group_name_H-M   'P 1 21 1'
#
loop_
_entity.id
_entity.type
_entity.pdbx_description
1 polymer 'Z032 Fab heavy chain'
2 polymer 'Z032 Fab light chain'
3 polymer 'Envelope domain III'
4 non-polymer GLYCEROL
#
loop_
_entity_poly.entity_id
_entity_poly.type
_entity_poly.pdbx_seq_one_letter_code
_entity_poly.pdbx_strand_id
1 'polypeptide(L)'
;EVQLLESGGRLVQPGGSLTLSCAASGFPFSTYAMSWLRQAPGKGLEWVSGITGDSGSTYYAASVKGRFTISRDNSKNTLY
LQMNSLTADDTAVYYCAKDRLHSGLGELFSYWGQGTLVTVSSASTKGPSVFPLAPSSKSTSGGTAALGCLVKDYFPEPVT
VSWNSGALTSGVHTFPAVLQSSGLYSLSSVVTVPSSSLGTQTYICNVNHKPSNTKVDKRVEPKSCDKTHHHHHH
;
C,A,E,G,I
2 'polypeptide(L)'
;DIQMTQSPSTLSASVGDRVNITCRASQSINQWLAWYQQKPGKAPKFLMYKASTLETGVPSRFSGSGSGTEFTLTISSLQP
DDFATYYCQHYFSYPWTFGQGTKVEIKRTVAAPSVFIFPPSDEQLKSGTASVVCLLNNFYPREAKVQWKVDNALQSGNSQ
ESVTEQDSKDSTYSLSSTLTLSKADYEKHKVYACEVTHQGLSSPVTKSFNRGEC
;
D,B,F,H,J
3 'polypeptide(L)'
;GVCSKAFKFLGTPADTGHGTVVLELQYTGTDGPCKVPISSVASLNDLTPVGRLVTVNPFVSVATANAKVLIELEPPFGDS
YIVVGRGEQQINHHWHKS
;
S
#
loop_
_chem_comp.id
_chem_comp.type
_chem_comp.name
_chem_comp.formula
GOL non-polymer GLYCEROL 'C3 H8 O3'
#
# COMPACT_ATOMS: atom_id res chain seq x y z
N GLU A 1 50.79 8.63 2.58
CA GLU A 1 50.11 8.08 1.42
C GLU A 1 48.74 8.72 1.20
N VAL A 2 47.72 7.87 1.05
CA VAL A 2 46.37 8.36 0.81
C VAL A 2 45.85 9.12 2.03
N GLN A 3 45.19 10.26 1.78
CA GLN A 3 44.52 11.00 2.82
C GLN A 3 43.19 11.51 2.30
N LEU A 4 42.12 11.19 3.03
CA LEU A 4 40.77 11.67 2.73
C LEU A 4 40.29 12.52 3.89
N LEU A 5 40.07 13.82 3.63
CA LEU A 5 39.68 14.77 4.66
C LEU A 5 38.26 15.24 4.36
N GLU A 6 37.32 14.87 5.23
CA GLU A 6 35.95 15.32 5.10
C GLU A 6 35.72 16.61 5.88
N SER A 7 34.83 17.45 5.35
CA SER A 7 34.44 18.68 6.01
C SER A 7 33.03 19.05 5.54
N GLY A 8 32.37 19.86 6.35
CA GLY A 8 31.02 20.32 6.05
C GLY A 8 29.97 19.84 7.04
N GLY A 9 30.28 18.83 7.85
CA GLY A 9 29.33 18.35 8.83
C GLY A 9 29.09 19.37 9.93
N ARG A 10 27.82 19.56 10.28
CA ARG A 10 27.42 20.55 11.27
C ARG A 10 26.01 20.20 11.75
N LEU A 11 25.39 21.13 12.46
CA LEU A 11 24.01 20.99 12.90
C LEU A 11 23.09 21.70 11.92
N VAL A 12 22.02 21.02 11.52
CA VAL A 12 21.00 21.60 10.66
C VAL A 12 19.64 21.16 11.17
N GLN A 13 18.65 22.02 10.98
CA GLN A 13 17.28 21.74 11.42
C GLN A 13 16.60 20.80 10.43
N PRO A 14 15.71 19.93 10.91
CA PRO A 14 15.00 19.03 10.00
C PRO A 14 14.35 19.77 8.84
N GLY A 15 14.44 19.16 7.66
CA GLY A 15 13.98 19.79 6.43
C GLY A 15 15.00 20.66 5.75
N GLY A 16 16.12 20.96 6.41
CA GLY A 16 17.14 21.82 5.85
C GLY A 16 18.00 21.11 4.81
N SER A 17 19.15 21.72 4.52
CA SER A 17 20.07 21.19 3.52
C SER A 17 21.49 21.36 4.01
N LEU A 18 22.40 20.63 3.37
CA LEU A 18 23.81 20.65 3.72
C LEU A 18 24.62 19.96 2.64
N THR A 19 25.80 20.48 2.36
CA THR A 19 26.71 19.89 1.37
C THR A 19 27.99 19.45 2.06
N LEU A 20 28.43 18.24 1.76
CA LEU A 20 29.66 17.69 2.30
C LEU A 20 30.76 17.73 1.23
N SER A 21 32.00 17.93 1.68
CA SER A 21 33.15 17.93 0.80
C SER A 21 34.17 16.91 1.29
N CYS A 22 35.06 16.51 0.39
CA CYS A 22 36.08 15.51 0.71
C CYS A 22 37.28 15.75 -0.20
N ALA A 23 38.31 16.39 0.36
CA ALA A 23 39.55 16.63 -0.38
C ALA A 23 40.44 15.40 -0.29
N ALA A 24 40.94 14.95 -1.44
CA ALA A 24 41.71 13.72 -1.54
C ALA A 24 43.13 14.00 -2.01
N SER A 25 44.06 13.22 -1.50
CA SER A 25 45.47 13.35 -1.88
C SER A 25 46.14 11.99 -1.79
N GLY A 26 47.07 11.74 -2.72
CA GLY A 26 47.89 10.55 -2.68
C GLY A 26 47.59 9.52 -3.74
N PHE A 27 46.59 9.74 -4.60
CA PHE A 27 46.23 8.77 -5.63
C PHE A 27 45.59 9.51 -6.78
N PRO A 28 45.57 8.92 -7.98
CA PRO A 28 44.95 9.60 -9.13
C PRO A 28 43.44 9.67 -9.00
N PHE A 29 42.97 10.67 -8.25
CA PHE A 29 41.56 10.85 -7.94
C PHE A 29 40.66 10.77 -9.17
N SER A 30 41.17 11.18 -10.33
CA SER A 30 40.33 11.23 -11.53
C SER A 30 39.94 9.84 -12.01
N THR A 31 40.74 8.82 -11.72
CA THR A 31 40.52 7.48 -12.26
C THR A 31 39.96 6.51 -11.24
N TYR A 32 39.67 6.96 -10.02
CA TYR A 32 39.14 6.09 -8.97
C TYR A 32 37.72 6.51 -8.62
N ALA A 33 36.84 5.52 -8.49
CA ALA A 33 35.48 5.79 -8.03
C ALA A 33 35.48 6.10 -6.54
N MET A 34 34.63 7.04 -6.14
CA MET A 34 34.52 7.44 -4.75
C MET A 34 33.13 7.11 -4.23
N SER A 35 33.01 7.06 -2.90
CA SER A 35 31.75 6.72 -2.27
C SER A 35 31.59 7.50 -0.98
N TRP A 36 30.34 7.83 -0.67
CA TRP A 36 29.97 8.36 0.64
C TRP A 36 29.30 7.25 1.43
N LEU A 37 29.68 7.10 2.70
CA LEU A 37 29.06 6.16 3.61
C LEU A 37 28.82 6.87 4.93
N ARG A 38 27.88 6.34 5.71
CA ARG A 38 27.53 6.93 7.00
C ARG A 38 27.41 5.85 8.06
N GLN A 39 27.71 6.24 9.30
CA GLN A 39 27.61 5.36 10.45
C GLN A 39 26.94 6.15 11.57
N ALA A 40 25.73 5.74 11.94
CA ALA A 40 25.04 6.38 13.05
C ALA A 40 25.80 6.11 14.35
N PRO A 41 25.75 7.06 15.30
CA PRO A 41 26.54 6.90 16.54
C PRO A 41 26.21 5.62 17.27
N GLY A 42 27.22 4.80 17.49
CA GLY A 42 27.04 3.52 18.17
C GLY A 42 26.35 2.45 17.35
N LYS A 43 26.22 2.64 16.04
CA LYS A 43 25.50 1.72 15.17
C LYS A 43 26.45 1.17 14.10
N GLY A 44 25.88 0.44 13.14
CA GLY A 44 26.66 -0.17 12.08
C GLY A 44 26.91 0.76 10.91
N LEU A 45 27.67 0.24 9.94
CA LEU A 45 28.02 0.99 8.76
C LEU A 45 26.90 0.92 7.72
N GLU A 46 26.87 1.93 6.84
CA GLU A 46 25.82 2.02 5.84
C GLU A 46 26.37 2.72 4.60
N TRP A 47 26.17 2.10 3.44
CA TRP A 47 26.54 2.71 2.18
C TRP A 47 25.49 3.73 1.77
N VAL A 48 25.93 4.91 1.33
CA VAL A 48 25.05 6.00 0.94
C VAL A 48 25.02 6.18 -0.57
N SER A 49 26.17 6.49 -1.17
CA SER A 49 26.20 6.80 -2.58
C SER A 49 27.59 6.54 -3.14
N GLY A 50 27.66 6.46 -4.47
CA GLY A 50 28.92 6.26 -5.15
C GLY A 50 28.89 6.92 -6.52
N ILE A 51 30.08 7.22 -7.03
CA ILE A 51 30.23 7.90 -8.31
C ILE A 51 31.47 7.34 -9.01
N THR A 52 31.40 7.25 -10.34
CA THR A 52 32.37 6.46 -11.11
C THR A 52 33.72 7.14 -11.28
N GLY A 53 33.81 8.46 -11.09
CA GLY A 53 35.04 9.14 -11.35
C GLY A 53 35.03 9.83 -12.70
N ASP A 54 34.49 9.13 -13.69
CA ASP A 54 34.15 9.73 -14.97
C ASP A 54 32.82 10.48 -14.92
N SER A 55 32.15 10.47 -13.77
CA SER A 55 30.82 11.07 -13.61
C SER A 55 29.85 10.56 -14.67
N GLY A 56 29.98 9.28 -15.00
CA GLY A 56 29.12 8.68 -16.00
C GLY A 56 28.00 7.86 -15.38
N SER A 57 28.14 7.50 -14.11
CA SER A 57 27.12 6.72 -13.42
C SER A 57 27.14 7.07 -11.94
N THR A 58 25.95 7.22 -11.37
CA THR A 58 25.79 7.47 -9.95
C THR A 58 24.83 6.44 -9.35
N TYR A 59 25.08 6.08 -8.10
CA TYR A 59 24.28 5.10 -7.38
C TYR A 59 23.94 5.65 -6.01
N TYR A 60 22.74 5.34 -5.53
CA TYR A 60 22.25 5.85 -4.26
C TYR A 60 21.52 4.75 -3.50
N ALA A 61 21.62 4.80 -2.18
CA ALA A 61 20.84 3.92 -1.34
C ALA A 61 19.36 4.26 -1.46
N ALA A 62 18.51 3.31 -1.08
CA ALA A 62 17.07 3.49 -1.23
C ALA A 62 16.56 4.66 -0.39
N SER A 63 17.11 4.81 0.82
CA SER A 63 16.62 5.82 1.75
C SER A 63 17.05 7.24 1.38
N VAL A 64 17.90 7.41 0.37
CA VAL A 64 18.38 8.73 -0.02
C VAL A 64 18.03 9.09 -1.45
N LYS A 65 17.43 8.19 -2.22
CA LYS A 65 17.08 8.49 -3.61
C LYS A 65 16.08 9.64 -3.65
N GLY A 66 16.36 10.63 -4.50
CA GLY A 66 15.58 11.83 -4.58
C GLY A 66 15.92 12.89 -3.56
N ARG A 67 16.58 12.51 -2.46
CA ARG A 67 17.00 13.44 -1.42
C ARG A 67 18.45 13.88 -1.56
N PHE A 68 19.36 12.96 -1.86
CA PHE A 68 20.78 13.26 -1.93
C PHE A 68 21.26 13.33 -3.37
N THR A 69 22.43 13.93 -3.54
CA THR A 69 23.06 14.04 -4.85
C THR A 69 24.57 14.00 -4.65
N ILE A 70 25.23 13.09 -5.36
CA ILE A 70 26.68 12.94 -5.29
C ILE A 70 27.29 13.57 -6.54
N SER A 71 28.46 14.19 -6.36
CA SER A 71 29.16 14.84 -7.46
C SER A 71 30.64 14.87 -7.11
N ARG A 72 31.44 15.41 -8.04
CA ARG A 72 32.88 15.47 -7.85
C ARG A 72 33.47 16.53 -8.77
N ASP A 73 34.58 17.12 -8.33
CA ASP A 73 35.33 18.08 -9.12
C ASP A 73 36.74 17.52 -9.26
N ASN A 74 37.02 16.87 -10.40
CA ASN A 74 38.30 16.19 -10.58
C ASN A 74 39.46 17.19 -10.62
N SER A 75 39.23 18.39 -11.12
CA SER A 75 40.30 19.39 -11.17
C SER A 75 40.74 19.84 -9.79
N LYS A 76 39.88 19.70 -8.78
CA LYS A 76 40.20 20.08 -7.42
C LYS A 76 40.34 18.88 -6.49
N ASN A 77 40.22 17.65 -7.01
CA ASN A 77 40.35 16.43 -6.21
C ASN A 77 39.38 16.43 -5.02
N THR A 78 38.15 16.89 -5.26
CA THR A 78 37.17 17.07 -4.20
C THR A 78 35.91 16.29 -4.54
N LEU A 79 35.40 15.55 -3.57
CA LEU A 79 34.13 14.85 -3.68
C LEU A 79 33.05 15.63 -2.93
N TYR A 80 31.84 15.67 -3.49
CA TYR A 80 30.75 16.43 -2.91
C TYR A 80 29.55 15.53 -2.67
N LEU A 81 28.73 15.93 -1.69
CA LEU A 81 27.49 15.24 -1.37
C LEU A 81 26.45 16.29 -0.96
N GLN A 82 25.53 16.58 -1.87
CA GLN A 82 24.44 17.51 -1.58
C GLN A 82 23.30 16.75 -0.90
N MET A 83 22.89 17.23 0.27
CA MET A 83 21.87 16.58 1.07
C MET A 83 20.68 17.53 1.26
N ASN A 84 19.49 17.06 0.92
CA ASN A 84 18.26 17.84 1.06
C ASN A 84 17.22 17.03 1.82
N SER A 85 16.25 17.73 2.38
CA SER A 85 15.13 17.13 3.11
C SER A 85 15.63 16.23 4.24
N LEU A 86 16.54 16.75 5.04
CA LEU A 86 17.20 15.96 6.07
C LEU A 86 16.26 15.67 7.22
N THR A 87 16.02 14.39 7.48
CA THR A 87 15.22 13.94 8.61
C THR A 87 16.12 13.65 9.80
N ALA A 88 15.51 13.29 10.93
CA ALA A 88 16.28 12.99 12.12
C ALA A 88 17.10 11.70 11.96
N ASP A 89 16.59 10.74 11.20
CA ASP A 89 17.31 9.49 10.96
C ASP A 89 18.50 9.66 10.03
N ASP A 90 18.82 10.88 9.61
CA ASP A 90 20.03 11.17 8.85
C ASP A 90 21.20 11.58 9.73
N THR A 91 21.00 11.64 11.05
CA THR A 91 22.08 11.98 11.97
C THR A 91 23.07 10.83 12.01
N ALA A 92 24.27 11.05 11.46
CA ALA A 92 25.30 10.03 11.41
C ALA A 92 26.62 10.69 11.07
N VAL A 93 27.70 9.92 11.25
CA VAL A 93 29.03 10.34 10.80
C VAL A 93 29.19 9.87 9.37
N TYR A 94 29.45 10.81 8.45
CA TYR A 94 29.52 10.52 7.03
C TYR A 94 30.97 10.36 6.61
N TYR A 95 31.29 9.22 6.00
CA TYR A 95 32.65 8.85 5.64
C TYR A 95 32.86 8.98 4.13
N CYS A 96 34.10 9.27 3.77
CA CYS A 96 34.55 9.34 2.38
C CYS A 96 35.42 8.12 2.11
N ALA A 97 35.17 7.43 0.99
CA ALA A 97 35.82 6.15 0.73
C ALA A 97 36.32 6.06 -0.70
N LYS A 98 37.49 5.46 -0.87
CA LYS A 98 38.13 5.30 -2.17
C LYS A 98 37.98 3.86 -2.64
N ASP A 99 37.60 3.69 -3.91
CA ASP A 99 37.43 2.34 -4.45
C ASP A 99 38.77 1.63 -4.55
N ARG A 100 38.73 0.31 -4.46
CA ARG A 100 39.97 -0.47 -4.52
C ARG A 100 40.63 -0.36 -5.88
N LEU A 101 39.90 -0.68 -6.94
CA LEU A 101 40.43 -0.63 -8.30
C LEU A 101 40.02 0.66 -8.99
N HIS A 102 40.82 1.04 -9.98
CA HIS A 102 40.51 2.20 -10.80
C HIS A 102 39.43 1.85 -11.83
N SER A 103 38.72 2.88 -12.28
CA SER A 103 37.64 2.73 -13.27
C SER A 103 36.56 1.77 -12.78
N GLY A 104 36.31 1.75 -11.47
CA GLY A 104 35.36 0.83 -10.88
C GLY A 104 33.99 1.47 -10.62
N LEU A 105 33.14 0.69 -9.97
CA LEU A 105 31.77 1.10 -9.66
C LEU A 105 31.58 1.47 -8.19
N GLY A 106 32.66 1.60 -7.43
CA GLY A 106 32.52 1.76 -6.00
C GLY A 106 32.02 0.52 -5.30
N GLU A 107 32.40 -0.66 -5.80
CA GLU A 107 31.88 -1.90 -5.25
C GLU A 107 32.41 -2.20 -3.86
N LEU A 108 33.57 -1.63 -3.48
CA LEU A 108 34.07 -1.74 -2.12
C LEU A 108 34.96 -0.54 -1.83
N PHE A 109 35.42 -0.46 -0.59
CA PHE A 109 35.96 0.78 -0.03
C PHE A 109 37.30 0.50 0.63
N SER A 110 38.40 0.77 -0.09
CA SER A 110 39.74 0.38 0.35
C SER A 110 40.39 1.40 1.28
N TYR A 111 39.85 2.62 1.39
CA TYR A 111 40.42 3.61 2.29
C TYR A 111 39.33 4.58 2.70
N TRP A 112 39.31 4.95 3.97
CA TRP A 112 38.28 5.79 4.55
C TRP A 112 38.88 7.06 5.12
N GLY A 113 38.10 8.14 5.07
CA GLY A 113 38.45 9.33 5.81
C GLY A 113 37.97 9.24 7.24
N GLN A 114 38.40 10.22 8.05
CA GLN A 114 37.99 10.24 9.45
C GLN A 114 36.49 10.50 9.61
N GLY A 115 35.81 10.97 8.57
CA GLY A 115 34.38 11.20 8.63
C GLY A 115 34.03 12.51 9.30
N THR A 116 32.91 13.09 8.90
CA THR A 116 32.41 14.32 9.50
C THR A 116 31.04 14.06 10.11
N LEU A 117 30.71 14.82 11.16
CA LEU A 117 29.53 14.59 11.96
C LEU A 117 28.40 15.51 11.49
N VAL A 118 27.28 14.92 11.08
CA VAL A 118 26.10 15.65 10.66
C VAL A 118 25.00 15.38 11.68
N THR A 119 24.44 16.45 12.26
CA THR A 119 23.41 16.35 13.28
C THR A 119 22.15 17.04 12.77
N VAL A 120 21.05 16.31 12.73
CA VAL A 120 19.75 16.85 12.32
C VAL A 120 18.87 16.89 13.55
N SER A 121 18.56 18.10 14.02
CA SER A 121 17.78 18.28 15.23
C SER A 121 17.18 19.67 15.24
N SER A 122 16.12 19.84 16.03
CA SER A 122 15.50 21.14 16.21
C SER A 122 16.16 21.96 17.32
N ALA A 123 17.05 21.35 18.09
CA ALA A 123 17.75 22.07 19.15
C ALA A 123 18.74 23.07 18.56
N SER A 124 19.07 24.08 19.35
CA SER A 124 19.99 25.13 18.94
C SER A 124 21.36 24.93 19.58
N THR A 125 22.37 25.50 18.95
CA THR A 125 23.74 25.38 19.45
C THR A 125 23.87 26.03 20.81
N LYS A 126 24.34 25.26 21.79
CA LYS A 126 24.56 25.76 23.13
C LYS A 126 25.88 25.24 23.67
N GLY A 127 26.66 26.12 24.27
CA GLY A 127 27.88 25.72 24.93
C GLY A 127 27.58 25.01 26.24
N PRO A 128 28.59 24.32 26.78
CA PRO A 128 28.41 23.61 28.05
C PRO A 128 28.78 24.48 29.24
N SER A 129 28.37 24.00 30.42
CA SER A 129 28.81 24.54 31.69
C SER A 129 29.58 23.44 32.41
N VAL A 130 30.82 23.73 32.79
CA VAL A 130 31.72 22.75 33.36
C VAL A 130 31.62 22.83 34.88
N PHE A 131 30.99 21.82 35.48
CA PHE A 131 30.91 21.81 36.94
C PHE A 131 31.92 20.83 37.52
N PRO A 132 32.56 21.18 38.63
CA PRO A 132 33.62 20.33 39.18
C PRO A 132 33.06 19.14 39.96
N LEU A 133 33.83 18.07 39.96
CA LEU A 133 33.58 16.89 40.79
C LEU A 133 34.64 16.87 41.87
N ALA A 134 34.27 17.31 43.07
CA ALA A 134 35.23 17.45 44.15
C ALA A 134 35.61 16.08 44.71
N PRO A 135 36.90 15.83 44.94
CA PRO A 135 37.37 14.56 45.52
C PRO A 135 37.22 14.49 47.04
N SER A 136 36.02 14.14 47.49
CA SER A 136 35.74 14.01 48.92
C SER A 136 36.51 12.85 49.53
N THR A 140 34.29 8.56 48.42
CA THR A 140 35.38 8.02 47.62
C THR A 140 36.35 7.21 48.47
N SER A 141 37.64 7.54 48.35
CA SER A 141 38.70 6.92 49.15
C SER A 141 38.76 5.42 48.95
N GLY A 142 38.63 4.97 47.71
CA GLY A 142 38.75 3.56 47.41
C GLY A 142 40.20 3.11 47.31
N GLY A 143 40.92 3.61 46.31
CA GLY A 143 42.34 3.38 46.22
C GLY A 143 43.15 4.66 46.10
N THR A 144 42.53 5.70 45.54
CA THR A 144 43.21 6.97 45.27
C THR A 144 42.17 8.07 45.19
N ALA A 145 42.64 9.30 45.04
CA ALA A 145 41.74 10.45 44.94
C ALA A 145 41.00 10.40 43.61
N ALA A 146 39.67 10.42 43.68
CA ALA A 146 38.82 10.39 42.49
C ALA A 146 38.20 11.77 42.31
N LEU A 147 38.58 12.45 41.23
CA LEU A 147 38.05 13.76 40.91
C LEU A 147 37.80 13.85 39.41
N GLY A 148 37.03 14.85 39.02
CA GLY A 148 36.74 15.02 37.61
C GLY A 148 35.97 16.29 37.35
N CYS A 149 35.50 16.42 36.11
CA CYS A 149 34.69 17.54 35.67
C CYS A 149 33.43 17.02 34.99
N LEU A 150 32.38 17.83 35.02
CA LEU A 150 31.08 17.46 34.45
C LEU A 150 30.70 18.47 33.37
N VAL A 151 30.97 18.11 32.12
CA VAL A 151 30.62 18.94 30.96
C VAL A 151 29.15 18.68 30.66
N LYS A 152 28.27 19.54 31.17
CA LYS A 152 26.83 19.29 31.17
C LYS A 152 26.09 20.32 30.32
N ASP A 153 25.03 19.85 29.65
CA ASP A 153 24.08 20.71 28.94
C ASP A 153 24.74 21.50 27.82
N TYR A 154 25.27 20.75 26.84
CA TYR A 154 25.78 21.34 25.61
C TYR A 154 25.10 20.67 24.41
N PHE A 155 25.23 21.31 23.26
CA PHE A 155 24.68 20.80 22.00
C PHE A 155 25.26 21.59 20.84
N PRO A 156 25.64 20.92 19.73
CA PRO A 156 25.64 19.47 19.60
C PRO A 156 26.99 18.85 19.95
N GLU A 157 27.19 17.59 19.57
CA GLU A 157 28.49 16.97 19.64
C GLU A 157 29.42 17.58 18.59
N PRO A 158 30.75 17.45 18.77
CA PRO A 158 31.47 16.81 19.86
C PRO A 158 32.06 17.78 20.88
N VAL A 159 32.70 17.22 21.90
CA VAL A 159 33.41 17.99 22.92
C VAL A 159 34.69 17.23 23.26
N THR A 160 35.79 17.96 23.41
CA THR A 160 37.08 17.39 23.76
C THR A 160 37.54 17.93 25.10
N VAL A 161 37.94 17.04 26.00
CA VAL A 161 38.33 17.40 27.35
C VAL A 161 39.76 16.91 27.59
N SER A 162 40.62 17.81 28.05
CA SER A 162 41.99 17.48 28.42
C SER A 162 42.23 17.89 29.87
N TRP A 163 43.29 17.35 30.45
CA TRP A 163 43.63 17.63 31.85
C TRP A 163 45.02 18.24 31.93
N ASN A 164 45.11 19.40 32.59
CA ASN A 164 46.36 20.15 32.73
C ASN A 164 46.96 20.46 31.36
N SER A 165 46.11 20.86 30.42
CA SER A 165 46.53 21.21 29.05
C SER A 165 47.29 20.08 28.39
N GLY A 166 46.99 18.84 28.76
CA GLY A 166 47.65 17.67 28.22
C GLY A 166 48.71 17.07 29.13
N ALA A 167 49.02 17.71 30.25
CA ALA A 167 50.05 17.22 31.16
C ALA A 167 49.54 16.16 32.12
N LEU A 168 48.34 15.61 31.87
CA LEU A 168 47.78 14.56 32.72
C LEU A 168 47.01 13.59 31.84
N THR A 169 47.57 12.40 31.64
CA THR A 169 46.91 11.37 30.85
C THR A 169 46.91 9.99 31.51
N SER A 170 47.70 9.78 32.56
CA SER A 170 47.72 8.50 33.25
C SER A 170 46.49 8.38 34.15
N GLY A 171 45.69 7.34 33.93
CA GLY A 171 44.50 7.11 34.73
C GLY A 171 43.43 8.18 34.53
N VAL A 172 43.07 8.43 33.28
CA VAL A 172 42.06 9.43 32.93
C VAL A 172 41.00 8.77 32.07
N HIS A 173 39.73 8.97 32.44
CA HIS A 173 38.61 8.37 31.72
C HIS A 173 37.62 9.46 31.35
N THR A 174 37.40 9.64 30.04
CA THR A 174 36.39 10.54 29.52
C THR A 174 35.26 9.70 28.94
N PHE A 175 34.08 9.84 29.50
CA PHE A 175 32.97 8.97 29.14
C PHE A 175 32.21 9.51 27.93
N PRO A 176 31.64 8.62 27.13
CA PRO A 176 30.79 9.07 26.02
C PRO A 176 29.62 9.89 26.51
N ALA A 177 29.25 10.89 25.72
CA ALA A 177 28.13 11.74 26.09
C ALA A 177 26.81 10.98 25.99
N VAL A 178 25.88 11.33 26.88
CA VAL A 178 24.54 10.78 26.89
C VAL A 178 23.57 11.87 26.45
N LEU A 179 22.53 11.48 25.71
CA LEU A 179 21.53 12.41 25.22
C LEU A 179 20.41 12.50 26.26
N GLN A 180 20.36 13.62 26.98
CA GLN A 180 19.35 13.80 28.00
C GLN A 180 17.98 14.05 27.36
N SER A 181 16.93 13.91 28.17
CA SER A 181 15.58 14.09 27.67
C SER A 181 15.35 15.49 27.11
N SER A 182 16.11 16.47 27.61
CA SER A 182 16.03 17.84 27.11
C SER A 182 16.74 18.03 25.78
N GLY A 183 17.18 16.95 25.14
CA GLY A 183 17.91 17.07 23.89
C GLY A 183 19.31 17.63 24.00
N LEU A 184 19.84 17.73 25.21
CA LEU A 184 21.18 18.25 25.44
C LEU A 184 22.10 17.11 25.88
N TYR A 185 23.30 17.09 25.33
CA TYR A 185 24.29 16.11 25.73
C TYR A 185 24.91 16.47 27.07
N SER A 186 25.61 15.49 27.66
CA SER A 186 26.29 15.68 28.94
C SER A 186 27.25 14.52 29.14
N LEU A 187 28.49 14.84 29.49
CA LEU A 187 29.49 13.83 29.74
C LEU A 187 30.31 14.22 30.96
N SER A 188 31.14 13.29 31.42
CA SER A 188 32.01 13.51 32.55
C SER A 188 33.39 12.95 32.23
N SER A 189 34.41 13.61 32.77
CA SER A 189 35.80 13.19 32.60
C SER A 189 36.46 13.15 33.97
N VAL A 190 36.78 11.95 34.44
CA VAL A 190 37.35 11.76 35.77
C VAL A 190 38.80 11.32 35.63
N VAL A 191 39.53 11.41 36.74
CA VAL A 191 40.93 11.00 36.79
C VAL A 191 41.27 10.59 38.22
N THR A 192 41.88 9.43 38.37
CA THR A 192 42.30 8.92 39.67
C THR A 192 43.76 9.28 39.89
N VAL A 193 44.03 9.95 41.02
CA VAL A 193 45.36 10.45 41.34
C VAL A 193 45.69 10.07 42.78
N PRO A 194 46.97 9.94 43.15
CA PRO A 194 47.32 9.62 44.54
C PRO A 194 46.67 10.57 45.54
N SER A 195 45.92 10.02 46.49
CA SER A 195 45.19 10.84 47.45
C SER A 195 46.12 11.67 48.33
N SER A 196 47.39 11.28 48.45
CA SER A 196 48.36 12.10 49.16
C SER A 196 48.67 13.39 48.43
N SER A 197 48.41 13.44 47.11
CA SER A 197 48.67 14.62 46.30
C SER A 197 47.47 15.57 46.24
N LEU A 198 46.57 15.51 47.22
CA LEU A 198 45.42 16.40 47.27
C LEU A 198 45.75 17.75 47.91
N GLY A 199 46.98 17.96 48.33
CA GLY A 199 47.36 19.24 48.93
C GLY A 199 48.54 19.87 48.24
N THR A 200 48.96 19.29 47.11
CA THR A 200 50.10 19.80 46.35
C THR A 200 49.87 19.92 44.86
N GLN A 201 48.91 19.21 44.29
CA GLN A 201 48.69 19.17 42.84
C GLN A 201 47.42 19.93 42.49
N THR A 202 47.52 20.79 41.48
CA THR A 202 46.37 21.54 40.98
C THR A 202 45.86 20.90 39.70
N TYR A 203 44.55 20.69 39.63
CA TYR A 203 43.92 20.01 38.50
C TYR A 203 42.94 20.95 37.80
N ILE A 204 43.06 21.04 36.48
CA ILE A 204 42.14 21.80 35.65
C ILE A 204 41.78 20.97 34.44
N CYS A 205 40.50 21.02 34.03
CA CYS A 205 40.05 20.34 32.84
C CYS A 205 40.01 21.32 31.67
N ASN A 206 40.49 20.87 30.51
CA ASN A 206 40.54 21.69 29.30
C ASN A 206 39.37 21.28 28.41
N VAL A 207 38.19 21.83 28.70
CA VAL A 207 36.99 21.55 27.94
C VAL A 207 36.96 22.44 26.71
N ASN A 208 36.66 21.84 25.56
CA ASN A 208 36.69 22.56 24.28
C ASN A 208 35.46 22.16 23.47
N HIS A 209 34.52 23.08 23.31
CA HIS A 209 33.32 22.88 22.51
C HIS A 209 33.45 23.76 21.27
N LYS A 210 33.92 23.19 20.18
CA LYS A 210 34.16 23.91 18.93
C LYS A 210 32.88 24.42 18.27
N PRO A 211 31.78 23.65 18.26
CA PRO A 211 30.55 24.18 17.62
C PRO A 211 30.06 25.49 18.21
N SER A 212 30.34 25.76 19.48
CA SER A 212 29.85 26.97 20.15
C SER A 212 30.96 27.95 20.50
N ASN A 213 32.21 27.67 20.11
CA ASN A 213 33.36 28.52 20.42
C ASN A 213 33.50 28.70 21.93
N THR A 214 33.70 27.59 22.63
CA THR A 214 33.76 27.57 24.08
C THR A 214 35.04 26.88 24.54
N LYS A 215 35.67 27.44 25.56
CA LYS A 215 36.90 26.87 26.12
C LYS A 215 36.94 27.24 27.61
N VAL A 216 36.53 26.31 28.46
CA VAL A 216 36.36 26.55 29.89
C VAL A 216 37.39 25.72 30.66
N ASP A 217 38.08 26.35 31.60
CA ASP A 217 39.03 25.70 32.48
C ASP A 217 38.53 25.82 33.91
N LYS A 218 38.35 24.68 34.59
CA LYS A 218 37.81 24.64 35.93
C LYS A 218 38.82 24.00 36.88
N ARG A 219 39.14 24.69 37.97
CA ARG A 219 40.02 24.17 38.98
C ARG A 219 39.25 23.24 39.92
N VAL A 220 39.79 22.05 40.16
CA VAL A 220 39.17 21.07 41.03
C VAL A 220 39.91 21.04 42.36
N GLU A 221 39.16 21.15 43.45
CA GLU A 221 39.74 21.16 44.79
C GLU A 221 38.74 20.51 45.74
N PRO A 222 39.22 19.88 46.83
CA PRO A 222 38.32 19.19 47.76
C PRO A 222 37.40 20.15 48.52
N ASP B 1 17.34 -6.90 -1.76
CA ASP B 1 18.36 -6.44 -0.82
C ASP B 1 18.91 -7.58 0.02
N ILE B 2 20.19 -7.91 -0.20
CA ILE B 2 20.83 -8.94 0.61
C ILE B 2 21.07 -8.41 2.02
N GLN B 3 20.64 -9.18 3.01
CA GLN B 3 20.89 -8.85 4.41
C GLN B 3 22.07 -9.67 4.90
N MET B 4 23.05 -8.99 5.50
CA MET B 4 24.21 -9.64 6.07
C MET B 4 24.02 -9.79 7.58
N THR B 5 24.40 -10.96 8.11
CA THR B 5 24.26 -11.25 9.52
C THR B 5 25.55 -11.87 10.04
N GLN B 6 26.12 -11.28 11.08
CA GLN B 6 27.34 -11.79 11.68
C GLN B 6 27.02 -12.46 13.01
N SER B 7 27.77 -13.50 13.33
CA SER B 7 27.62 -14.21 14.58
C SER B 7 28.98 -14.71 15.04
N PRO B 8 29.34 -14.53 16.33
CA PRO B 8 28.48 -13.83 17.29
C PRO B 8 28.60 -12.31 17.14
N SER B 9 27.86 -11.56 17.93
CA SER B 9 28.03 -10.11 17.95
C SER B 9 29.12 -9.67 18.92
N THR B 10 29.52 -10.53 19.85
CA THR B 10 30.60 -10.24 20.78
C THR B 10 31.28 -11.55 21.18
N LEU B 11 32.61 -11.58 21.07
CA LEU B 11 33.40 -12.69 21.56
C LEU B 11 34.55 -12.15 22.39
N SER B 12 34.84 -12.82 23.50
CA SER B 12 35.88 -12.41 24.44
C SER B 12 37.00 -13.43 24.39
N ALA B 13 38.18 -13.00 23.94
CA ALA B 13 39.32 -13.89 23.78
C ALA B 13 40.56 -13.26 24.39
N SER B 14 41.60 -14.07 24.56
CA SER B 14 42.87 -13.65 25.11
C SER B 14 43.90 -13.50 24.01
N VAL B 15 44.99 -12.79 24.34
CA VAL B 15 46.06 -12.55 23.38
C VAL B 15 46.73 -13.87 23.05
N GLY B 16 46.63 -14.29 21.79
CA GLY B 16 47.21 -15.53 21.32
C GLY B 16 46.20 -16.57 20.88
N ASP B 17 44.93 -16.41 21.23
CA ASP B 17 43.90 -17.35 20.81
C ASP B 17 43.66 -17.26 19.31
N ARG B 18 43.02 -18.30 18.78
CA ARG B 18 42.56 -18.32 17.40
C ARG B 18 41.04 -18.19 17.39
N VAL B 19 40.54 -17.24 16.61
CA VAL B 19 39.14 -16.81 16.68
C VAL B 19 38.51 -16.88 15.30
N ASN B 20 37.25 -17.31 15.26
CA ASN B 20 36.45 -17.32 14.03
C ASN B 20 35.27 -16.38 14.18
N ILE B 21 34.97 -15.63 13.12
CA ILE B 21 33.81 -14.74 13.07
C ILE B 21 33.01 -15.10 11.84
N THR B 22 31.77 -15.56 12.04
CA THR B 22 30.92 -15.98 10.94
C THR B 22 30.09 -14.82 10.41
N CYS B 23 29.85 -14.83 9.10
CA CYS B 23 29.01 -13.83 8.45
C CYS B 23 28.22 -14.54 7.35
N ARG B 24 26.90 -14.50 7.48
CA ARG B 24 26.00 -15.20 6.57
C ARG B 24 25.20 -14.20 5.74
N ALA B 25 24.70 -14.68 4.60
CA ALA B 25 23.95 -13.85 3.67
C ALA B 25 22.58 -14.45 3.41
N SER B 26 21.61 -13.58 3.11
CA SER B 26 20.25 -14.04 2.85
C SER B 26 20.15 -14.72 1.48
N GLN B 27 20.85 -14.19 0.48
CA GLN B 27 20.92 -14.78 -0.85
C GLN B 27 22.27 -15.45 -1.04
N SER B 28 22.47 -15.99 -2.24
CA SER B 28 23.75 -16.59 -2.60
C SER B 28 24.66 -15.52 -3.21
N ILE B 29 25.82 -15.33 -2.60
CA ILE B 29 26.87 -14.46 -3.12
C ILE B 29 28.10 -15.33 -3.34
N ASN B 30 28.52 -15.46 -4.60
CA ASN B 30 29.55 -16.44 -4.94
C ASN B 30 30.79 -16.26 -4.08
N GLN B 31 31.58 -15.24 -4.36
CA GLN B 31 32.62 -14.86 -3.41
C GLN B 31 32.76 -13.35 -3.28
N TRP B 32 31.77 -12.57 -3.68
CA TRP B 32 31.86 -11.12 -3.63
C TRP B 32 31.56 -10.62 -2.20
N LEU B 33 32.47 -10.94 -1.29
CA LEU B 33 32.36 -10.54 0.11
C LEU B 33 33.65 -9.89 0.57
N ALA B 34 33.52 -8.79 1.33
CA ALA B 34 34.67 -8.08 1.88
C ALA B 34 34.61 -8.07 3.40
N TRP B 35 35.75 -7.76 4.01
CA TRP B 35 35.87 -7.67 5.47
C TRP B 35 36.52 -6.35 5.84
N TYR B 36 35.96 -5.70 6.86
CA TYR B 36 36.49 -4.43 7.36
C TYR B 36 36.72 -4.52 8.85
N GLN B 37 37.66 -3.71 9.33
CA GLN B 37 38.00 -3.63 10.75
C GLN B 37 37.83 -2.19 11.22
N GLN B 38 37.30 -2.01 12.42
CA GLN B 38 37.12 -0.67 12.96
C GLN B 38 37.34 -0.69 14.47
N LYS B 39 38.30 0.11 14.93
CA LYS B 39 38.49 0.37 16.35
C LYS B 39 37.69 1.59 16.76
N PRO B 40 37.37 1.74 18.05
CA PRO B 40 36.48 2.83 18.46
C PRO B 40 37.11 4.20 18.21
N GLY B 41 36.26 5.15 17.84
CA GLY B 41 36.72 6.49 17.52
C GLY B 41 37.63 6.57 16.32
N LYS B 42 37.57 5.60 15.42
CA LYS B 42 38.45 5.55 14.26
C LYS B 42 37.67 5.06 13.06
N ALA B 43 38.21 5.36 11.88
CA ALA B 43 37.58 4.98 10.62
C ALA B 43 37.83 3.51 10.32
N PRO B 44 36.95 2.88 9.54
CA PRO B 44 37.15 1.47 9.20
C PRO B 44 38.38 1.26 8.34
N LYS B 45 38.92 0.04 8.43
CA LYS B 45 40.09 -0.37 7.66
C LYS B 45 39.75 -1.59 6.81
N PHE B 46 40.04 -1.50 5.52
CA PHE B 46 39.75 -2.58 4.58
C PHE B 46 40.75 -3.72 4.80
N LEU B 47 40.24 -4.92 5.06
CA LEU B 47 41.07 -6.07 5.41
C LEU B 47 41.14 -7.11 4.30
N MET B 48 39.99 -7.56 3.79
CA MET B 48 39.96 -8.62 2.79
C MET B 48 38.84 -8.38 1.79
N TYR B 49 39.05 -8.88 0.59
CA TYR B 49 38.03 -8.96 -0.45
C TYR B 49 38.08 -10.37 -1.04
N LYS B 50 37.06 -10.71 -1.83
CA LYS B 50 36.85 -12.05 -2.37
C LYS B 50 36.73 -13.11 -1.28
N ALA B 51 36.58 -12.69 -0.02
CA ALA B 51 36.34 -13.54 1.14
C ALA B 51 37.57 -14.31 1.56
N SER B 52 38.65 -14.21 0.79
CA SER B 52 39.88 -14.93 1.07
C SER B 52 41.14 -14.16 0.72
N THR B 53 41.09 -13.21 -0.21
CA THR B 53 42.28 -12.49 -0.63
C THR B 53 42.58 -11.35 0.34
N LEU B 54 43.78 -11.38 0.93
CA LEU B 54 44.19 -10.32 1.84
C LEU B 54 44.56 -9.05 1.09
N GLU B 55 44.08 -7.92 1.59
CA GLU B 55 44.58 -6.63 1.14
C GLU B 55 46.05 -6.48 1.52
N THR B 56 46.80 -5.75 0.70
CA THR B 56 48.22 -5.58 0.96
C THR B 56 48.45 -4.89 2.29
N GLY B 57 49.45 -5.37 3.04
CA GLY B 57 49.77 -4.84 4.34
C GLY B 57 49.09 -5.52 5.50
N VAL B 58 48.00 -6.25 5.24
CA VAL B 58 47.28 -6.91 6.33
C VAL B 58 48.09 -8.11 6.81
N PRO B 59 48.27 -8.28 8.12
CA PRO B 59 49.06 -9.42 8.62
C PRO B 59 48.51 -10.76 8.16
N SER B 60 49.42 -11.73 8.02
CA SER B 60 49.06 -13.06 7.54
C SER B 60 48.26 -13.86 8.56
N ARG B 61 48.18 -13.40 9.81
CA ARG B 61 47.36 -14.09 10.80
C ARG B 61 45.88 -13.94 10.48
N PHE B 62 45.51 -13.01 9.62
CA PHE B 62 44.15 -12.89 9.12
C PHE B 62 43.98 -13.79 7.91
N SER B 63 42.84 -14.48 7.85
CA SER B 63 42.52 -15.33 6.72
C SER B 63 41.00 -15.45 6.63
N GLY B 64 40.52 -15.83 5.45
CA GLY B 64 39.10 -15.95 5.22
C GLY B 64 38.77 -17.17 4.39
N SER B 65 37.51 -17.59 4.50
CA SER B 65 37.00 -18.73 3.76
C SER B 65 35.51 -18.52 3.54
N GLY B 66 34.84 -19.53 3.02
CA GLY B 66 33.41 -19.47 2.83
C GLY B 66 33.04 -19.03 1.42
N SER B 67 31.87 -19.49 0.96
CA SER B 67 31.39 -19.18 -0.37
C SER B 67 29.89 -19.34 -0.38
N GLY B 68 29.23 -18.60 -1.27
CA GLY B 68 27.80 -18.73 -1.46
C GLY B 68 26.96 -17.99 -0.44
N THR B 69 26.84 -18.53 0.77
CA THR B 69 25.97 -17.95 1.77
C THR B 69 26.54 -17.93 3.18
N GLU B 70 27.75 -18.45 3.41
CA GLU B 70 28.33 -18.47 4.74
C GLU B 70 29.84 -18.22 4.63
N PHE B 71 30.36 -17.33 5.47
CA PHE B 71 31.75 -16.93 5.43
C PHE B 71 32.29 -16.79 6.85
N THR B 72 33.59 -17.01 6.99
CA THR B 72 34.25 -16.89 8.29
C THR B 72 35.58 -16.17 8.14
N LEU B 73 35.79 -15.14 8.95
CA LEU B 73 37.10 -14.52 9.09
C LEU B 73 37.83 -15.18 10.27
N THR B 74 39.12 -15.43 10.08
CA THR B 74 39.93 -16.13 11.06
C THR B 74 41.13 -15.29 11.44
N ILE B 75 41.40 -15.19 12.74
CA ILE B 75 42.58 -14.53 13.28
C ILE B 75 43.38 -15.60 14.01
N SER B 76 44.46 -16.08 13.38
CA SER B 76 45.16 -17.26 13.86
C SER B 76 46.01 -17.00 15.10
N SER B 77 46.37 -15.74 15.37
CA SER B 77 47.11 -15.41 16.59
C SER B 77 46.69 -13.99 17.00
N LEU B 78 45.72 -13.92 17.90
CA LEU B 78 45.13 -12.64 18.27
C LEU B 78 46.16 -11.76 18.97
N GLN B 79 46.46 -10.62 18.34
CA GLN B 79 47.37 -9.61 18.86
C GLN B 79 46.59 -8.44 19.43
N PRO B 80 47.20 -7.64 20.30
CA PRO B 80 46.50 -6.44 20.80
C PRO B 80 46.07 -5.50 19.70
N ASP B 81 46.80 -5.47 18.59
CA ASP B 81 46.48 -4.64 17.43
C ASP B 81 45.22 -5.12 16.69
N ASP B 82 44.59 -6.20 17.14
CA ASP B 82 43.47 -6.79 16.42
C ASP B 82 42.13 -6.67 17.14
N PHE B 83 42.12 -6.39 18.44
CA PHE B 83 40.88 -6.26 19.19
C PHE B 83 40.12 -5.03 18.70
N ALA B 84 39.01 -5.27 18.02
CA ALA B 84 38.20 -4.20 17.41
C ALA B 84 36.86 -4.80 17.01
N THR B 85 36.08 -4.05 16.26
CA THR B 85 34.83 -4.52 15.68
C THR B 85 35.04 -4.80 14.19
N TYR B 86 34.51 -5.92 13.71
CA TYR B 86 34.72 -6.38 12.35
C TYR B 86 33.39 -6.41 11.60
N TYR B 87 33.38 -5.83 10.39
CA TYR B 87 32.21 -5.78 9.55
C TYR B 87 32.47 -6.55 8.25
N CYS B 88 31.49 -7.33 7.82
CA CYS B 88 31.53 -7.92 6.48
C CYS B 88 30.64 -7.13 5.54
N GLN B 89 30.97 -7.16 4.27
CA GLN B 89 30.22 -6.43 3.25
C GLN B 89 30.23 -7.23 1.96
N HIS B 90 29.07 -7.25 1.29
CA HIS B 90 28.93 -7.91 0.01
C HIS B 90 28.96 -6.89 -1.12
N TYR B 91 29.44 -7.32 -2.28
CA TYR B 91 29.38 -6.52 -3.51
C TYR B 91 28.88 -7.38 -4.66
N PHE B 92 27.78 -8.08 -4.42
CA PHE B 92 27.09 -8.87 -5.42
C PHE B 92 26.10 -8.04 -6.24
N SER B 93 25.22 -7.31 -5.56
CA SER B 93 24.17 -6.52 -6.19
C SER B 93 24.37 -5.04 -5.88
N TYR B 94 23.49 -4.19 -6.44
CA TYR B 94 23.63 -2.75 -6.30
C TYR B 94 23.69 -2.30 -4.84
N PRO B 95 22.70 -2.62 -3.97
CA PRO B 95 22.74 -2.07 -2.62
C PRO B 95 23.79 -2.74 -1.75
N TRP B 96 25.03 -2.26 -1.81
CA TRP B 96 26.07 -2.77 -0.93
C TRP B 96 25.61 -2.70 0.52
N THR B 97 25.72 -3.83 1.22
CA THR B 97 25.18 -3.96 2.55
C THR B 97 26.25 -4.51 3.49
N PHE B 98 26.33 -3.94 4.68
CA PHE B 98 27.25 -4.37 5.71
C PHE B 98 26.57 -5.31 6.69
N GLY B 99 27.39 -6.00 7.47
CA GLY B 99 26.89 -6.79 8.57
C GLY B 99 26.68 -5.95 9.82
N GLN B 100 26.15 -6.61 10.85
CA GLN B 100 25.91 -5.96 12.13
C GLN B 100 27.20 -5.51 12.80
N GLY B 101 28.32 -6.14 12.49
CA GLY B 101 29.54 -5.93 13.25
C GLY B 101 29.70 -6.94 14.37
N THR B 102 30.96 -7.22 14.70
CA THR B 102 31.30 -8.18 15.75
C THR B 102 32.48 -7.63 16.54
N LYS B 103 32.25 -7.37 17.82
CA LYS B 103 33.26 -6.77 18.68
C LYS B 103 34.12 -7.86 19.31
N VAL B 104 35.41 -7.85 19.01
CA VAL B 104 36.37 -8.74 19.65
C VAL B 104 36.93 -8.03 20.88
N GLU B 105 36.72 -8.62 22.05
CA GLU B 105 37.05 -7.99 23.32
C GLU B 105 38.18 -8.76 24.00
N ILE B 106 39.06 -8.02 24.68
CA ILE B 106 40.11 -8.64 25.47
C ILE B 106 39.49 -9.31 26.69
N LYS B 107 39.89 -10.55 26.96
CA LYS B 107 39.44 -11.28 28.13
C LYS B 107 40.52 -11.19 29.21
N ARG B 108 40.09 -10.89 30.44
CA ARG B 108 41.01 -10.76 31.56
C ARG B 108 40.33 -11.31 32.81
N THR B 109 41.04 -11.23 33.93
CA THR B 109 40.50 -11.69 35.21
C THR B 109 39.41 -10.75 35.69
N VAL B 110 38.50 -11.30 36.50
CA VAL B 110 37.42 -10.49 37.07
C VAL B 110 38.00 -9.51 38.06
N ALA B 111 37.56 -8.25 37.97
CA ALA B 111 38.03 -7.19 38.84
C ALA B 111 36.84 -6.41 39.38
N ALA B 112 36.77 -6.27 40.70
CA ALA B 112 35.69 -5.51 41.30
C ALA B 112 35.93 -4.02 41.10
N PRO B 113 34.87 -3.24 40.86
CA PRO B 113 35.05 -1.80 40.65
C PRO B 113 35.35 -1.06 41.94
N SER B 114 35.82 0.17 41.77
CA SER B 114 35.97 1.13 42.85
C SER B 114 34.88 2.17 42.69
N VAL B 115 33.97 2.25 43.67
CA VAL B 115 32.78 3.07 43.56
C VAL B 115 33.00 4.38 44.27
N PHE B 116 32.88 5.49 43.53
CA PHE B 116 33.01 6.83 44.07
C PHE B 116 31.72 7.60 43.82
N ILE B 117 31.30 8.39 44.79
CA ILE B 117 30.09 9.20 44.69
C ILE B 117 30.48 10.66 44.81
N PHE B 118 29.83 11.52 44.03
CA PHE B 118 30.11 12.94 44.01
C PHE B 118 28.84 13.72 44.31
N PRO B 119 28.80 14.53 45.35
CA PRO B 119 27.65 15.41 45.56
C PRO B 119 27.63 16.52 44.54
N PRO B 120 26.49 17.16 44.32
CA PRO B 120 26.44 18.25 43.33
C PRO B 120 27.32 19.43 43.76
N SER B 121 28.05 19.96 42.80
CA SER B 121 28.92 21.10 43.06
C SER B 121 28.08 22.31 43.48
N ASP B 122 28.58 23.06 44.46
CA ASP B 122 27.88 24.27 44.90
C ASP B 122 27.76 25.29 43.79
N GLU B 123 28.63 25.24 42.78
CA GLU B 123 28.49 26.11 41.63
C GLU B 123 27.26 25.74 40.80
N GLN B 124 27.03 24.44 40.59
CA GLN B 124 25.82 24.01 39.90
C GLN B 124 24.56 24.31 40.70
N LEU B 125 24.68 24.30 42.03
CA LEU B 125 23.51 24.57 42.88
C LEU B 125 22.95 25.96 42.64
N LYS B 126 23.80 26.93 42.31
CA LYS B 126 23.33 28.28 42.03
C LYS B 126 22.50 28.35 40.75
N SER B 127 22.59 27.33 39.89
CA SER B 127 21.79 27.27 38.67
C SER B 127 20.43 26.62 38.89
N GLY B 128 20.14 26.15 40.10
CA GLY B 128 18.88 25.48 40.35
C GLY B 128 18.84 24.04 39.94
N THR B 129 20.00 23.38 39.88
CA THR B 129 20.09 21.99 39.46
C THR B 129 21.13 21.28 40.33
N ALA B 130 20.87 20.00 40.62
CA ALA B 130 21.77 19.19 41.44
C ALA B 130 21.96 17.85 40.74
N SER B 131 23.22 17.53 40.42
CA SER B 131 23.57 16.28 39.76
C SER B 131 24.46 15.46 40.68
N VAL B 132 24.10 14.19 40.88
CA VAL B 132 24.86 13.26 41.70
C VAL B 132 25.50 12.24 40.77
N VAL B 133 26.82 12.10 40.87
CA VAL B 133 27.60 11.23 39.98
C VAL B 133 28.10 10.03 40.78
N CYS B 134 27.92 8.83 40.21
CA CYS B 134 28.39 7.59 40.81
C CYS B 134 29.39 6.97 39.84
N LEU B 135 30.66 6.90 40.25
CA LEU B 135 31.73 6.46 39.38
C LEU B 135 32.18 5.05 39.73
N LEU B 136 32.20 4.17 38.73
CA LEU B 136 32.71 2.81 38.84
C LEU B 136 33.95 2.72 37.97
N ASN B 137 35.11 2.48 38.58
CA ASN B 137 36.38 2.58 37.89
C ASN B 137 37.08 1.23 37.85
N ASN B 138 37.52 0.84 36.64
CA ASN B 138 38.42 -0.31 36.43
C ASN B 138 37.81 -1.61 36.96
N PHE B 139 36.71 -2.01 36.32
CA PHE B 139 36.07 -3.28 36.62
C PHE B 139 35.98 -4.13 35.35
N TYR B 140 35.95 -5.45 35.56
CA TYR B 140 35.79 -6.41 34.48
C TYR B 140 35.00 -7.59 35.04
N PRO B 141 34.02 -8.12 34.28
CA PRO B 141 33.64 -7.70 32.93
C PRO B 141 32.75 -6.45 32.88
N ARG B 142 32.16 -6.20 31.72
CA ARG B 142 31.46 -4.95 31.46
C ARG B 142 30.11 -4.88 32.17
N GLU B 143 29.48 -6.02 32.43
CA GLU B 143 28.12 -6.02 33.00
C GLU B 143 28.17 -5.55 34.44
N ALA B 144 27.39 -4.51 34.75
CA ALA B 144 27.33 -3.95 36.09
C ALA B 144 26.03 -3.17 36.24
N LYS B 145 25.46 -3.20 37.44
CA LYS B 145 24.19 -2.56 37.73
C LYS B 145 24.40 -1.48 38.79
N VAL B 146 23.82 -0.29 38.54
CA VAL B 146 23.86 0.83 39.46
C VAL B 146 22.43 1.13 39.89
N GLN B 147 22.23 1.28 41.20
CA GLN B 147 20.91 1.51 41.78
C GLN B 147 20.93 2.79 42.59
N TRP B 148 20.21 3.81 42.13
CA TRP B 148 20.08 5.05 42.88
C TRP B 148 19.02 4.91 43.95
N LYS B 149 19.38 5.28 45.19
CA LYS B 149 18.46 5.23 46.32
C LYS B 149 18.46 6.58 47.02
N VAL B 150 17.29 7.20 47.10
CA VAL B 150 17.11 8.48 47.78
C VAL B 150 16.38 8.19 49.09
N ASP B 151 17.03 8.52 50.22
CA ASP B 151 16.52 8.16 51.54
C ASP B 151 16.26 6.66 51.64
N ASN B 152 17.18 5.87 51.08
CA ASN B 152 17.07 4.42 51.04
C ASN B 152 15.74 3.98 50.43
N ALA B 153 15.33 4.67 49.37
CA ALA B 153 14.15 4.31 48.60
C ALA B 153 14.54 4.18 47.14
N LEU B 154 13.99 3.17 46.47
CA LEU B 154 14.38 2.89 45.09
C LEU B 154 13.87 4.00 44.18
N GLN B 155 14.75 4.94 43.85
CA GLN B 155 14.44 6.00 42.91
C GLN B 155 14.73 5.53 41.49
N SER B 156 13.78 5.77 40.59
CA SER B 156 13.94 5.39 39.19
C SER B 156 13.58 6.59 38.32
N GLY B 157 14.38 6.81 37.28
CA GLY B 157 14.25 7.97 36.43
C GLY B 157 15.40 8.95 36.63
N ASN B 158 15.46 9.92 35.72
CA ASN B 158 16.47 10.98 35.66
C ASN B 158 17.88 10.46 35.95
N SER B 159 18.18 9.24 35.52
CA SER B 159 19.48 8.62 35.74
C SER B 159 19.97 8.05 34.43
N GLN B 160 21.18 8.43 34.03
CA GLN B 160 21.77 7.98 32.78
C GLN B 160 23.17 7.44 33.05
N GLU B 161 23.50 6.34 32.39
CA GLU B 161 24.79 5.68 32.53
C GLU B 161 25.63 5.89 31.28
N SER B 162 26.95 5.78 31.46
CA SER B 162 27.89 5.85 30.36
C SER B 162 29.08 4.96 30.70
N VAL B 163 29.49 4.13 29.74
CA VAL B 163 30.58 3.19 29.93
C VAL B 163 31.70 3.53 28.96
N THR B 164 32.93 3.61 29.47
CA THR B 164 34.08 3.83 28.62
C THR B 164 34.37 2.61 27.78
N GLU B 165 35.26 2.78 26.81
CA GLU B 165 35.74 1.65 26.04
C GLU B 165 36.73 0.84 26.87
N GLN B 166 36.99 -0.39 26.43
CA GLN B 166 37.92 -1.25 27.14
C GLN B 166 39.31 -0.63 27.13
N ASP B 167 39.88 -0.46 28.32
CA ASP B 167 41.16 0.23 28.45
C ASP B 167 42.26 -0.52 27.70
N SER B 168 43.17 0.24 27.10
CA SER B 168 44.30 -0.35 26.37
C SER B 168 45.46 -0.73 27.27
N LYS B 169 45.39 -0.40 28.57
CA LYS B 169 46.44 -0.75 29.51
C LYS B 169 46.08 -1.98 30.34
N ASP B 170 44.95 -1.95 31.04
CA ASP B 170 44.55 -3.04 31.92
C ASP B 170 43.27 -3.73 31.46
N SER B 171 42.73 -3.38 30.30
CA SER B 171 41.61 -4.06 29.66
C SER B 171 40.34 -4.03 30.52
N THR B 172 40.21 -3.05 31.41
CA THR B 172 39.04 -2.95 32.27
C THR B 172 38.05 -1.95 31.69
N TYR B 173 36.91 -1.81 32.36
CA TYR B 173 35.88 -0.86 31.98
C TYR B 173 35.65 0.13 33.11
N SER B 174 35.00 1.25 32.77
CA SER B 174 34.62 2.26 33.74
C SER B 174 33.22 2.75 33.43
N LEU B 175 32.43 2.97 34.48
CA LEU B 175 31.04 3.38 34.35
C LEU B 175 30.84 4.73 35.04
N SER B 176 29.95 5.54 34.47
CA SER B 176 29.58 6.83 35.03
C SER B 176 28.07 6.96 34.97
N SER B 177 27.45 7.19 36.14
CA SER B 177 26.01 7.37 36.24
C SER B 177 25.73 8.71 36.91
N THR B 178 24.83 9.48 36.33
CA THR B 178 24.51 10.83 36.81
C THR B 178 23.04 10.88 37.20
N LEU B 179 22.78 11.42 38.39
CA LEU B 179 21.42 11.59 38.92
C LEU B 179 21.12 13.08 38.94
N THR B 180 20.56 13.59 37.84
CA THR B 180 20.27 15.01 37.70
C THR B 180 18.91 15.32 38.31
N LEU B 181 18.87 16.30 39.21
CA LEU B 181 17.66 16.64 39.93
C LEU B 181 17.64 18.14 40.22
N SER B 182 16.44 18.71 40.23
CA SER B 182 16.29 20.13 40.50
C SER B 182 16.65 20.44 41.95
N LYS B 183 17.11 21.67 42.18
CA LYS B 183 17.52 22.07 43.53
C LYS B 183 16.35 22.03 44.50
N ALA B 184 15.12 22.22 44.01
CA ALA B 184 13.96 22.14 44.88
C ALA B 184 13.71 20.71 45.33
N ASP B 185 13.62 19.78 44.38
CA ASP B 185 13.46 18.37 44.74
C ASP B 185 14.67 17.83 45.47
N TYR B 186 15.86 18.36 45.18
CA TYR B 186 17.07 17.88 45.84
C TYR B 186 17.07 18.22 47.31
N GLU B 187 16.69 19.46 47.66
CA GLU B 187 16.64 19.86 49.06
C GLU B 187 15.47 19.23 49.82
N LYS B 188 14.53 18.59 49.13
CA LYS B 188 13.43 17.91 49.77
C LYS B 188 13.79 16.51 50.25
N HIS B 189 15.07 16.14 50.21
CA HIS B 189 15.51 14.81 50.63
C HIS B 189 16.88 14.93 51.28
N LYS B 190 17.30 13.87 51.97
CA LYS B 190 18.51 13.91 52.77
C LYS B 190 19.58 12.93 52.29
N VAL B 191 19.23 11.64 52.16
CA VAL B 191 20.21 10.59 51.90
C VAL B 191 20.21 10.27 50.42
N TYR B 192 21.39 10.35 49.79
CA TYR B 192 21.58 9.98 48.39
C TYR B 192 22.66 8.91 48.32
N ALA B 193 22.37 7.84 47.58
CA ALA B 193 23.28 6.69 47.52
C ALA B 193 23.12 5.97 46.20
N CYS B 194 24.19 5.30 45.78
CA CYS B 194 24.15 4.37 44.66
C CYS B 194 24.65 3.01 45.14
N GLU B 195 23.89 1.96 44.83
CA GLU B 195 24.19 0.59 45.23
C GLU B 195 24.70 -0.15 44.00
N VAL B 196 25.98 -0.53 44.02
CA VAL B 196 26.64 -1.13 42.87
C VAL B 196 26.68 -2.64 43.04
N THR B 197 26.29 -3.36 41.99
CA THR B 197 26.34 -4.81 41.95
C THR B 197 27.23 -5.23 40.79
N HIS B 198 28.23 -6.06 41.06
CA HIS B 198 29.14 -6.54 40.04
C HIS B 198 29.51 -7.99 40.31
N GLN B 199 30.03 -8.64 39.27
CA GLN B 199 30.39 -10.06 39.38
C GLN B 199 31.50 -10.27 40.39
N GLY B 200 32.49 -9.39 40.43
CA GLY B 200 33.59 -9.50 41.35
C GLY B 200 33.31 -9.07 42.77
N LEU B 201 32.06 -8.74 43.09
CA LEU B 201 31.65 -8.34 44.43
C LEU B 201 30.80 -9.45 45.03
N SER B 202 31.18 -9.91 46.23
CA SER B 202 30.40 -10.89 46.95
C SER B 202 29.18 -10.28 47.64
N SER B 203 29.04 -8.96 47.59
CA SER B 203 27.89 -8.27 48.17
C SER B 203 27.85 -6.87 47.57
N PRO B 204 26.68 -6.23 47.52
CA PRO B 204 26.60 -4.90 46.91
C PRO B 204 27.43 -3.88 47.67
N VAL B 205 27.87 -2.86 46.95
CA VAL B 205 28.68 -1.77 47.51
C VAL B 205 27.88 -0.48 47.37
N THR B 206 27.51 0.11 48.51
CA THR B 206 26.70 1.32 48.55
C THR B 206 27.55 2.49 49.02
N LYS B 207 27.72 3.48 48.15
CA LYS B 207 28.34 4.75 48.50
C LYS B 207 27.25 5.79 48.67
N SER B 208 27.25 6.47 49.83
CA SER B 208 26.17 7.37 50.20
C SER B 208 26.75 8.67 50.75
N PHE B 209 25.87 9.65 50.92
CA PHE B 209 26.21 10.91 51.57
C PHE B 209 24.94 11.61 51.98
N ASN B 210 25.06 12.48 52.98
CA ASN B 210 23.98 13.34 53.43
C ASN B 210 24.25 14.77 52.96
N ARG B 211 23.17 15.53 52.75
CA ARG B 211 23.32 16.91 52.34
C ARG B 211 23.99 17.72 53.44
N GLY B 212 25.20 18.20 53.17
CA GLY B 212 25.96 18.94 54.17
C GLY B 212 27.04 18.13 54.82
N GLU B 213 26.73 16.87 55.14
CA GLU B 213 27.70 15.96 55.75
C GLU B 213 27.58 14.56 55.15
N GLY C 1 22.82 5.47 -20.01
CA GLY C 1 23.85 5.01 -19.10
C GLY C 1 24.53 3.74 -19.55
N VAL C 2 25.55 3.31 -18.82
CA VAL C 2 26.30 2.10 -19.13
C VAL C 2 25.72 0.94 -18.32
N CYS C 3 25.74 -0.25 -18.90
CA CYS C 3 25.28 -1.45 -18.21
C CYS C 3 26.21 -1.74 -17.03
N SER C 4 25.70 -1.57 -15.82
CA SER C 4 26.50 -1.77 -14.61
C SER C 4 26.40 -3.19 -14.07
N LYS C 5 25.61 -4.06 -14.69
CA LYS C 5 25.56 -5.46 -14.32
C LYS C 5 26.62 -6.23 -15.11
N ALA C 6 27.01 -7.37 -14.54
CA ALA C 6 28.05 -8.19 -15.16
C ALA C 6 27.50 -8.92 -16.39
N PHE C 7 28.40 -9.31 -17.28
CA PHE C 7 28.09 -10.06 -18.48
C PHE C 7 28.63 -11.48 -18.35
N LYS C 8 28.02 -12.38 -19.12
CA LYS C 8 28.50 -13.75 -19.25
C LYS C 8 28.97 -13.98 -20.68
N PHE C 9 30.09 -14.67 -20.83
CA PHE C 9 30.63 -15.00 -22.15
C PHE C 9 29.96 -16.28 -22.64
N LEU C 10 29.16 -16.15 -23.70
CA LEU C 10 28.46 -17.31 -24.26
C LEU C 10 29.39 -18.16 -25.11
N GLY C 11 30.31 -17.52 -25.83
CA GLY C 11 31.32 -18.24 -26.58
C GLY C 11 32.65 -17.52 -26.46
N THR C 12 33.71 -18.27 -26.70
CA THR C 12 35.04 -17.68 -26.62
C THR C 12 35.25 -16.71 -27.78
N PRO C 13 36.04 -15.66 -27.57
CA PRO C 13 36.36 -14.73 -28.66
C PRO C 13 36.96 -15.47 -29.84
N ALA C 14 36.25 -15.44 -30.97
CA ALA C 14 36.63 -16.20 -32.16
C ALA C 14 37.30 -15.29 -33.19
N ASP C 15 37.96 -15.92 -34.16
CA ASP C 15 38.64 -15.23 -35.24
C ASP C 15 37.80 -15.32 -36.51
N THR C 16 37.55 -14.16 -37.12
CA THR C 16 36.81 -14.11 -38.38
C THR C 16 37.69 -14.29 -39.60
N GLY C 17 39.00 -14.11 -39.47
CA GLY C 17 39.89 -14.07 -40.61
C GLY C 17 40.02 -12.71 -41.24
N HIS C 18 39.25 -11.72 -40.78
CA HIS C 18 39.33 -10.36 -41.27
C HIS C 18 40.25 -9.49 -40.42
N GLY C 19 41.07 -10.09 -39.57
CA GLY C 19 41.87 -9.34 -38.64
C GLY C 19 41.11 -8.82 -37.43
N THR C 20 39.86 -9.22 -37.27
CA THR C 20 39.03 -8.79 -36.15
C THR C 20 38.57 -10.01 -35.35
N VAL C 21 38.16 -9.76 -34.12
CA VAL C 21 37.66 -10.81 -33.23
C VAL C 21 36.18 -10.57 -32.97
N VAL C 22 35.48 -11.66 -32.67
CA VAL C 22 34.04 -11.63 -32.43
C VAL C 22 33.74 -12.44 -31.17
N LEU C 23 32.95 -11.85 -30.27
CA LEU C 23 32.52 -12.53 -29.06
C LEU C 23 31.07 -12.17 -28.78
N GLU C 24 30.30 -13.16 -28.33
CA GLU C 24 28.88 -12.98 -28.02
C GLU C 24 28.72 -12.94 -26.51
N LEU C 25 28.15 -11.86 -26.00
CA LEU C 25 27.96 -11.65 -24.57
C LEU C 25 26.49 -11.74 -24.22
N GLN C 26 26.19 -12.33 -23.06
CA GLN C 26 24.85 -12.34 -22.51
C GLN C 26 24.79 -11.33 -21.37
N TYR C 27 23.78 -10.48 -21.38
CA TYR C 27 23.60 -9.47 -20.34
C TYR C 27 22.65 -10.02 -19.28
N THR C 28 23.14 -10.13 -18.04
CA THR C 28 22.34 -10.71 -16.97
C THR C 28 21.25 -9.73 -16.50
N GLY C 29 21.63 -8.50 -16.18
CA GLY C 29 20.69 -7.56 -15.62
C GLY C 29 19.60 -7.16 -16.60
N THR C 30 18.60 -6.48 -16.04
CA THR C 30 17.46 -5.96 -16.79
C THR C 30 17.34 -4.45 -16.59
N ASP C 31 18.47 -3.76 -16.67
CA ASP C 31 18.55 -2.32 -16.43
C ASP C 31 18.05 -1.49 -17.61
N GLY C 32 17.40 -2.10 -18.59
CA GLY C 32 16.92 -1.39 -19.75
C GLY C 32 18.02 -1.16 -20.76
N PRO C 33 17.78 -0.27 -21.72
CA PRO C 33 18.81 0.03 -22.72
C PRO C 33 20.03 0.69 -22.09
N CYS C 34 21.20 0.14 -22.36
CA CYS C 34 22.44 0.66 -21.80
C CYS C 34 23.61 0.29 -22.72
N LYS C 35 24.68 1.05 -22.60
CA LYS C 35 25.86 0.85 -23.43
C LYS C 35 26.72 -0.30 -22.90
N VAL C 36 27.38 -1.00 -23.81
CA VAL C 36 28.18 -2.16 -23.48
C VAL C 36 29.61 -1.70 -23.19
N PRO C 37 30.11 -1.87 -21.96
CA PRO C 37 31.49 -1.45 -21.63
C PRO C 37 32.54 -2.48 -22.04
N ILE C 38 32.92 -2.45 -23.32
CA ILE C 38 33.92 -3.35 -23.87
C ILE C 38 35.01 -2.51 -24.53
N SER C 39 36.26 -2.89 -24.32
CA SER C 39 37.39 -2.16 -24.88
C SER C 39 38.58 -3.10 -25.02
N SER C 40 39.49 -2.73 -25.93
CA SER C 40 40.72 -3.46 -26.16
C SER C 40 41.88 -2.65 -25.59
N VAL C 41 42.65 -3.28 -24.70
CA VAL C 41 43.72 -2.60 -23.98
C VAL C 41 45.02 -3.36 -24.15
N ALA C 42 46.13 -2.66 -23.90
CA ALA C 42 47.45 -3.28 -23.96
C ALA C 42 47.83 -3.93 -22.64
N SER C 43 47.36 -3.41 -21.52
CA SER C 43 47.65 -3.98 -20.20
C SER C 43 46.47 -3.73 -19.27
N LEU C 44 46.54 -4.36 -18.11
CA LEU C 44 45.43 -4.34 -17.15
C LEU C 44 45.49 -3.16 -16.18
N ASN C 45 46.51 -2.30 -16.27
CA ASN C 45 46.64 -1.16 -15.38
C ASN C 45 46.46 0.17 -16.08
N ASP C 46 46.41 0.21 -17.42
CA ASP C 46 46.17 1.44 -18.17
C ASP C 46 45.20 1.09 -19.30
N LEU C 47 43.91 1.32 -19.08
CA LEU C 47 42.88 0.96 -20.04
C LEU C 47 42.85 1.96 -21.20
N THR C 48 43.96 2.01 -21.93
CA THR C 48 44.03 2.81 -23.14
C THR C 48 43.45 1.99 -24.31
N PRO C 49 42.41 2.48 -24.99
CA PRO C 49 41.81 1.68 -26.06
C PRO C 49 42.71 1.58 -27.28
N VAL C 50 43.69 0.67 -27.22
CA VAL C 50 44.61 0.46 -28.33
C VAL C 50 44.02 -0.36 -29.45
N GLY C 51 42.75 -0.75 -29.34
CA GLY C 51 42.10 -1.51 -30.39
C GLY C 51 40.83 -0.85 -30.87
N ARG C 52 40.68 -0.69 -32.18
CA ARG C 52 39.48 -0.07 -32.73
C ARG C 52 38.29 -1.03 -32.62
N LEU C 53 37.14 -0.47 -32.28
CA LEU C 53 35.90 -1.25 -32.15
C LEU C 53 35.17 -1.24 -33.48
N VAL C 54 34.98 -2.43 -34.06
CA VAL C 54 34.33 -2.52 -35.37
C VAL C 54 32.83 -2.31 -35.23
N THR C 55 32.18 -3.07 -34.35
CA THR C 55 30.77 -2.86 -34.07
C THR C 55 30.55 -1.48 -33.47
N VAL C 56 29.89 -0.59 -34.21
CA VAL C 56 29.77 0.81 -33.82
C VAL C 56 28.89 0.90 -32.57
N ASN C 57 29.50 1.21 -31.43
CA ASN C 57 28.82 1.46 -30.16
C ASN C 57 27.86 0.33 -29.79
N PRO C 58 28.37 -0.82 -29.35
CA PRO C 58 27.49 -1.92 -28.96
C PRO C 58 26.50 -1.50 -27.87
N PHE C 59 25.31 -2.08 -27.93
CA PHE C 59 24.21 -1.66 -27.08
C PHE C 59 23.39 -2.89 -26.67
N VAL C 60 22.75 -2.77 -25.51
CA VAL C 60 21.77 -3.74 -25.05
C VAL C 60 20.40 -3.12 -25.32
N SER C 61 19.76 -3.57 -26.39
CA SER C 61 18.59 -2.87 -26.92
C SER C 61 17.34 -3.12 -26.10
N VAL C 62 17.14 -4.33 -25.60
CA VAL C 62 15.91 -4.69 -24.90
C VAL C 62 16.08 -4.46 -23.41
N ALA C 63 14.95 -4.36 -22.72
CA ALA C 63 14.91 -4.11 -21.28
C ALA C 63 14.59 -5.37 -20.48
N THR C 64 14.91 -6.54 -21.02
CA THR C 64 14.66 -7.81 -20.36
C THR C 64 15.99 -8.47 -19.98
N ALA C 65 15.88 -9.64 -19.37
CA ALA C 65 17.04 -10.38 -18.88
C ALA C 65 17.52 -11.40 -19.90
N ASN C 66 18.80 -11.76 -19.80
CA ASN C 66 19.44 -12.74 -20.66
C ASN C 66 19.32 -12.36 -22.13
N ALA C 67 19.74 -11.14 -22.44
CA ALA C 67 19.77 -10.63 -23.81
C ALA C 67 21.18 -10.80 -24.36
N LYS C 68 21.31 -11.55 -25.44
CA LYS C 68 22.62 -11.77 -26.06
C LYS C 68 22.91 -10.65 -27.06
N VAL C 69 24.19 -10.30 -27.17
CA VAL C 69 24.64 -9.24 -28.06
C VAL C 69 25.96 -9.65 -28.69
N LEU C 70 26.07 -9.43 -30.00
CA LEU C 70 27.27 -9.78 -30.75
C LEU C 70 28.12 -8.53 -30.95
N ILE C 71 29.40 -8.63 -30.59
CA ILE C 71 30.32 -7.50 -30.63
C ILE C 71 31.55 -7.89 -31.44
N GLU C 72 31.98 -7.02 -32.34
CA GLU C 72 33.13 -7.25 -33.19
C GLU C 72 34.22 -6.23 -32.88
N LEU C 73 35.45 -6.69 -32.75
CA LEU C 73 36.56 -5.87 -32.29
C LEU C 73 37.82 -6.18 -33.09
N GLU C 74 38.60 -5.15 -33.39
CA GLU C 74 39.88 -5.31 -34.08
C GLU C 74 41.02 -5.07 -33.09
N PRO C 75 41.66 -6.11 -32.58
CA PRO C 75 42.76 -5.91 -31.63
C PRO C 75 44.05 -5.58 -32.36
N PRO C 76 44.98 -4.89 -31.71
CA PRO C 76 46.27 -4.62 -32.35
C PRO C 76 47.13 -5.87 -32.42
N PHE C 77 48.04 -5.86 -33.40
CA PHE C 77 48.94 -6.99 -33.58
C PHE C 77 49.84 -7.16 -32.36
N GLY C 78 50.04 -8.41 -31.96
CA GLY C 78 50.86 -8.70 -30.80
C GLY C 78 50.03 -9.01 -29.57
N ASP C 79 50.55 -8.68 -28.39
CA ASP C 79 49.84 -8.93 -27.14
C ASP C 79 48.74 -7.88 -26.93
N SER C 80 47.63 -8.33 -26.37
CA SER C 80 46.48 -7.46 -26.12
C SER C 80 45.54 -8.16 -25.15
N TYR C 81 44.64 -7.37 -24.57
CA TYR C 81 43.63 -7.87 -23.66
C TYR C 81 42.26 -7.34 -24.07
N ILE C 82 41.24 -8.17 -23.88
CA ILE C 82 39.85 -7.81 -24.15
C ILE C 82 39.14 -7.69 -22.82
N VAL C 83 38.74 -6.48 -22.46
CA VAL C 83 38.12 -6.19 -21.17
C VAL C 83 36.62 -6.03 -21.37
N VAL C 84 35.83 -6.74 -20.57
CA VAL C 84 34.38 -6.65 -20.59
C VAL C 84 33.90 -6.39 -19.17
N GLY C 85 33.20 -5.28 -18.97
CA GLY C 85 32.64 -4.94 -17.67
C GLY C 85 33.52 -3.95 -16.92
N ARG C 86 33.09 -3.68 -15.69
CA ARG C 86 33.80 -2.78 -14.79
C ARG C 86 33.76 -3.33 -13.37
N GLY C 87 34.63 -2.81 -12.52
CA GLY C 87 34.64 -3.21 -11.12
C GLY C 87 35.39 -4.50 -10.88
N GLU C 88 35.02 -5.19 -9.79
CA GLU C 88 35.68 -6.43 -9.44
C GLU C 88 35.22 -7.60 -10.31
N GLN C 89 34.00 -7.54 -10.84
CA GLN C 89 33.49 -8.57 -11.73
C GLN C 89 33.85 -8.31 -13.18
N GLN C 90 34.90 -7.52 -13.43
CA GLN C 90 35.38 -7.25 -14.77
C GLN C 90 36.22 -8.42 -15.26
N ILE C 91 35.86 -8.97 -16.42
CA ILE C 91 36.54 -10.13 -16.98
C ILE C 91 37.56 -9.65 -18.02
N ASN C 92 38.80 -10.13 -17.88
CA ASN C 92 39.89 -9.78 -18.77
C ASN C 92 40.35 -11.02 -19.52
N HIS C 93 40.38 -10.92 -20.85
CA HIS C 93 40.70 -12.06 -21.71
C HIS C 93 41.90 -11.71 -22.56
N HIS C 94 43.02 -12.39 -22.33
CA HIS C 94 44.23 -12.14 -23.11
C HIS C 94 44.07 -12.70 -24.52
N TRP C 95 44.35 -11.85 -25.51
CA TRP C 95 44.27 -12.24 -26.92
C TRP C 95 45.59 -11.95 -27.61
N HIS C 96 45.90 -12.75 -28.64
CA HIS C 96 47.13 -12.61 -29.39
C HIS C 96 46.82 -12.67 -30.87
N LYS C 97 47.32 -11.69 -31.63
CA LYS C 97 46.99 -11.55 -33.03
C LYS C 97 48.25 -11.74 -33.89
N SER C 98 48.17 -12.68 -34.84
CA SER C 98 49.20 -12.91 -35.84
C SER C 98 50.62 -12.92 -35.28
N GLU D 1 7.71 -14.42 36.41
CA GLU D 1 6.77 -14.78 35.36
C GLU D 1 6.88 -13.84 34.17
N VAL D 2 7.47 -14.33 33.09
CA VAL D 2 7.64 -13.51 31.88
C VAL D 2 6.28 -13.12 31.36
N GLN D 3 6.05 -11.82 31.20
CA GLN D 3 4.78 -11.30 30.75
C GLN D 3 5.01 -10.27 29.65
N LEU D 4 4.14 -10.30 28.64
CA LEU D 4 4.21 -9.38 27.51
C LEU D 4 2.82 -8.93 27.15
N LEU D 5 2.61 -7.61 27.10
CA LEU D 5 1.31 -7.03 26.82
C LEU D 5 1.46 -6.00 25.70
N GLU D 6 1.00 -6.36 24.51
CA GLU D 6 0.98 -5.42 23.40
C GLU D 6 -0.17 -4.43 23.56
N SER D 7 -0.08 -3.32 22.83
CA SER D 7 -1.09 -2.28 22.87
C SER D 7 -0.86 -1.35 21.69
N GLY D 8 -1.87 -0.53 21.41
CA GLY D 8 -1.82 0.43 20.33
C GLY D 8 -2.59 0.04 19.08
N GLY D 9 -2.97 -1.23 18.96
CA GLY D 9 -3.69 -1.65 17.77
C GLY D 9 -5.06 -0.99 17.69
N ARG D 10 -5.41 -0.55 16.48
CA ARG D 10 -6.68 0.12 16.23
C ARG D 10 -6.88 0.19 14.72
N LEU D 11 -7.96 0.84 14.31
CA LEU D 11 -8.27 1.01 12.90
C LEU D 11 -7.67 2.33 12.41
N VAL D 12 -6.98 2.28 11.27
CA VAL D 12 -6.31 3.44 10.71
C VAL D 12 -6.54 3.50 9.21
N GLN D 13 -6.36 4.70 8.66
CA GLN D 13 -6.50 4.91 7.23
C GLN D 13 -5.29 4.34 6.48
N PRO D 14 -5.46 3.99 5.21
CA PRO D 14 -4.29 3.63 4.39
C PRO D 14 -3.34 4.82 4.27
N GLY D 15 -2.05 4.52 4.32
CA GLY D 15 -1.03 5.55 4.36
C GLY D 15 -0.82 6.19 5.72
N GLY D 16 -1.74 6.00 6.66
CA GLY D 16 -1.59 6.56 7.98
C GLY D 16 -0.54 5.85 8.80
N SER D 17 -0.29 6.40 9.99
CA SER D 17 0.73 5.89 10.89
C SER D 17 0.08 5.43 12.19
N LEU D 18 0.83 4.59 12.91
CA LEU D 18 0.38 4.05 14.20
C LEU D 18 1.58 3.50 14.94
N THR D 19 1.64 3.76 16.25
CA THR D 19 2.74 3.32 17.09
C THR D 19 2.24 2.25 18.05
N LEU D 20 2.94 1.12 18.09
CA LEU D 20 2.59 0.00 18.95
C LEU D 20 3.57 -0.08 20.12
N SER D 21 3.06 -0.48 21.28
CA SER D 21 3.85 -0.61 22.49
C SER D 21 3.79 -2.05 22.99
N CYS D 22 4.85 -2.47 23.66
CA CYS D 22 4.91 -3.79 24.28
C CYS D 22 5.49 -3.63 25.68
N ALA D 23 4.67 -3.83 26.70
CA ALA D 23 5.12 -3.75 28.08
C ALA D 23 5.63 -5.13 28.51
N ALA D 24 6.89 -5.18 28.94
CA ALA D 24 7.53 -6.42 29.33
C ALA D 24 7.84 -6.42 30.82
N SER D 25 7.82 -7.61 31.41
CA SER D 25 8.15 -7.78 32.82
C SER D 25 8.44 -9.25 33.08
N GLY D 26 9.24 -9.50 34.11
CA GLY D 26 9.55 -10.85 34.53
C GLY D 26 10.92 -11.35 34.13
N PHE D 27 11.75 -10.51 33.52
CA PHE D 27 13.08 -10.91 33.08
C PHE D 27 13.91 -9.65 32.81
N PRO D 28 15.24 -9.76 32.76
CA PRO D 28 16.07 -8.57 32.50
C PRO D 28 15.92 -8.07 31.07
N PHE D 29 14.86 -7.28 30.84
CA PHE D 29 14.50 -6.82 29.51
C PHE D 29 15.67 -6.16 28.79
N SER D 30 16.41 -5.30 29.49
CA SER D 30 17.49 -4.53 28.87
C SER D 30 18.63 -5.40 28.37
N THR D 31 18.61 -6.71 28.62
CA THR D 31 19.67 -7.61 28.18
C THR D 31 19.20 -8.64 27.17
N TYR D 32 17.93 -8.65 26.79
CA TYR D 32 17.38 -9.60 25.84
C TYR D 32 17.08 -8.91 24.51
N ALA D 33 17.20 -9.67 23.43
CA ALA D 33 16.74 -9.21 22.13
C ALA D 33 15.22 -9.36 22.04
N MET D 34 14.60 -8.42 21.35
CA MET D 34 13.14 -8.40 21.20
C MET D 34 12.78 -8.40 19.72
N SER D 35 11.59 -8.91 19.42
CA SER D 35 11.16 -9.05 18.04
C SER D 35 9.67 -8.74 17.92
N TRP D 36 9.30 -8.18 16.77
CA TRP D 36 7.91 -7.98 16.40
C TRP D 36 7.54 -8.97 15.31
N LEU D 37 6.40 -9.62 15.46
CA LEU D 37 5.86 -10.54 14.46
C LEU D 37 4.39 -10.23 14.26
N ARG D 38 3.84 -10.68 13.13
CA ARG D 38 2.45 -10.41 12.81
C ARG D 38 1.80 -11.64 12.21
N GLN D 39 0.49 -11.72 12.36
CA GLN D 39 -0.32 -12.82 11.85
C GLN D 39 -1.60 -12.24 11.29
N ALA D 40 -1.76 -12.28 9.98
CA ALA D 40 -2.99 -11.82 9.35
C ALA D 40 -4.15 -12.73 9.76
N PRO D 41 -5.38 -12.21 9.71
CA PRO D 41 -6.54 -13.04 10.07
C PRO D 41 -6.63 -14.28 9.18
N GLY D 42 -6.54 -15.45 9.81
CA GLY D 42 -6.64 -16.71 9.11
C GLY D 42 -5.38 -17.15 8.37
N LYS D 43 -4.35 -16.31 8.30
CA LYS D 43 -3.11 -16.65 7.65
C LYS D 43 -2.11 -17.21 8.66
N GLY D 44 -0.86 -17.36 8.26
CA GLY D 44 0.19 -17.87 9.12
C GLY D 44 0.98 -16.78 9.82
N LEU D 45 2.16 -17.16 10.28
CA LEU D 45 3.03 -16.26 11.03
C LEU D 45 4.08 -15.62 10.12
N GLU D 46 4.44 -14.37 10.43
CA GLU D 46 5.49 -13.67 9.70
C GLU D 46 6.31 -12.84 10.67
N TRP D 47 7.63 -12.96 10.58
CA TRP D 47 8.53 -12.12 11.34
C TRP D 47 8.64 -10.75 10.71
N VAL D 48 8.66 -9.71 11.54
CA VAL D 48 8.58 -8.32 11.09
C VAL D 48 9.87 -7.56 11.35
N SER D 49 10.37 -7.60 12.58
CA SER D 49 11.49 -6.74 12.95
C SER D 49 12.12 -7.27 14.23
N GLY D 50 13.40 -6.92 14.43
CA GLY D 50 14.12 -7.34 15.61
C GLY D 50 15.09 -6.27 16.06
N ILE D 51 15.37 -6.27 17.37
CA ILE D 51 16.29 -5.32 17.99
C ILE D 51 17.06 -6.05 19.09
N THR D 52 18.28 -5.58 19.36
CA THR D 52 19.27 -6.33 20.12
C THR D 52 19.56 -5.75 21.51
N GLY D 53 18.53 -5.29 22.22
CA GLY D 53 18.73 -4.90 23.59
C GLY D 53 19.45 -3.57 23.76
N ASP D 54 20.72 -3.51 23.38
CA ASP D 54 21.48 -2.27 23.41
C ASP D 54 21.14 -1.36 22.24
N SER D 55 20.09 -1.68 21.48
CA SER D 55 19.66 -0.91 20.31
C SER D 55 20.75 -0.81 19.25
N GLY D 56 21.72 -1.71 19.28
CA GLY D 56 22.83 -1.62 18.34
C GLY D 56 22.44 -2.05 16.94
N SER D 57 21.78 -3.21 16.82
CA SER D 57 21.38 -3.76 15.54
C SER D 57 19.86 -3.77 15.43
N THR D 58 19.36 -3.47 14.24
CA THR D 58 17.93 -3.50 13.95
C THR D 58 17.73 -4.08 12.56
N TYR D 59 16.87 -5.10 12.46
CA TYR D 59 16.57 -5.74 11.20
C TYR D 59 15.08 -5.64 10.90
N TYR D 60 14.74 -5.75 9.62
CA TYR D 60 13.36 -5.64 9.17
C TYR D 60 13.12 -6.63 8.05
N ALA D 61 11.87 -7.10 7.95
CA ALA D 61 11.48 -7.90 6.81
C ALA D 61 11.33 -7.01 5.58
N ALA D 62 11.52 -7.60 4.41
CA ALA D 62 11.42 -6.85 3.17
C ALA D 62 10.03 -6.27 2.94
N SER D 63 9.01 -6.80 3.62
CA SER D 63 7.66 -6.28 3.49
C SER D 63 7.41 -5.05 4.35
N VAL D 64 8.32 -4.71 5.26
CA VAL D 64 8.17 -3.54 6.12
C VAL D 64 9.38 -2.63 6.07
N LYS D 65 10.41 -2.96 5.31
CA LYS D 65 11.65 -2.19 5.33
C LYS D 65 11.45 -0.83 4.70
N GLY D 66 11.93 0.21 5.37
CA GLY D 66 11.72 1.57 4.94
C GLY D 66 10.46 2.21 5.46
N ARG D 67 9.50 1.41 5.94
CA ARG D 67 8.25 1.92 6.47
C ARG D 67 8.10 1.75 7.98
N PHE D 68 8.70 0.71 8.55
CA PHE D 68 8.59 0.42 9.97
C PHE D 68 9.90 0.76 10.67
N THR D 69 9.79 1.20 11.93
CA THR D 69 10.95 1.54 12.75
C THR D 69 10.77 0.91 14.12
N ILE D 70 11.70 0.03 14.51
CA ILE D 70 11.67 -0.64 15.81
C ILE D 70 12.59 0.11 16.75
N SER D 71 12.21 0.15 18.03
CA SER D 71 13.01 0.83 19.05
C SER D 71 12.62 0.27 20.41
N ARG D 72 13.39 0.63 21.42
CA ARG D 72 13.13 0.16 22.78
C ARG D 72 13.61 1.19 23.78
N ASP D 73 12.90 1.26 24.91
CA ASP D 73 13.24 2.12 26.04
C ASP D 73 13.47 1.20 27.22
N ASN D 74 14.73 0.81 27.44
CA ASN D 74 15.04 -0.14 28.50
C ASN D 74 14.73 0.41 29.89
N SER D 75 14.72 1.73 30.06
CA SER D 75 14.33 2.30 31.34
C SER D 75 12.86 2.06 31.65
N LYS D 76 12.03 1.87 30.63
CA LYS D 76 10.61 1.60 30.80
C LYS D 76 10.25 0.14 30.53
N ASN D 77 11.22 -0.70 30.18
CA ASN D 77 10.97 -2.10 29.83
C ASN D 77 9.90 -2.21 28.75
N THR D 78 9.98 -1.32 27.75
CA THR D 78 8.96 -1.22 26.72
C THR D 78 9.59 -1.36 25.35
N LEU D 79 8.91 -2.09 24.47
CA LEU D 79 9.29 -2.23 23.07
C LEU D 79 8.30 -1.46 22.21
N TYR D 80 8.81 -0.78 21.19
CA TYR D 80 7.99 0.05 20.32
C TYR D 80 8.12 -0.40 18.87
N LEU D 81 7.07 -0.13 18.09
CA LEU D 81 7.07 -0.43 16.66
C LEU D 81 6.37 0.72 15.95
N GLN D 82 7.16 1.60 15.34
CA GLN D 82 6.62 2.71 14.58
C GLN D 82 6.24 2.24 13.17
N MET D 83 4.99 2.47 12.78
CA MET D 83 4.47 2.04 11.49
C MET D 83 4.09 3.26 10.67
N ASN D 84 4.56 3.30 9.42
CA ASN D 84 4.30 4.42 8.53
C ASN D 84 3.93 3.90 7.15
N SER D 85 3.14 4.69 6.43
CA SER D 85 2.72 4.35 5.07
C SER D 85 2.04 2.99 5.03
N LEU D 86 1.06 2.80 5.89
CA LEU D 86 0.40 1.51 6.01
C LEU D 86 -0.49 1.23 4.80
N THR D 87 -0.56 -0.05 4.44
CA THR D 87 -1.46 -0.53 3.40
C THR D 87 -2.38 -1.58 4.01
N ALA D 88 -3.35 -2.03 3.20
CA ALA D 88 -4.30 -3.03 3.67
C ALA D 88 -3.63 -4.36 3.99
N ASP D 89 -2.46 -4.63 3.41
CA ASP D 89 -1.74 -5.86 3.69
C ASP D 89 -1.08 -5.87 5.05
N ASP D 90 -0.96 -4.72 5.70
CA ASP D 90 -0.43 -4.66 7.06
C ASP D 90 -1.49 -4.96 8.11
N THR D 91 -2.72 -5.23 7.70
CA THR D 91 -3.75 -5.66 8.64
C THR D 91 -3.41 -7.03 9.19
N ALA D 92 -3.20 -7.10 10.50
CA ALA D 92 -2.82 -8.35 11.17
C ALA D 92 -2.85 -8.12 12.67
N VAL D 93 -2.67 -9.21 13.41
CA VAL D 93 -2.40 -9.15 14.84
C VAL D 93 -0.89 -9.11 15.02
N TYR D 94 -0.39 -8.10 15.71
CA TYR D 94 1.05 -7.88 15.87
C TYR D 94 1.48 -8.39 17.24
N TYR D 95 2.30 -9.43 17.26
CA TYR D 95 2.75 -10.07 18.47
C TYR D 95 4.09 -9.50 18.92
N CYS D 96 4.37 -9.65 20.22
CA CYS D 96 5.61 -9.23 20.83
C CYS D 96 6.28 -10.47 21.40
N ALA D 97 7.48 -10.78 20.92
CA ALA D 97 8.16 -12.01 21.28
C ALA D 97 9.51 -11.71 21.94
N LYS D 98 9.86 -12.56 22.91
CA LYS D 98 11.11 -12.45 23.65
C LYS D 98 12.09 -13.52 23.18
N ASP D 99 13.36 -13.12 23.04
CA ASP D 99 14.40 -14.06 22.65
C ASP D 99 14.58 -15.12 23.73
N ARG D 100 15.04 -16.30 23.30
CA ARG D 100 15.16 -17.44 24.21
C ARG D 100 16.13 -17.12 25.35
N LEU D 101 17.37 -16.78 25.01
CA LEU D 101 18.37 -16.44 26.00
C LEU D 101 18.63 -14.94 26.00
N HIS D 102 19.44 -14.49 26.96
CA HIS D 102 19.85 -13.09 26.98
C HIS D 102 20.91 -12.88 25.90
N SER D 103 21.72 -11.82 26.03
CA SER D 103 22.01 -10.88 24.96
C SER D 103 21.99 -11.49 23.56
N GLY D 104 22.88 -12.43 23.28
CA GLY D 104 22.87 -13.15 22.02
C GLY D 104 22.47 -12.33 20.80
N LEU D 105 21.44 -12.81 20.12
CA LEU D 105 20.80 -12.12 19.02
C LEU D 105 19.33 -12.54 19.01
N GLY D 106 18.52 -11.85 18.23
CA GLY D 106 17.12 -12.21 18.21
C GLY D 106 16.77 -13.20 17.12
N GLU D 107 16.75 -14.50 17.45
CA GLU D 107 16.48 -15.55 16.48
C GLU D 107 15.50 -16.60 16.96
N LEU D 108 15.17 -16.63 18.24
CA LEU D 108 14.16 -17.55 18.77
C LEU D 108 13.08 -16.74 19.47
N PHE D 109 11.82 -17.07 19.19
CA PHE D 109 10.68 -16.39 19.79
C PHE D 109 10.11 -17.29 20.89
N SER D 110 10.76 -17.24 22.05
CA SER D 110 10.48 -18.20 23.11
C SER D 110 9.21 -17.88 23.89
N TYR D 111 8.83 -16.60 23.96
CA TYR D 111 7.63 -16.21 24.68
C TYR D 111 6.94 -15.10 23.91
N TRP D 112 5.68 -15.32 23.54
CA TRP D 112 4.89 -14.36 22.79
C TRP D 112 3.90 -13.66 23.71
N GLY D 113 3.37 -12.54 23.23
CA GLY D 113 2.27 -11.87 23.87
C GLY D 113 0.95 -12.26 23.22
N GLN D 114 -0.14 -11.81 23.83
CA GLN D 114 -1.46 -12.15 23.30
C GLN D 114 -1.78 -11.39 22.02
N GLY D 115 -1.05 -10.30 21.74
CA GLY D 115 -1.16 -9.62 20.47
C GLY D 115 -2.06 -8.40 20.54
N THR D 116 -2.11 -7.69 19.41
CA THR D 116 -2.96 -6.51 19.25
C THR D 116 -3.30 -6.37 17.77
N LEU D 117 -4.56 -6.09 17.48
CA LEU D 117 -5.06 -6.10 16.10
C LEU D 117 -4.93 -4.71 15.49
N VAL D 118 -4.26 -4.64 14.35
CA VAL D 118 -4.13 -3.42 13.56
C VAL D 118 -4.87 -3.63 12.25
N THR D 119 -5.83 -2.75 11.96
CA THR D 119 -6.61 -2.83 10.74
C THR D 119 -6.35 -1.59 9.90
N VAL D 120 -6.12 -1.79 8.61
CA VAL D 120 -5.90 -0.71 7.66
C VAL D 120 -6.99 -0.81 6.59
N SER D 121 -7.88 0.18 6.57
CA SER D 121 -9.01 0.18 5.63
C SER D 121 -9.53 1.60 5.52
N SER D 122 -10.28 1.85 4.44
CA SER D 122 -10.92 3.13 4.25
C SER D 122 -12.26 3.25 4.97
N ALA D 123 -12.86 2.12 5.34
CA ALA D 123 -14.18 2.14 5.95
C ALA D 123 -14.14 2.77 7.34
N SER D 124 -15.24 3.45 7.69
CA SER D 124 -15.38 4.03 9.02
C SER D 124 -15.88 2.98 10.00
N THR D 125 -15.78 3.31 11.28
CA THR D 125 -16.30 2.42 12.32
C THR D 125 -17.81 2.38 12.25
N LYS D 126 -18.37 1.17 12.33
CA LYS D 126 -19.82 0.98 12.26
C LYS D 126 -20.25 -0.05 13.28
N GLY D 127 -21.26 0.28 14.07
CA GLY D 127 -21.84 -0.65 15.01
C GLY D 127 -22.69 -1.68 14.32
N PRO D 128 -22.87 -2.83 14.96
CA PRO D 128 -23.63 -3.92 14.34
C PRO D 128 -25.12 -3.84 14.62
N SER D 129 -25.88 -4.54 13.78
CA SER D 129 -27.30 -4.79 14.02
C SER D 129 -27.45 -6.20 14.56
N VAL D 130 -28.08 -6.33 15.73
CA VAL D 130 -28.26 -7.61 16.38
C VAL D 130 -29.69 -8.08 16.12
N PHE D 131 -29.82 -9.24 15.47
CA PHE D 131 -31.11 -9.82 15.15
C PHE D 131 -31.25 -11.20 15.79
N PRO D 132 -32.41 -11.52 16.33
CA PRO D 132 -32.59 -12.83 16.98
C PRO D 132 -32.79 -13.94 15.95
N LEU D 133 -32.37 -15.14 16.34
CA LEU D 133 -32.60 -16.36 15.57
C LEU D 133 -33.62 -17.18 16.35
N ALA D 134 -34.89 -17.08 15.95
CA ALA D 134 -36.00 -17.57 16.77
C ALA D 134 -36.04 -19.10 16.80
N PRO D 135 -36.03 -19.71 17.99
CA PRO D 135 -36.25 -21.16 18.10
C PRO D 135 -37.74 -21.46 17.99
N SER D 136 -38.12 -22.24 16.98
CA SER D 136 -39.54 -22.47 16.71
C SER D 136 -39.83 -23.91 16.34
N SER D 137 -39.05 -24.85 16.88
CA SER D 137 -39.18 -26.27 16.56
C SER D 137 -38.81 -26.54 15.10
N LYS D 138 -38.47 -25.49 14.36
CA LYS D 138 -37.73 -25.69 13.12
C LYS D 138 -36.28 -26.03 13.40
N SER D 139 -35.85 -25.89 14.65
CA SER D 139 -34.55 -26.37 15.14
C SER D 139 -34.86 -27.22 16.38
N THR D 140 -35.17 -28.51 16.16
CA THR D 140 -35.56 -29.35 17.28
C THR D 140 -35.04 -30.79 17.15
N SER D 141 -33.96 -31.02 16.40
CA SER D 141 -33.48 -32.37 16.18
C SER D 141 -33.06 -33.02 17.49
N GLY D 142 -33.86 -33.96 17.98
CA GLY D 142 -33.66 -34.55 19.28
C GLY D 142 -34.63 -33.98 20.30
N GLY D 143 -34.23 -33.97 21.57
CA GLY D 143 -35.03 -33.34 22.60
C GLY D 143 -34.53 -31.96 22.94
N THR D 144 -33.75 -31.38 22.03
CA THR D 144 -33.11 -30.09 22.26
C THR D 144 -33.43 -29.14 21.11
N ALA D 145 -33.56 -27.85 21.45
CA ALA D 145 -33.82 -26.79 20.48
C ALA D 145 -32.62 -25.86 20.38
N ALA D 146 -32.57 -25.11 19.28
CA ALA D 146 -31.45 -24.22 19.00
C ALA D 146 -31.95 -22.80 18.78
N LEU D 147 -31.22 -21.84 19.34
CA LEU D 147 -31.50 -20.42 19.18
C LEU D 147 -30.18 -19.68 19.08
N GLY D 148 -30.25 -18.43 18.63
CA GLY D 148 -29.02 -17.68 18.47
C GLY D 148 -29.26 -16.23 18.13
N CYS D 149 -28.16 -15.52 17.89
CA CYS D 149 -28.16 -14.12 17.55
C CYS D 149 -27.41 -13.90 16.24
N LEU D 150 -27.83 -12.88 15.48
CA LEU D 150 -27.17 -12.50 14.24
C LEU D 150 -26.58 -11.11 14.40
N VAL D 151 -25.26 -11.04 14.48
CA VAL D 151 -24.54 -9.78 14.62
C VAL D 151 -24.03 -9.41 13.23
N LYS D 152 -24.74 -8.50 12.56
CA LYS D 152 -24.54 -8.24 11.15
C LYS D 152 -24.08 -6.80 10.90
N ASP D 153 -23.22 -6.65 9.89
CA ASP D 153 -22.81 -5.35 9.34
C ASP D 153 -22.13 -4.48 10.40
N TYR D 154 -20.97 -4.95 10.85
CA TYR D 154 -20.13 -4.19 11.76
C TYR D 154 -18.71 -4.12 11.21
N PHE D 155 -17.98 -3.12 11.71
CA PHE D 155 -16.60 -2.87 11.31
C PHE D 155 -15.97 -1.93 12.33
N PRO D 156 -14.74 -2.20 12.77
CA PRO D 156 -13.91 -3.36 12.42
C PRO D 156 -14.04 -4.50 13.43
N GLU D 157 -13.16 -5.49 13.30
CA GLU D 157 -13.07 -6.55 14.30
C GLU D 157 -12.46 -6.00 15.58
N PRO D 158 -12.75 -6.63 16.73
CA PRO D 158 -13.64 -7.78 16.92
C PRO D 158 -14.97 -7.42 17.56
N VAL D 159 -15.77 -8.44 17.83
CA VAL D 159 -16.95 -8.33 18.70
C VAL D 159 -16.95 -9.55 19.61
N THR D 160 -17.52 -9.39 20.79
CA THR D 160 -17.65 -10.47 21.76
C THR D 160 -19.12 -10.72 22.07
N VAL D 161 -19.48 -11.98 22.24
CA VAL D 161 -20.85 -12.38 22.49
C VAL D 161 -20.89 -13.30 23.69
N SER D 162 -21.73 -12.97 24.67
CA SER D 162 -21.99 -13.83 25.82
C SER D 162 -23.50 -14.02 25.94
N TRP D 163 -23.89 -15.15 26.54
CA TRP D 163 -25.30 -15.52 26.66
C TRP D 163 -25.71 -15.48 28.14
N ASN D 164 -26.77 -14.74 28.42
CA ASN D 164 -27.30 -14.58 29.77
C ASN D 164 -26.20 -14.15 30.75
N SER D 165 -25.56 -13.03 30.42
CA SER D 165 -24.51 -12.43 31.24
C SER D 165 -23.36 -13.40 31.51
N GLY D 166 -23.13 -14.32 30.58
CA GLY D 166 -22.07 -15.30 30.73
C GLY D 166 -22.43 -16.51 31.59
N ALA D 167 -23.65 -16.58 32.12
CA ALA D 167 -24.05 -17.71 32.93
C ALA D 167 -24.39 -18.95 32.11
N LEU D 168 -24.62 -18.78 30.81
CA LEU D 168 -24.93 -19.90 29.91
C LEU D 168 -23.75 -20.07 28.96
N THR D 169 -22.92 -21.08 29.22
CA THR D 169 -21.73 -21.34 28.43
C THR D 169 -21.72 -22.71 27.76
N SER D 170 -22.38 -23.71 28.34
CA SER D 170 -22.34 -25.06 27.80
C SER D 170 -23.22 -25.15 26.56
N GLY D 171 -22.62 -25.59 25.45
CA GLY D 171 -23.36 -25.76 24.22
C GLY D 171 -23.53 -24.52 23.39
N VAL D 172 -22.57 -23.61 23.42
CA VAL D 172 -22.62 -22.35 22.68
C VAL D 172 -21.57 -22.40 21.58
N HIS D 173 -21.96 -22.01 20.37
CA HIS D 173 -21.05 -21.92 19.23
C HIS D 173 -21.10 -20.50 18.69
N THR D 174 -20.04 -19.74 18.93
CA THR D 174 -19.87 -18.43 18.31
C THR D 174 -19.04 -18.61 17.05
N PHE D 175 -19.59 -18.24 15.92
CA PHE D 175 -18.88 -18.54 14.69
C PHE D 175 -17.90 -17.44 14.33
N PRO D 176 -16.79 -17.80 13.69
CA PRO D 176 -15.86 -16.78 13.20
C PRO D 176 -16.53 -15.88 12.17
N ALA D 177 -16.30 -14.58 12.30
CA ALA D 177 -16.92 -13.61 11.42
C ALA D 177 -16.46 -13.80 9.98
N VAL D 178 -17.34 -13.48 9.04
CA VAL D 178 -17.02 -13.50 7.62
C VAL D 178 -17.08 -12.07 7.09
N LEU D 179 -16.37 -11.84 5.99
CA LEU D 179 -16.29 -10.53 5.37
C LEU D 179 -17.26 -10.50 4.19
N GLN D 180 -18.26 -9.64 4.26
CA GLN D 180 -19.28 -9.56 3.24
C GLN D 180 -18.82 -8.71 2.06
N SER D 181 -19.61 -8.72 0.98
CA SER D 181 -19.26 -7.97 -0.22
C SER D 181 -19.26 -6.47 0.02
N SER D 182 -19.94 -6.00 1.05
CA SER D 182 -20.00 -4.58 1.37
C SER D 182 -18.85 -4.11 2.24
N GLY D 183 -17.84 -4.94 2.44
CA GLY D 183 -16.72 -4.56 3.30
C GLY D 183 -17.05 -4.50 4.76
N LEU D 184 -18.04 -5.27 5.22
CA LEU D 184 -18.46 -5.28 6.61
C LEU D 184 -18.48 -6.73 7.12
N TYR D 185 -18.16 -6.89 8.40
CA TYR D 185 -18.15 -8.20 9.02
C TYR D 185 -19.54 -8.57 9.52
N SER D 186 -19.74 -9.87 9.70
CA SER D 186 -21.01 -10.40 10.19
C SER D 186 -20.76 -11.79 10.76
N LEU D 187 -21.34 -12.08 11.92
CA LEU D 187 -21.24 -13.40 12.52
C LEU D 187 -22.54 -13.74 13.22
N SER D 188 -22.63 -15.01 13.64
CA SER D 188 -23.77 -15.51 14.39
C SER D 188 -23.26 -16.30 15.58
N SER D 189 -24.07 -16.35 16.63
CA SER D 189 -23.74 -17.09 17.85
C SER D 189 -24.95 -17.89 18.26
N VAL D 190 -24.86 -19.21 18.17
CA VAL D 190 -25.98 -20.10 18.46
C VAL D 190 -25.72 -20.82 19.78
N VAL D 191 -26.78 -21.43 20.31
CA VAL D 191 -26.69 -22.25 21.51
C VAL D 191 -27.86 -23.22 21.55
N THR D 192 -27.58 -24.49 21.81
CA THR D 192 -28.62 -25.51 21.91
C THR D 192 -29.09 -25.63 23.35
N VAL D 193 -30.40 -25.60 23.55
CA VAL D 193 -31.00 -25.73 24.87
C VAL D 193 -32.03 -26.84 24.82
N PRO D 194 -32.36 -27.42 25.97
CA PRO D 194 -33.47 -28.39 26.02
C PRO D 194 -34.77 -27.75 25.56
N SER D 195 -35.38 -28.33 24.53
CA SER D 195 -36.60 -27.77 23.95
C SER D 195 -37.71 -27.62 24.97
N SER D 196 -37.68 -28.40 26.05
CA SER D 196 -38.67 -28.25 27.12
C SER D 196 -38.45 -26.97 27.92
N SER D 197 -37.26 -26.38 27.86
CA SER D 197 -36.93 -25.18 28.61
C SER D 197 -37.05 -23.91 27.77
N LEU D 198 -37.99 -23.88 26.81
CA LEU D 198 -38.14 -22.71 25.96
C LEU D 198 -39.00 -21.64 26.64
N GLY D 199 -40.22 -21.99 27.01
CA GLY D 199 -41.13 -21.03 27.60
C GLY D 199 -40.77 -20.62 29.01
N THR D 200 -40.01 -21.46 29.73
CA THR D 200 -39.68 -21.22 31.13
C THR D 200 -38.31 -20.57 31.31
N GLN D 201 -37.69 -20.09 30.23
CA GLN D 201 -36.37 -19.48 30.33
C GLN D 201 -36.21 -18.47 29.20
N THR D 202 -35.90 -17.23 29.56
CA THR D 202 -35.63 -16.19 28.57
C THR D 202 -34.13 -16.09 28.33
N TYR D 203 -33.73 -16.11 27.06
CA TYR D 203 -32.33 -16.09 26.67
C TYR D 203 -31.99 -14.75 26.06
N ILE D 204 -30.91 -14.14 26.54
CA ILE D 204 -30.42 -12.87 26.02
C ILE D 204 -28.96 -13.05 25.63
N CYS D 205 -28.61 -12.63 24.42
CA CYS D 205 -27.22 -12.60 23.99
C CYS D 205 -26.67 -11.20 24.19
N ASN D 206 -25.47 -11.10 24.74
CA ASN D 206 -24.84 -9.82 25.05
C ASN D 206 -23.74 -9.56 24.02
N VAL D 207 -23.95 -8.55 23.19
CA VAL D 207 -23.02 -8.20 22.12
C VAL D 207 -22.29 -6.93 22.51
N ASN D 208 -20.96 -6.98 22.45
CA ASN D 208 -20.11 -5.82 22.73
C ASN D 208 -19.23 -5.55 21.51
N HIS D 209 -19.21 -4.29 21.07
CA HIS D 209 -18.36 -3.85 19.97
C HIS D 209 -17.63 -2.60 20.45
N LYS D 210 -16.48 -2.81 21.10
CA LYS D 210 -15.72 -1.69 21.66
C LYS D 210 -15.30 -0.65 20.63
N PRO D 211 -14.88 -1.00 19.41
CA PRO D 211 -14.54 0.05 18.44
C PRO D 211 -15.66 1.06 18.20
N SER D 212 -16.91 0.63 18.22
CA SER D 212 -18.05 1.51 18.02
C SER D 212 -18.79 1.84 19.31
N ASN D 213 -18.37 1.26 20.44
CA ASN D 213 -19.03 1.45 21.74
C ASN D 213 -20.50 1.05 21.65
N THR D 214 -20.73 -0.18 21.21
CA THR D 214 -22.06 -0.74 21.05
C THR D 214 -22.25 -1.89 22.03
N LYS D 215 -23.31 -1.83 22.83
CA LYS D 215 -23.64 -2.87 23.81
C LYS D 215 -25.13 -3.17 23.68
N VAL D 216 -25.48 -4.13 22.83
CA VAL D 216 -26.86 -4.51 22.58
C VAL D 216 -27.18 -5.76 23.38
N ASP D 217 -28.27 -5.72 24.14
CA ASP D 217 -28.78 -6.87 24.89
C ASP D 217 -30.13 -7.23 24.29
N LYS D 218 -30.16 -8.26 23.44
CA LYS D 218 -31.37 -8.67 22.73
C LYS D 218 -31.87 -9.99 23.31
N ARG D 219 -33.12 -10.00 23.74
CA ARG D 219 -33.76 -11.23 24.22
C ARG D 219 -34.32 -12.01 23.05
N VAL D 220 -33.83 -13.23 22.86
CA VAL D 220 -34.30 -14.07 21.77
C VAL D 220 -35.61 -14.72 22.16
N GLU D 221 -36.68 -14.37 21.44
CA GLU D 221 -38.01 -14.88 21.73
C GLU D 221 -38.37 -16.03 20.80
N PRO D 222 -38.93 -17.11 21.31
CA PRO D 222 -39.35 -18.21 20.44
C PRO D 222 -40.53 -17.82 19.56
N LYS D 223 -40.52 -18.36 18.34
CA LYS D 223 -41.55 -18.09 17.34
C LYS D 223 -41.72 -16.58 17.10
N ASP E 1 16.08 -14.42 0.64
CA ASP E 1 15.50 -15.07 1.81
C ASP E 1 15.46 -16.58 1.62
N ILE E 2 15.22 -17.30 2.71
CA ILE E 2 15.03 -18.74 2.69
C ILE E 2 13.54 -19.03 2.67
N GLN E 3 13.13 -20.03 1.89
CA GLN E 3 11.74 -20.44 1.78
C GLN E 3 11.56 -21.74 2.52
N MET E 4 10.65 -21.76 3.50
CA MET E 4 10.32 -22.96 4.24
C MET E 4 9.06 -23.59 3.65
N THR E 5 9.09 -24.91 3.50
CA THR E 5 7.95 -25.67 3.00
C THR E 5 7.62 -26.77 3.98
N GLN E 6 6.37 -26.80 4.44
CA GLN E 6 5.92 -27.81 5.37
C GLN E 6 5.07 -28.86 4.66
N SER E 7 5.08 -30.07 5.19
CA SER E 7 4.39 -31.19 4.58
C SER E 7 3.89 -32.17 5.63
N PRO E 8 2.58 -32.45 5.68
CA PRO E 8 1.58 -31.80 4.82
C PRO E 8 1.09 -30.50 5.42
N SER E 9 0.07 -29.90 4.79
CA SER E 9 -0.54 -28.69 5.33
C SER E 9 -1.63 -28.99 6.34
N THR E 10 -2.32 -30.12 6.20
CA THR E 10 -3.33 -30.58 7.14
C THR E 10 -3.26 -32.09 7.25
N LEU E 11 -3.56 -32.61 8.43
CA LEU E 11 -3.62 -34.06 8.63
C LEU E 11 -4.57 -34.37 9.78
N SER E 12 -5.26 -35.51 9.65
CA SER E 12 -6.17 -36.00 10.67
C SER E 12 -5.60 -37.27 11.28
N ALA E 13 -5.58 -37.34 12.61
CA ALA E 13 -5.07 -38.51 13.29
C ALA E 13 -5.86 -38.72 14.57
N SER E 14 -6.05 -39.99 14.94
CA SER E 14 -6.76 -40.33 16.15
C SER E 14 -5.88 -40.09 17.38
N VAL E 15 -6.52 -40.05 18.54
CA VAL E 15 -5.77 -39.88 19.78
C VAL E 15 -4.88 -41.09 20.00
N GLY E 16 -3.63 -40.85 20.37
CA GLY E 16 -2.68 -41.91 20.57
C GLY E 16 -1.93 -42.34 19.32
N ASP E 17 -2.20 -41.73 18.18
CA ASP E 17 -1.52 -42.07 16.95
C ASP E 17 -0.15 -41.40 16.88
N ARG E 18 0.67 -41.88 15.96
CA ARG E 18 1.96 -41.28 15.66
C ARG E 18 1.80 -40.32 14.48
N VAL E 19 2.45 -39.16 14.57
CA VAL E 19 2.28 -38.10 13.58
C VAL E 19 3.65 -37.54 13.21
N ASN E 20 3.91 -37.43 11.91
CA ASN E 20 5.11 -36.80 11.39
C ASN E 20 4.73 -35.52 10.65
N ILE E 21 5.45 -34.44 10.93
CA ILE E 21 5.35 -33.20 10.18
C ILE E 21 6.71 -32.91 9.57
N THR E 22 6.73 -32.67 8.26
CA THR E 22 7.98 -32.45 7.53
C THR E 22 8.13 -30.97 7.21
N CYS E 23 9.37 -30.49 7.29
CA CYS E 23 9.69 -29.08 7.03
C CYS E 23 11.01 -29.04 6.27
N ARG E 24 11.00 -28.45 5.08
CA ARG E 24 12.18 -28.38 4.23
C ARG E 24 12.51 -26.94 3.90
N ALA E 25 13.79 -26.68 3.67
CA ALA E 25 14.29 -25.34 3.38
C ALA E 25 14.96 -25.32 2.02
N SER E 26 14.89 -24.16 1.36
CA SER E 26 15.51 -23.99 0.05
C SER E 26 17.03 -23.87 0.13
N GLN E 27 17.60 -23.78 1.33
CA GLN E 27 19.03 -23.83 1.56
C GLN E 27 19.31 -24.83 2.66
N SER E 28 20.60 -25.00 2.98
CA SER E 28 21.00 -25.79 4.14
C SER E 28 21.10 -24.85 5.34
N ILE E 29 20.55 -25.26 6.47
CA ILE E 29 20.47 -24.39 7.64
C ILE E 29 21.08 -25.06 8.85
N ASN E 30 21.74 -26.21 8.64
CA ASN E 30 22.59 -26.87 9.63
C ASN E 30 21.92 -26.94 11.01
N GLN E 31 20.74 -27.57 11.04
CA GLN E 31 19.98 -27.81 12.26
C GLN E 31 19.58 -26.53 13.00
N TRP E 32 19.62 -25.38 12.34
CA TRP E 32 19.16 -24.14 12.96
C TRP E 32 17.67 -23.93 12.65
N LEU E 33 16.84 -24.75 13.30
CA LEU E 33 15.41 -24.76 13.06
C LEU E 33 14.66 -24.79 14.37
N ALA E 34 13.56 -24.05 14.44
CA ALA E 34 12.68 -24.01 15.60
C ALA E 34 11.28 -24.47 15.22
N TRP E 35 10.52 -24.90 16.22
CA TRP E 35 9.14 -25.34 16.04
C TRP E 35 8.22 -24.58 16.98
N TYR E 36 7.04 -24.23 16.49
CA TYR E 36 6.05 -23.50 17.28
C TYR E 36 4.68 -24.14 17.13
N GLN E 37 3.91 -24.08 18.21
CA GLN E 37 2.55 -24.60 18.27
C GLN E 37 1.60 -23.45 18.55
N GLN E 38 0.52 -23.37 17.78
CA GLN E 38 -0.49 -22.33 17.97
C GLN E 38 -1.86 -22.97 17.92
N LYS E 39 -2.55 -22.97 19.05
CA LYS E 39 -3.95 -23.38 19.10
C LYS E 39 -4.84 -22.21 18.66
N PRO E 40 -6.04 -22.51 18.16
CA PRO E 40 -6.91 -21.43 17.65
C PRO E 40 -7.19 -20.36 18.70
N GLY E 41 -7.03 -19.10 18.29
CA GLY E 41 -7.31 -17.96 19.14
C GLY E 41 -6.27 -17.67 20.20
N LYS E 42 -5.18 -18.43 20.26
CA LYS E 42 -4.16 -18.26 21.28
C LYS E 42 -2.84 -17.85 20.64
N ALA E 43 -1.90 -17.44 21.48
CA ALA E 43 -0.58 -17.04 21.04
C ALA E 43 0.30 -18.27 20.78
N PRO E 44 1.25 -18.17 19.86
CA PRO E 44 2.11 -19.32 19.55
C PRO E 44 2.96 -19.72 20.75
N LYS E 45 3.28 -21.01 20.82
CA LYS E 45 4.05 -21.59 21.91
C LYS E 45 5.35 -22.14 21.36
N PHE E 46 6.47 -21.70 21.94
CA PHE E 46 7.79 -22.18 21.53
C PHE E 46 7.96 -23.63 21.97
N LEU E 47 8.18 -24.53 21.01
CA LEU E 47 8.25 -25.95 21.29
C LEU E 47 9.69 -26.47 21.38
N MET E 48 10.49 -26.27 20.34
CA MET E 48 11.83 -26.82 20.33
C MET E 48 12.71 -26.04 19.38
N TYR E 49 14.01 -26.08 19.65
CA TYR E 49 15.03 -25.40 18.86
C TYR E 49 16.15 -26.39 18.56
N LYS E 50 17.09 -25.96 17.72
CA LYS E 50 18.16 -26.81 17.18
C LYS E 50 17.62 -28.05 16.48
N ALA E 51 16.32 -28.06 16.16
CA ALA E 51 15.61 -29.09 15.41
C ALA E 51 15.43 -30.38 16.20
N SER E 52 16.12 -30.53 17.33
CA SER E 52 15.98 -31.73 18.14
C SER E 52 15.99 -31.47 19.65
N THR E 53 16.05 -30.23 20.10
CA THR E 53 16.16 -29.91 21.52
C THR E 53 14.83 -29.31 22.00
N LEU E 54 14.12 -30.05 22.82
CA LEU E 54 12.85 -29.57 23.37
C LEU E 54 13.08 -28.41 24.33
N GLU E 55 12.11 -27.49 24.35
CA GLU E 55 12.12 -26.42 25.32
C GLU E 55 11.72 -26.95 26.69
N THR E 56 12.18 -26.27 27.74
CA THR E 56 11.87 -26.66 29.11
C THR E 56 10.36 -26.76 29.32
N GLY E 57 9.91 -27.92 29.83
CA GLY E 57 8.53 -28.14 30.14
C GLY E 57 7.71 -28.76 29.03
N VAL E 58 8.28 -28.93 27.84
CA VAL E 58 7.54 -29.53 26.72
C VAL E 58 7.47 -31.04 26.93
N PRO E 59 6.29 -31.65 26.77
CA PRO E 59 6.19 -33.11 26.98
C PRO E 59 7.15 -33.88 26.09
N SER E 60 7.73 -34.94 26.66
CA SER E 60 8.71 -35.75 25.94
C SER E 60 8.10 -36.49 24.75
N ARG E 61 6.77 -36.52 24.63
CA ARG E 61 6.14 -37.10 23.44
C ARG E 61 6.48 -36.34 22.18
N PHE E 62 7.01 -35.13 22.30
CA PHE E 62 7.50 -34.37 21.15
C PHE E 62 8.97 -34.70 20.92
N SER E 63 9.35 -34.81 19.66
CA SER E 63 10.73 -35.04 19.28
C SER E 63 10.96 -34.48 17.89
N GLY E 64 12.22 -34.29 17.54
CA GLY E 64 12.59 -33.76 16.25
C GLY E 64 13.89 -34.35 15.75
N SER E 65 13.95 -34.52 14.42
CA SER E 65 15.14 -35.03 13.78
C SER E 65 15.35 -34.26 12.48
N GLY E 66 16.53 -34.44 11.89
CA GLY E 66 16.83 -33.79 10.64
C GLY E 66 18.06 -32.90 10.69
N SER E 67 18.65 -32.64 9.53
CA SER E 67 19.85 -31.81 9.44
C SER E 67 20.01 -31.36 8.00
N GLY E 68 20.44 -30.12 7.81
CA GLY E 68 20.68 -29.62 6.48
C GLY E 68 19.46 -28.99 5.84
N THR E 69 18.75 -29.76 5.01
CA THR E 69 17.66 -29.23 4.20
C THR E 69 16.33 -29.94 4.44
N GLU E 70 16.26 -30.90 5.35
CA GLU E 70 15.04 -31.65 5.60
C GLU E 70 14.90 -31.90 7.09
N PHE E 71 13.73 -31.60 7.65
CA PHE E 71 13.51 -31.69 9.09
C PHE E 71 12.14 -32.28 9.38
N THR E 72 12.01 -32.90 10.55
CA THR E 72 10.80 -33.62 10.93
C THR E 72 10.43 -33.27 12.37
N LEU E 73 9.14 -33.00 12.59
CA LEU E 73 8.56 -32.92 13.92
C LEU E 73 7.72 -34.16 14.15
N THR E 74 7.89 -34.79 15.31
CA THR E 74 7.23 -36.05 15.61
C THR E 74 6.47 -35.94 16.92
N ILE E 75 5.22 -36.39 16.92
CA ILE E 75 4.45 -36.57 18.14
C ILE E 75 4.20 -38.07 18.27
N SER E 76 4.90 -38.71 19.20
CA SER E 76 4.88 -40.17 19.29
C SER E 76 3.48 -40.68 19.63
N SER E 77 2.89 -40.17 20.71
CA SER E 77 1.54 -40.54 21.13
C SER E 77 0.69 -39.28 21.18
N LEU E 78 -0.25 -39.17 20.24
CA LEU E 78 -1.04 -37.95 20.10
C LEU E 78 -2.01 -37.80 21.26
N GLN E 79 -2.02 -36.62 21.87
CA GLN E 79 -2.87 -36.29 22.99
C GLN E 79 -3.83 -35.16 22.62
N PRO E 80 -4.93 -35.00 23.34
CA PRO E 80 -5.89 -33.94 22.99
C PRO E 80 -5.30 -32.53 23.03
N ASP E 81 -4.33 -32.27 23.91
CA ASP E 81 -3.71 -30.95 23.96
C ASP E 81 -2.92 -30.63 22.71
N ASP E 82 -2.44 -31.64 21.98
CA ASP E 82 -1.50 -31.43 20.88
C ASP E 82 -2.18 -31.10 19.55
N PHE E 83 -3.50 -31.01 19.52
CA PHE E 83 -4.22 -30.75 18.27
C PHE E 83 -4.26 -29.25 18.04
N ALA E 84 -3.30 -28.76 17.26
CA ALA E 84 -3.18 -27.35 16.94
C ALA E 84 -2.53 -27.22 15.56
N THR E 85 -2.03 -26.04 15.24
CA THR E 85 -1.25 -25.81 14.04
C THR E 85 0.21 -25.62 14.43
N TYR E 86 1.12 -26.20 13.64
CA TYR E 86 2.53 -26.21 13.94
C TYR E 86 3.31 -25.48 12.85
N TYR E 87 4.26 -24.64 13.27
CA TYR E 87 5.08 -23.85 12.36
C TYR E 87 6.55 -24.14 12.62
N CYS E 88 7.32 -24.29 11.53
CA CYS E 88 8.76 -24.38 11.61
C CYS E 88 9.38 -23.06 11.18
N GLN E 89 10.47 -22.68 11.84
CA GLN E 89 11.17 -21.42 11.56
C GLN E 89 12.66 -21.67 11.57
N HIS E 90 13.34 -21.22 10.51
CA HIS E 90 14.79 -21.27 10.48
C HIS E 90 15.36 -20.04 11.20
N TYR E 91 16.58 -20.18 11.69
CA TYR E 91 17.35 -19.04 12.18
C TYR E 91 18.78 -19.12 11.68
N PHE E 92 18.93 -19.33 10.36
CA PHE E 92 20.24 -19.31 9.73
C PHE E 92 20.75 -17.87 9.55
N SER E 93 20.03 -17.07 8.76
CA SER E 93 20.36 -15.67 8.55
C SER E 93 19.12 -14.84 8.82
N TYR E 94 19.33 -13.55 9.13
CA TYR E 94 18.34 -12.77 9.84
C TYR E 94 16.97 -12.59 9.18
N PRO E 95 16.82 -12.74 7.87
CA PRO E 95 15.44 -12.80 7.35
C PRO E 95 14.73 -14.06 7.81
N TRP E 96 14.30 -14.09 9.06
CA TRP E 96 13.60 -15.27 9.57
C TRP E 96 12.32 -15.50 8.78
N THR E 97 12.12 -16.73 8.34
CA THR E 97 10.91 -17.11 7.62
C THR E 97 10.31 -18.36 8.24
N PHE E 98 8.98 -18.41 8.27
CA PHE E 98 8.25 -19.55 8.76
C PHE E 98 7.77 -20.41 7.60
N GLY E 99 7.27 -21.59 7.94
CA GLY E 99 6.47 -22.35 7.00
C GLY E 99 5.01 -21.95 7.09
N GLN E 100 4.23 -22.39 6.12
CA GLN E 100 2.81 -22.04 6.09
C GLN E 100 2.01 -22.77 7.16
N GLY E 101 2.60 -23.74 7.84
CA GLY E 101 1.96 -24.39 8.97
C GLY E 101 1.31 -25.71 8.59
N THR E 102 1.16 -26.58 9.59
CA THR E 102 0.47 -27.86 9.43
C THR E 102 -0.60 -27.95 10.50
N LYS E 103 -1.85 -28.10 10.08
CA LYS E 103 -2.97 -28.20 11.01
C LYS E 103 -3.26 -29.67 11.30
N VAL E 104 -3.38 -30.00 12.58
CA VAL E 104 -3.63 -31.37 13.02
C VAL E 104 -4.97 -31.40 13.73
N GLU E 105 -5.90 -32.19 13.21
CA GLU E 105 -7.22 -32.33 13.79
C GLU E 105 -7.41 -33.74 14.34
N ILE E 106 -8.35 -33.86 15.27
CA ILE E 106 -8.65 -35.15 15.88
C ILE E 106 -9.49 -35.98 14.93
N LYS E 107 -9.08 -37.21 14.68
CA LYS E 107 -9.87 -38.13 13.88
C LYS E 107 -10.92 -38.81 14.76
N ARG E 108 -12.16 -38.77 14.32
CA ARG E 108 -13.31 -39.10 15.16
C ARG E 108 -14.21 -40.07 14.40
N THR E 109 -15.14 -40.69 15.12
CA THR E 109 -16.20 -41.44 14.47
C THR E 109 -17.15 -40.49 13.76
N VAL E 110 -17.81 -41.00 12.72
CA VAL E 110 -18.68 -40.15 11.90
C VAL E 110 -19.83 -39.63 12.74
N ALA E 111 -20.08 -38.33 12.63
CA ALA E 111 -21.15 -37.67 13.37
C ALA E 111 -22.02 -36.90 12.39
N ALA E 112 -23.32 -37.17 12.40
CA ALA E 112 -24.24 -36.49 11.50
C ALA E 112 -24.59 -35.11 12.04
N PRO E 113 -24.74 -34.10 11.18
CA PRO E 113 -25.12 -32.77 11.66
C PRO E 113 -26.59 -32.72 12.01
N SER E 114 -26.92 -31.78 12.89
CA SER E 114 -28.31 -31.47 13.24
C SER E 114 -28.68 -30.20 12.48
N VAL E 115 -29.36 -30.38 11.35
CA VAL E 115 -29.66 -29.26 10.45
C VAL E 115 -30.77 -28.41 11.05
N PHE E 116 -30.51 -27.12 11.23
CA PHE E 116 -31.46 -26.18 11.77
C PHE E 116 -31.61 -25.00 10.83
N ILE E 117 -32.77 -24.34 10.87
CA ILE E 117 -33.02 -23.16 10.05
C ILE E 117 -33.75 -22.12 10.88
N PHE E 118 -33.45 -20.85 10.59
CA PHE E 118 -34.05 -19.72 11.30
C PHE E 118 -34.62 -18.74 10.29
N PRO E 119 -35.91 -18.45 10.34
CA PRO E 119 -36.47 -17.40 9.47
C PRO E 119 -35.99 -16.03 9.90
N PRO E 120 -35.94 -15.06 9.00
CA PRO E 120 -35.47 -13.72 9.37
C PRO E 120 -36.40 -13.06 10.39
N SER E 121 -35.79 -12.26 11.25
CA SER E 121 -36.54 -11.56 12.28
C SER E 121 -37.32 -10.39 11.69
N ASP E 122 -38.36 -9.96 12.41
CA ASP E 122 -39.15 -8.83 11.97
C ASP E 122 -38.34 -7.54 12.00
N GLU E 123 -37.45 -7.40 12.99
CA GLU E 123 -36.63 -6.21 13.10
C GLU E 123 -35.74 -6.02 11.88
N GLN E 124 -35.28 -7.11 11.27
CA GLN E 124 -34.48 -7.01 10.05
C GLN E 124 -35.35 -6.72 8.83
N LEU E 125 -36.51 -7.38 8.73
CA LEU E 125 -37.41 -7.14 7.61
C LEU E 125 -37.87 -5.69 7.55
N LYS E 126 -38.02 -5.05 8.71
CA LYS E 126 -38.41 -3.64 8.74
C LYS E 126 -37.28 -2.72 8.33
N SER E 127 -36.08 -3.23 8.14
CA SER E 127 -34.95 -2.45 7.64
C SER E 127 -34.65 -2.77 6.18
N GLY E 128 -35.51 -3.51 5.50
CA GLY E 128 -35.36 -3.77 4.08
C GLY E 128 -34.51 -4.98 3.71
N THR E 129 -34.11 -5.79 4.68
CA THR E 129 -33.23 -6.92 4.43
C THR E 129 -33.83 -8.19 5.00
N ALA E 130 -33.44 -9.33 4.43
CA ALA E 130 -33.89 -10.63 4.90
C ALA E 130 -32.70 -11.58 4.88
N SER E 131 -32.38 -12.15 6.04
CA SER E 131 -31.27 -13.09 6.17
C SER E 131 -31.77 -14.38 6.80
N VAL E 132 -31.67 -15.47 6.05
CA VAL E 132 -32.00 -16.81 6.55
C VAL E 132 -30.71 -17.47 7.01
N VAL E 133 -30.79 -18.23 8.10
CA VAL E 133 -29.64 -18.87 8.72
C VAL E 133 -29.88 -20.37 8.76
N CYS E 134 -28.91 -21.14 8.26
CA CYS E 134 -28.95 -22.60 8.24
C CYS E 134 -27.81 -23.12 9.11
N LEU E 135 -28.15 -23.79 10.20
CA LEU E 135 -27.18 -24.22 11.20
C LEU E 135 -26.93 -25.72 11.09
N LEU E 136 -25.65 -26.09 10.96
CA LEU E 136 -25.21 -27.47 10.98
C LEU E 136 -24.40 -27.67 12.26
N ASN E 137 -24.96 -28.44 13.20
CA ASN E 137 -24.45 -28.48 14.57
C ASN E 137 -23.79 -29.83 14.85
N ASN E 138 -22.52 -29.78 15.27
CA ASN E 138 -21.79 -30.92 15.84
C ASN E 138 -21.75 -32.11 14.88
N PHE E 139 -21.05 -31.90 13.77
CA PHE E 139 -20.85 -32.95 12.78
C PHE E 139 -19.36 -33.27 12.63
N TYR E 140 -19.10 -34.44 12.02
CA TYR E 140 -17.75 -34.86 11.67
C TYR E 140 -17.84 -35.89 10.57
N PRO E 141 -16.98 -35.83 9.53
CA PRO E 141 -15.88 -34.87 9.37
C PRO E 141 -16.33 -33.49 8.94
N ARG E 142 -15.36 -32.60 8.69
CA ARG E 142 -15.69 -31.22 8.36
C ARG E 142 -16.36 -31.10 6.99
N GLU E 143 -16.08 -32.03 6.08
CA GLU E 143 -16.57 -31.93 4.71
C GLU E 143 -18.09 -31.99 4.67
N ALA E 144 -18.72 -30.85 4.41
CA ALA E 144 -20.17 -30.75 4.34
C ALA E 144 -20.55 -29.72 3.29
N LYS E 145 -21.65 -29.98 2.59
CA LYS E 145 -22.17 -29.08 1.56
C LYS E 145 -23.50 -28.50 2.00
N VAL E 146 -23.72 -27.24 1.66
CA VAL E 146 -24.97 -26.54 1.97
C VAL E 146 -25.43 -25.85 0.69
N GLN E 147 -26.57 -26.29 0.16
CA GLN E 147 -27.14 -25.76 -1.07
C GLN E 147 -28.44 -25.03 -0.72
N TRP E 148 -28.43 -23.71 -0.85
CA TRP E 148 -29.65 -22.93 -0.63
C TRP E 148 -30.59 -23.10 -1.80
N LYS E 149 -31.84 -23.48 -1.51
CA LYS E 149 -32.86 -23.68 -2.52
C LYS E 149 -34.05 -22.79 -2.21
N VAL E 150 -34.42 -21.96 -3.18
CA VAL E 150 -35.60 -21.10 -3.09
C VAL E 150 -36.64 -21.62 -4.08
N ASP E 151 -37.79 -22.03 -3.55
CA ASP E 151 -38.83 -22.69 -4.35
C ASP E 151 -38.27 -23.94 -5.04
N ASN E 152 -37.44 -24.68 -4.30
CA ASN E 152 -36.78 -25.88 -4.81
C ASN E 152 -36.00 -25.57 -6.08
N ALA E 153 -35.22 -24.50 -6.03
CA ALA E 153 -34.39 -24.07 -7.14
C ALA E 153 -33.10 -23.49 -6.56
N LEU E 154 -31.98 -23.87 -7.17
CA LEU E 154 -30.67 -23.47 -6.64
C LEU E 154 -30.55 -21.97 -6.54
N GLN E 155 -30.34 -21.47 -5.32
CA GLN E 155 -30.12 -20.06 -5.06
C GLN E 155 -28.63 -19.82 -4.92
N SER E 156 -28.02 -19.18 -5.91
CA SER E 156 -26.61 -18.89 -5.91
C SER E 156 -26.38 -17.39 -6.02
N GLY E 157 -25.37 -16.89 -5.32
CA GLY E 157 -24.96 -15.51 -5.45
C GLY E 157 -24.82 -14.76 -4.14
N ASN E 158 -25.74 -15.00 -3.20
CA ASN E 158 -25.72 -14.33 -1.89
C ASN E 158 -25.80 -15.41 -0.81
N SER E 159 -24.65 -15.98 -0.46
CA SER E 159 -24.60 -16.99 0.60
C SER E 159 -23.16 -17.11 1.07
N GLN E 160 -22.92 -16.81 2.33
CA GLN E 160 -21.62 -16.98 2.95
C GLN E 160 -21.77 -17.86 4.18
N GLU E 161 -20.73 -18.63 4.47
CA GLU E 161 -20.77 -19.57 5.58
C GLU E 161 -19.50 -19.45 6.42
N SER E 162 -19.61 -19.89 7.66
CA SER E 162 -18.50 -19.89 8.61
C SER E 162 -18.57 -21.16 9.43
N VAL E 163 -17.44 -21.86 9.52
CA VAL E 163 -17.33 -23.10 10.28
C VAL E 163 -16.44 -22.86 11.49
N THR E 164 -16.85 -23.36 12.64
CA THR E 164 -16.08 -23.22 13.85
C THR E 164 -14.87 -24.16 13.82
N GLU E 165 -13.89 -23.86 14.66
CA GLU E 165 -12.78 -24.76 14.87
C GLU E 165 -13.26 -26.04 15.55
N GLN E 166 -12.44 -27.08 15.50
CA GLN E 166 -12.82 -28.37 16.05
C GLN E 166 -13.05 -28.26 17.55
N ASP E 167 -14.12 -28.90 18.02
CA ASP E 167 -14.48 -28.84 19.42
C ASP E 167 -13.39 -29.50 20.28
N SER E 168 -13.37 -29.13 21.56
CA SER E 168 -12.37 -29.67 22.48
C SER E 168 -12.88 -30.86 23.28
N LYS E 169 -14.20 -30.93 23.51
CA LYS E 169 -14.78 -32.06 24.24
C LYS E 169 -15.12 -33.23 23.31
N ASP E 170 -15.97 -32.99 22.32
CA ASP E 170 -16.38 -34.03 21.38
C ASP E 170 -15.65 -33.96 20.05
N SER E 171 -14.92 -32.87 19.78
CA SER E 171 -14.13 -32.71 18.56
C SER E 171 -15.00 -32.83 17.31
N THR E 172 -16.09 -32.07 17.28
CA THR E 172 -16.96 -31.95 16.12
C THR E 172 -16.83 -30.54 15.53
N TYR E 173 -17.52 -30.32 14.42
CA TYR E 173 -17.55 -29.02 13.76
C TYR E 173 -18.96 -28.49 13.71
N SER E 174 -19.08 -27.19 13.49
CA SER E 174 -20.38 -26.54 13.36
C SER E 174 -20.30 -25.48 12.26
N LEU E 175 -21.29 -25.49 11.37
CA LEU E 175 -21.33 -24.58 10.23
C LEU E 175 -22.55 -23.66 10.35
N SER E 176 -22.37 -22.40 9.96
CA SER E 176 -23.44 -21.41 9.92
C SER E 176 -23.45 -20.76 8.56
N SER E 177 -24.53 -20.97 7.81
CA SER E 177 -24.68 -20.40 6.47
C SER E 177 -25.77 -19.34 6.50
N THR E 178 -25.50 -18.22 5.83
CA THR E 178 -26.41 -17.08 5.82
C THR E 178 -26.80 -16.74 4.39
N LEU E 179 -28.11 -16.61 4.14
CA LEU E 179 -28.65 -16.25 2.85
C LEU E 179 -29.33 -14.89 2.99
N THR E 180 -28.73 -13.85 2.42
CA THR E 180 -29.25 -12.49 2.51
C THR E 180 -29.89 -12.10 1.19
N LEU E 181 -31.13 -11.61 1.27
CA LEU E 181 -31.85 -11.11 0.10
C LEU E 181 -32.55 -9.82 0.48
N SER E 182 -32.72 -8.95 -0.51
CA SER E 182 -33.53 -7.76 -0.30
C SER E 182 -34.98 -8.15 -0.02
N LYS E 183 -35.68 -7.31 0.74
CA LYS E 183 -37.06 -7.62 1.09
C LYS E 183 -37.94 -7.75 -0.15
N ALA E 184 -37.64 -6.97 -1.19
CA ALA E 184 -38.42 -7.06 -2.43
C ALA E 184 -38.27 -8.44 -3.07
N ASP E 185 -37.02 -8.91 -3.24
CA ASP E 185 -36.81 -10.24 -3.78
C ASP E 185 -37.30 -11.32 -2.81
N TYR E 186 -37.21 -11.06 -1.50
CA TYR E 186 -37.63 -12.04 -0.51
C TYR E 186 -39.13 -12.33 -0.62
N GLU E 187 -39.93 -11.28 -0.79
CA GLU E 187 -41.38 -11.46 -0.84
C GLU E 187 -41.84 -12.10 -2.15
N LYS E 188 -41.00 -12.10 -3.18
CA LYS E 188 -41.36 -12.69 -4.47
C LYS E 188 -41.25 -14.21 -4.48
N HIS E 189 -41.01 -14.84 -3.33
CA HIS E 189 -40.86 -16.28 -3.26
C HIS E 189 -41.45 -16.79 -1.95
N LYS E 190 -41.81 -18.07 -1.95
CA LYS E 190 -42.50 -18.69 -0.82
C LYS E 190 -41.63 -19.67 -0.06
N VAL E 191 -41.02 -20.64 -0.75
CA VAL E 191 -40.26 -21.70 -0.11
C VAL E 191 -38.81 -21.27 0.02
N TYR E 192 -38.24 -21.46 1.21
CA TYR E 192 -36.83 -21.20 1.46
C TYR E 192 -36.25 -22.39 2.21
N ALA E 193 -35.18 -22.97 1.67
CA ALA E 193 -34.63 -24.21 2.21
C ALA E 193 -33.12 -24.21 2.08
N CYS E 194 -32.48 -25.07 2.85
CA CYS E 194 -31.07 -25.37 2.71
C CYS E 194 -30.88 -26.88 2.72
N GLU E 195 -30.21 -27.40 1.69
CA GLU E 195 -29.99 -28.82 1.52
C GLU E 195 -28.58 -29.17 1.99
N VAL E 196 -28.49 -30.14 2.90
CA VAL E 196 -27.23 -30.48 3.55
C VAL E 196 -26.81 -31.87 3.09
N THR E 197 -25.56 -31.97 2.62
CA THR E 197 -24.95 -33.24 2.28
C THR E 197 -23.77 -33.49 3.22
N HIS E 198 -23.72 -34.69 3.79
CA HIS E 198 -22.66 -35.02 4.72
C HIS E 198 -22.47 -36.53 4.73
N GLN E 199 -21.28 -36.95 5.20
CA GLN E 199 -20.99 -38.38 5.26
C GLN E 199 -21.89 -39.09 6.26
N GLY E 200 -22.36 -38.39 7.29
CA GLY E 200 -23.23 -38.95 8.29
C GLY E 200 -24.70 -38.99 7.92
N LEU E 201 -25.05 -38.62 6.69
CA LEU E 201 -26.43 -38.62 6.22
C LEU E 201 -26.54 -39.51 5.00
N SER E 202 -27.50 -40.44 5.03
CA SER E 202 -27.68 -41.37 3.91
C SER E 202 -28.20 -40.64 2.68
N SER E 203 -29.05 -39.65 2.88
CA SER E 203 -29.57 -38.81 1.81
C SER E 203 -29.47 -37.36 2.24
N PRO E 204 -29.43 -36.42 1.30
CA PRO E 204 -29.39 -35.00 1.67
C PRO E 204 -30.63 -34.61 2.47
N VAL E 205 -30.39 -33.94 3.60
CA VAL E 205 -31.45 -33.50 4.50
C VAL E 205 -31.80 -32.06 4.17
N THR E 206 -33.08 -31.80 3.89
CA THR E 206 -33.58 -30.47 3.55
C THR E 206 -34.44 -29.95 4.69
N LYS E 207 -34.08 -28.80 5.23
CA LYS E 207 -34.90 -28.06 6.19
C LYS E 207 -35.46 -26.84 5.47
N SER E 208 -36.78 -26.69 5.48
CA SER E 208 -37.43 -25.65 4.70
C SER E 208 -38.52 -24.99 5.54
N PHE E 209 -38.97 -23.84 5.07
CA PHE E 209 -40.12 -23.15 5.65
C PHE E 209 -40.77 -22.29 4.57
N ASN E 210 -42.00 -21.87 4.83
CA ASN E 210 -42.71 -20.95 3.96
C ASN E 210 -42.66 -19.55 4.56
N ARG E 211 -42.55 -18.55 3.69
CA ARG E 211 -42.49 -17.16 4.13
C ARG E 211 -43.82 -16.79 4.77
N GLY E 212 -43.81 -16.60 6.09
CA GLY E 212 -45.04 -16.35 6.83
C GLY E 212 -45.69 -17.62 7.33
N GLU E 213 -44.89 -18.51 7.92
CA GLU E 213 -45.40 -19.78 8.43
C GLU E 213 -45.69 -19.68 9.93
N GLU F 1 -12.78 -35.42 -19.36
CA GLU F 1 -11.36 -35.19 -19.56
C GLU F 1 -10.93 -33.87 -18.95
N VAL F 2 -9.66 -33.80 -18.53
CA VAL F 2 -9.14 -32.59 -17.91
C VAL F 2 -9.07 -31.47 -18.94
N GLN F 3 -9.61 -30.31 -18.58
CA GLN F 3 -9.65 -29.17 -19.49
C GLN F 3 -9.28 -27.92 -18.72
N LEU F 4 -8.23 -27.24 -19.16
CA LEU F 4 -7.77 -25.99 -18.58
C LEU F 4 -7.71 -24.94 -19.68
N LEU F 5 -8.36 -23.80 -19.44
CA LEU F 5 -8.41 -22.72 -20.42
C LEU F 5 -8.07 -21.42 -19.72
N GLU F 6 -7.04 -20.73 -20.21
CA GLU F 6 -6.61 -19.45 -19.67
C GLU F 6 -7.19 -18.30 -20.48
N SER F 7 -7.18 -17.12 -19.89
CA SER F 7 -7.67 -15.90 -20.51
C SER F 7 -7.21 -14.72 -19.68
N GLY F 8 -7.31 -13.54 -20.27
CA GLY F 8 -6.95 -12.30 -19.61
C GLY F 8 -5.68 -11.65 -20.12
N GLY F 9 -4.82 -12.41 -20.79
CA GLY F 9 -3.58 -11.84 -21.29
C GLY F 9 -3.83 -10.85 -22.41
N ARG F 10 -3.07 -9.76 -22.41
CA ARG F 10 -3.19 -8.70 -23.39
C ARG F 10 -1.94 -7.83 -23.28
N LEU F 11 -1.94 -6.71 -23.99
CA LEU F 11 -0.89 -5.71 -23.87
C LEU F 11 -1.23 -4.75 -22.74
N VAL F 12 -0.26 -4.49 -21.87
CA VAL F 12 -0.49 -3.66 -20.68
C VAL F 12 0.69 -2.70 -20.48
N GLN F 13 0.42 -1.65 -19.72
CA GLN F 13 1.43 -0.64 -19.44
C GLN F 13 2.45 -1.16 -18.43
N PRO F 14 3.70 -0.72 -18.52
CA PRO F 14 4.66 -0.99 -17.45
C PRO F 14 4.19 -0.37 -16.15
N GLY F 15 4.22 -1.15 -15.07
CA GLY F 15 3.63 -0.75 -13.82
C GLY F 15 2.13 -0.92 -13.74
N GLY F 16 1.48 -1.26 -14.85
CA GLY F 16 0.06 -1.53 -14.85
C GLY F 16 -0.25 -2.85 -14.17
N SER F 17 -1.52 -3.23 -14.23
CA SER F 17 -2.00 -4.43 -13.58
C SER F 17 -2.90 -5.22 -14.52
N LEU F 18 -3.02 -6.52 -14.23
CA LEU F 18 -3.81 -7.42 -15.08
C LEU F 18 -4.09 -8.69 -14.30
N THR F 19 -5.34 -9.16 -14.32
CA THR F 19 -5.75 -10.36 -13.62
C THR F 19 -6.01 -11.47 -14.63
N LEU F 20 -5.31 -12.59 -14.46
CA LEU F 20 -5.50 -13.76 -15.31
C LEU F 20 -6.50 -14.71 -14.67
N SER F 21 -7.14 -15.52 -15.52
CA SER F 21 -8.11 -16.51 -15.05
C SER F 21 -7.89 -17.82 -15.77
N CYS F 22 -8.28 -18.91 -15.11
CA CYS F 22 -8.15 -20.25 -15.66
C CYS F 22 -9.40 -21.04 -15.28
N ALA F 23 -10.22 -21.39 -16.27
CA ALA F 23 -11.43 -22.14 -16.04
C ALA F 23 -11.16 -23.62 -16.21
N ALA F 24 -11.40 -24.40 -15.16
CA ALA F 24 -11.12 -25.83 -15.15
C ALA F 24 -12.41 -26.63 -15.25
N SER F 25 -12.29 -27.84 -15.80
CA SER F 25 -13.42 -28.76 -15.90
C SER F 25 -12.88 -30.15 -16.13
N GLY F 26 -13.60 -31.15 -15.61
CA GLY F 26 -13.25 -32.53 -15.80
C GLY F 26 -12.54 -33.19 -14.65
N PHE F 27 -12.43 -32.53 -13.50
CA PHE F 27 -11.79 -33.12 -12.33
C PHE F 27 -12.27 -32.37 -11.09
N PRO F 28 -12.20 -32.99 -9.91
CA PRO F 28 -12.65 -32.31 -8.68
C PRO F 28 -11.75 -31.16 -8.29
N PHE F 29 -11.97 -30.01 -8.94
CA PHE F 29 -11.06 -28.87 -8.83
C PHE F 29 -10.85 -28.42 -7.40
N SER F 30 -11.84 -28.61 -6.52
CA SER F 30 -11.72 -28.12 -5.16
C SER F 30 -10.65 -28.87 -4.37
N THR F 31 -10.51 -30.18 -4.62
CA THR F 31 -9.56 -31.01 -3.91
C THR F 31 -8.18 -31.05 -4.57
N TYR F 32 -8.00 -30.35 -5.68
CA TYR F 32 -6.73 -30.31 -6.38
C TYR F 32 -6.04 -28.96 -6.19
N ALA F 33 -4.71 -28.98 -6.31
CA ALA F 33 -3.90 -27.78 -6.17
C ALA F 33 -3.37 -27.36 -7.54
N MET F 34 -3.42 -26.05 -7.80
CA MET F 34 -3.12 -25.51 -9.12
C MET F 34 -1.92 -24.58 -9.04
N SER F 35 -1.18 -24.50 -10.15
CA SER F 35 0.01 -23.66 -10.23
C SER F 35 -0.03 -22.81 -11.49
N TRP F 36 0.58 -21.63 -11.40
CA TRP F 36 0.78 -20.76 -12.55
C TRP F 36 2.24 -20.84 -12.97
N LEU F 37 2.48 -20.99 -14.28
CA LEU F 37 3.82 -21.00 -14.84
C LEU F 37 3.84 -20.12 -16.08
N ARG F 38 5.03 -19.58 -16.38
CA ARG F 38 5.18 -18.69 -17.51
C ARG F 38 6.37 -19.12 -18.36
N GLN F 39 6.34 -18.73 -19.63
CA GLN F 39 7.40 -19.04 -20.58
C GLN F 39 7.60 -17.85 -21.49
N ALA F 40 8.74 -17.17 -21.35
CA ALA F 40 9.07 -16.07 -22.24
C ALA F 40 9.22 -16.58 -23.68
N PRO F 41 8.98 -15.73 -24.67
CA PRO F 41 9.04 -16.19 -26.07
C PRO F 41 10.43 -16.71 -26.42
N GLY F 42 10.49 -17.99 -26.80
CA GLY F 42 11.74 -18.64 -27.15
C GLY F 42 12.62 -19.04 -25.99
N LYS F 43 12.27 -18.68 -24.76
CA LYS F 43 13.05 -19.02 -23.59
C LYS F 43 12.50 -20.32 -22.97
N GLY F 44 12.97 -20.66 -21.77
CA GLY F 44 12.55 -21.86 -21.10
C GLY F 44 11.32 -21.67 -20.22
N LEU F 45 11.07 -22.66 -19.39
CA LEU F 45 9.92 -22.67 -18.49
C LEU F 45 10.31 -22.17 -17.11
N GLU F 46 9.36 -21.50 -16.46
CA GLU F 46 9.57 -20.97 -15.12
C GLU F 46 8.28 -21.12 -14.31
N TRP F 47 8.44 -21.49 -13.04
CA TRP F 47 7.32 -21.56 -12.11
C TRP F 47 7.07 -20.19 -11.51
N VAL F 48 5.80 -19.82 -11.43
CA VAL F 48 5.39 -18.50 -10.93
C VAL F 48 4.78 -18.61 -9.53
N SER F 49 3.70 -19.37 -9.39
CA SER F 49 2.98 -19.41 -8.13
C SER F 49 2.24 -20.73 -8.02
N GLY F 50 1.82 -21.04 -6.79
CA GLY F 50 1.03 -22.23 -6.54
C GLY F 50 0.09 -21.99 -5.37
N ILE F 51 -1.08 -22.61 -5.44
CA ILE F 51 -2.08 -22.51 -4.39
C ILE F 51 -2.62 -23.91 -4.09
N THR F 52 -2.95 -24.14 -2.83
CA THR F 52 -3.45 -25.44 -2.40
C THR F 52 -4.97 -25.48 -2.57
N GLY F 53 -5.55 -26.64 -2.24
CA GLY F 53 -6.96 -26.86 -2.54
C GLY F 53 -7.90 -25.93 -1.79
N ASP F 54 -7.59 -25.64 -0.53
CA ASP F 54 -8.45 -24.82 0.31
C ASP F 54 -7.86 -23.44 0.58
N SER F 55 -6.99 -22.95 -0.30
CA SER F 55 -6.36 -21.63 -0.18
C SER F 55 -5.57 -21.48 1.12
N GLY F 56 -5.25 -22.59 1.79
CA GLY F 56 -4.50 -22.51 3.04
C GLY F 56 -3.03 -22.20 2.87
N SER F 57 -2.48 -22.43 1.68
CA SER F 57 -1.07 -22.17 1.43
C SER F 57 -0.91 -21.59 0.02
N THR F 58 -0.07 -20.56 -0.08
CA THR F 58 0.26 -19.95 -1.37
C THR F 58 1.76 -19.71 -1.42
N TYR F 59 2.39 -20.18 -2.48
CA TYR F 59 3.82 -20.00 -2.67
C TYR F 59 4.07 -19.22 -3.96
N TYR F 60 5.12 -18.41 -3.94
CA TYR F 60 5.43 -17.50 -5.04
C TYR F 60 6.90 -17.59 -5.38
N ALA F 61 7.21 -17.29 -6.65
CA ALA F 61 8.59 -17.23 -7.09
C ALA F 61 9.26 -15.95 -6.61
N ALA F 62 10.59 -15.99 -6.57
CA ALA F 62 11.34 -14.82 -6.10
C ALA F 62 11.15 -13.63 -7.03
N SER F 63 10.99 -13.87 -8.33
CA SER F 63 10.85 -12.78 -9.30
C SER F 63 9.51 -12.07 -9.19
N VAL F 64 8.50 -12.71 -8.60
CA VAL F 64 7.16 -12.14 -8.53
C VAL F 64 6.69 -11.90 -7.11
N LYS F 65 7.53 -12.17 -6.11
CA LYS F 65 7.11 -12.04 -4.72
C LYS F 65 6.86 -10.57 -4.37
N GLY F 66 5.73 -10.30 -3.74
CA GLY F 66 5.33 -8.96 -3.40
C GLY F 66 4.59 -8.21 -4.48
N ARG F 67 4.47 -8.78 -5.68
CA ARG F 67 3.78 -8.15 -6.79
C ARG F 67 2.58 -8.95 -7.29
N PHE F 68 2.65 -10.28 -7.24
CA PHE F 68 1.57 -11.14 -7.72
C PHE F 68 0.80 -11.72 -6.55
N THR F 69 -0.48 -12.01 -6.79
CA THR F 69 -1.34 -12.66 -5.80
C THR F 69 -2.13 -13.76 -6.48
N ILE F 70 -2.01 -14.98 -5.97
CA ILE F 70 -2.73 -16.13 -6.50
C ILE F 70 -3.95 -16.38 -5.63
N SER F 71 -5.03 -16.84 -6.26
CA SER F 71 -6.27 -17.13 -5.54
C SER F 71 -7.13 -18.03 -6.41
N ARG F 72 -8.12 -18.66 -5.78
CA ARG F 72 -9.04 -19.56 -6.46
C ARG F 72 -10.43 -19.40 -5.89
N ASP F 73 -11.43 -19.70 -6.72
CA ASP F 73 -12.85 -19.66 -6.32
C ASP F 73 -13.44 -21.01 -6.70
N ASN F 74 -13.49 -21.93 -5.73
CA ASN F 74 -13.92 -23.29 -6.00
C ASN F 74 -15.38 -23.38 -6.45
N SER F 75 -16.21 -22.40 -6.10
CA SER F 75 -17.59 -22.41 -6.55
C SER F 75 -17.69 -22.22 -8.07
N LYS F 76 -16.70 -21.59 -8.68
CA LYS F 76 -16.66 -21.42 -10.12
C LYS F 76 -15.63 -22.30 -10.80
N ASN F 77 -14.90 -23.12 -10.05
CA ASN F 77 -13.83 -23.97 -10.58
C ASN F 77 -12.85 -23.15 -11.41
N THR F 78 -12.45 -22.01 -10.86
CA THR F 78 -11.61 -21.05 -11.57
C THR F 78 -10.40 -20.66 -10.73
N LEU F 79 -9.23 -20.64 -11.37
CA LEU F 79 -8.00 -20.14 -10.78
C LEU F 79 -7.77 -18.70 -11.22
N TYR F 80 -7.10 -17.93 -10.37
CA TYR F 80 -6.85 -16.53 -10.63
C TYR F 80 -5.38 -16.20 -10.36
N LEU F 81 -4.90 -15.13 -11.01
CA LEU F 81 -3.55 -14.64 -10.79
C LEU F 81 -3.56 -13.14 -11.05
N GLN F 82 -3.49 -12.35 -9.97
CA GLN F 82 -3.51 -10.90 -10.08
C GLN F 82 -2.07 -10.39 -10.13
N MET F 83 -1.69 -9.83 -11.27
CA MET F 83 -0.38 -9.20 -11.45
C MET F 83 -0.57 -7.69 -11.37
N ASN F 84 0.24 -7.03 -10.54
CA ASN F 84 -0.06 -5.66 -10.15
C ASN F 84 0.99 -4.63 -10.51
N SER F 85 2.28 -4.97 -10.51
CA SER F 85 3.33 -4.03 -10.93
C SER F 85 4.12 -4.71 -12.03
N LEU F 86 3.62 -4.62 -13.26
CA LEU F 86 4.20 -5.34 -14.38
C LEU F 86 5.40 -4.61 -14.95
N THR F 87 6.44 -5.38 -15.26
CA THR F 87 7.64 -4.88 -15.92
C THR F 87 7.82 -5.62 -17.24
N ALA F 88 8.72 -5.10 -18.08
CA ALA F 88 8.96 -5.73 -19.37
C ALA F 88 9.43 -7.17 -19.22
N ASP F 89 10.12 -7.48 -18.11
CA ASP F 89 10.59 -8.83 -17.87
C ASP F 89 9.46 -9.81 -17.57
N ASP F 90 8.23 -9.32 -17.39
CA ASP F 90 7.08 -10.18 -17.17
C ASP F 90 6.41 -10.62 -18.47
N THR F 91 6.90 -10.17 -19.62
CA THR F 91 6.35 -10.59 -20.89
C THR F 91 6.62 -12.08 -21.11
N ALA F 92 5.55 -12.87 -21.18
CA ALA F 92 5.68 -14.31 -21.30
C ALA F 92 4.32 -14.90 -21.64
N VAL F 93 4.31 -16.19 -21.94
CA VAL F 93 3.08 -16.97 -22.06
C VAL F 93 2.83 -17.63 -20.72
N TYR F 94 1.70 -17.31 -20.10
CA TYR F 94 1.39 -17.74 -18.75
C TYR F 94 0.50 -18.97 -18.77
N TYR F 95 1.01 -20.08 -18.25
CA TYR F 95 0.35 -21.37 -18.30
C TYR F 95 -0.38 -21.67 -17.00
N CYS F 96 -1.36 -22.58 -17.11
CA CYS F 96 -2.17 -23.04 -16.00
C CYS F 96 -1.99 -24.55 -15.87
N ALA F 97 -1.58 -25.01 -14.70
CA ALA F 97 -1.18 -26.39 -14.51
C ALA F 97 -1.91 -27.03 -13.34
N LYS F 98 -2.23 -28.31 -13.50
CA LYS F 98 -2.98 -29.09 -12.51
C LYS F 98 -2.04 -30.07 -11.83
N ASP F 99 -2.22 -30.25 -10.52
CA ASP F 99 -1.39 -31.19 -9.77
C ASP F 99 -1.75 -32.63 -10.14
N ARG F 100 -0.76 -33.52 -10.02
CA ARG F 100 -0.97 -34.91 -10.44
C ARG F 100 -2.08 -35.57 -9.64
N LEU F 101 -1.98 -35.56 -8.32
CA LEU F 101 -2.98 -36.16 -7.46
C LEU F 101 -3.65 -35.08 -6.61
N HIS F 102 -4.78 -35.45 -5.99
CA HIS F 102 -5.48 -34.54 -5.12
C HIS F 102 -4.87 -34.55 -3.72
N SER F 103 -5.38 -33.64 -2.88
CA SER F 103 -4.93 -33.51 -1.50
C SER F 103 -3.41 -33.36 -1.42
N GLY F 104 -2.88 -32.49 -2.27
CA GLY F 104 -1.44 -32.27 -2.31
C GLY F 104 -1.08 -30.79 -2.32
N LEU F 105 -0.01 -30.43 -3.02
CA LEU F 105 0.40 -29.03 -3.05
C LEU F 105 0.59 -28.46 -4.44
N GLY F 106 1.02 -29.27 -5.39
CA GLY F 106 1.33 -28.74 -6.71
C GLY F 106 2.74 -29.05 -7.11
N GLU F 107 3.32 -30.09 -6.50
CA GLU F 107 4.68 -30.49 -6.83
C GLU F 107 4.84 -30.81 -8.30
N LEU F 108 3.80 -31.38 -8.92
CA LEU F 108 3.84 -31.80 -10.30
C LEU F 108 2.81 -31.04 -11.11
N PHE F 109 3.08 -30.91 -12.41
CA PHE F 109 2.20 -30.23 -13.35
C PHE F 109 1.77 -31.27 -14.38
N SER F 110 0.71 -32.00 -14.05
CA SER F 110 0.31 -33.17 -14.85
C SER F 110 -0.44 -32.78 -16.11
N TYR F 111 -1.13 -31.64 -16.09
CA TYR F 111 -1.87 -31.19 -17.27
C TYR F 111 -1.71 -29.69 -17.42
N TRP F 112 -1.40 -29.25 -18.64
CA TRP F 112 -1.24 -27.85 -18.96
C TRP F 112 -2.29 -27.46 -19.99
N GLY F 113 -2.77 -26.23 -19.89
CA GLY F 113 -3.49 -25.61 -20.98
C GLY F 113 -2.55 -24.74 -21.78
N GLN F 114 -2.88 -24.53 -23.05
CA GLN F 114 -2.14 -23.55 -23.82
C GLN F 114 -2.41 -22.18 -23.22
N GLY F 115 -1.34 -21.50 -22.80
CA GLY F 115 -1.50 -20.34 -21.94
C GLY F 115 -2.12 -19.12 -22.57
N THR F 116 -1.96 -17.97 -21.92
CA THR F 116 -2.39 -16.69 -22.44
C THR F 116 -1.19 -15.75 -22.46
N LEU F 117 -1.07 -14.97 -23.53
CA LEU F 117 0.10 -14.15 -23.78
C LEU F 117 -0.05 -12.81 -23.08
N VAL F 118 0.90 -12.48 -22.20
CA VAL F 118 0.94 -11.21 -21.50
C VAL F 118 2.11 -10.40 -22.06
N THR F 119 1.81 -9.19 -22.52
CA THR F 119 2.83 -8.29 -23.09
C THR F 119 2.85 -7.02 -22.27
N VAL F 120 4.01 -6.69 -21.70
CA VAL F 120 4.19 -5.50 -20.89
C VAL F 120 5.08 -4.55 -21.67
N SER F 121 4.48 -3.47 -22.18
CA SER F 121 5.23 -2.49 -22.96
C SER F 121 4.43 -1.20 -23.02
N SER F 122 5.13 -0.07 -22.91
CA SER F 122 4.52 1.24 -23.08
C SER F 122 4.31 1.59 -24.55
N ALA F 123 4.76 0.74 -25.46
CA ALA F 123 4.50 0.97 -26.88
C ALA F 123 3.01 0.84 -27.18
N SER F 124 2.55 1.64 -28.14
CA SER F 124 1.13 1.67 -28.48
C SER F 124 0.77 0.47 -29.36
N THR F 125 -0.51 0.36 -29.70
CA THR F 125 -0.99 -0.67 -30.60
C THR F 125 -0.87 -0.18 -32.04
N LYS F 126 -0.38 -1.05 -32.92
CA LYS F 126 -0.15 -0.70 -34.31
C LYS F 126 -0.45 -1.90 -35.20
N GLY F 127 -1.29 -1.70 -36.19
CA GLY F 127 -1.67 -2.76 -37.10
C GLY F 127 -0.70 -2.92 -38.24
N PRO F 128 -0.63 -4.12 -38.81
CA PRO F 128 0.36 -4.40 -39.85
C PRO F 128 -0.08 -3.94 -41.22
N SER F 129 0.90 -3.84 -42.11
CA SER F 129 0.67 -3.68 -43.54
C SER F 129 1.05 -4.98 -44.24
N VAL F 130 0.25 -5.39 -45.20
CA VAL F 130 0.40 -6.69 -45.86
C VAL F 130 0.74 -6.45 -47.31
N PHE F 131 1.96 -6.82 -47.71
CA PHE F 131 2.42 -6.63 -49.07
C PHE F 131 2.62 -7.98 -49.76
N PRO F 132 2.32 -8.08 -51.05
CA PRO F 132 2.43 -9.36 -51.75
C PRO F 132 3.88 -9.67 -52.12
N LEU F 133 4.25 -10.94 -51.96
CA LEU F 133 5.53 -11.46 -52.43
C LEU F 133 5.23 -12.18 -53.74
N ALA F 134 5.30 -11.44 -54.84
CA ALA F 134 4.81 -11.95 -56.12
C ALA F 134 5.78 -12.96 -56.71
N PRO F 135 5.29 -14.01 -57.35
CA PRO F 135 6.17 -14.98 -57.99
C PRO F 135 6.62 -14.51 -59.36
N SER F 136 7.70 -15.12 -59.84
CA SER F 136 8.26 -14.77 -61.15
C SER F 136 8.86 -16.00 -61.83
N SER F 139 12.39 -15.94 -61.47
CA SER F 139 13.39 -15.90 -60.41
C SER F 139 12.86 -16.54 -59.13
N THR F 140 11.59 -16.91 -59.14
CA THR F 140 10.95 -17.61 -58.03
C THR F 140 10.17 -18.83 -58.51
N SER F 141 10.63 -19.45 -59.60
CA SER F 141 9.89 -20.57 -60.18
C SER F 141 10.82 -21.71 -60.59
N GLY F 142 11.87 -21.94 -59.82
CA GLY F 142 12.75 -23.07 -60.10
C GLY F 142 12.09 -24.39 -59.75
N GLY F 143 11.70 -25.15 -60.76
CA GLY F 143 10.97 -26.39 -60.55
C GLY F 143 9.52 -26.16 -60.14
N THR F 144 9.32 -25.43 -59.05
CA THR F 144 7.98 -25.08 -58.56
C THR F 144 7.98 -23.63 -58.12
N ALA F 145 6.88 -22.93 -58.40
CA ALA F 145 6.78 -21.51 -58.11
C ALA F 145 6.53 -21.26 -56.63
N ALA F 146 7.04 -20.12 -56.15
CA ALA F 146 6.91 -19.75 -54.74
C ALA F 146 6.39 -18.31 -54.64
N LEU F 147 5.43 -18.11 -53.75
CA LEU F 147 4.86 -16.79 -53.50
C LEU F 147 4.54 -16.69 -52.01
N GLY F 148 4.19 -15.48 -51.58
CA GLY F 148 3.91 -15.28 -50.17
C GLY F 148 3.41 -13.89 -49.89
N CYS F 149 3.34 -13.59 -48.59
CA CYS F 149 2.90 -12.30 -48.09
C CYS F 149 3.89 -11.77 -47.07
N LEU F 150 3.99 -10.45 -46.97
CA LEU F 150 4.89 -9.79 -46.03
C LEU F 150 4.04 -8.99 -45.04
N VAL F 151 3.93 -9.49 -43.81
CA VAL F 151 3.22 -8.81 -42.74
C VAL F 151 4.23 -7.97 -41.98
N LYS F 152 4.19 -6.65 -42.17
CA LYS F 152 5.25 -5.77 -41.71
C LYS F 152 4.72 -4.71 -40.74
N ASP F 153 5.54 -4.40 -39.74
CA ASP F 153 5.34 -3.27 -38.83
C ASP F 153 4.01 -3.37 -38.07
N TYR F 154 3.93 -4.39 -37.23
CA TYR F 154 2.79 -4.56 -36.34
C TYR F 154 3.26 -4.71 -34.89
N PHE F 155 2.31 -4.52 -33.97
CA PHE F 155 2.55 -4.63 -32.55
C PHE F 155 1.20 -4.69 -31.85
N PRO F 156 1.01 -5.59 -30.87
CA PRO F 156 1.98 -6.60 -30.45
C PRO F 156 1.77 -7.95 -31.13
N GLU F 157 2.44 -8.98 -30.60
CA GLU F 157 2.19 -10.34 -31.05
C GLU F 157 0.83 -10.82 -30.54
N PRO F 158 0.20 -11.78 -31.23
CA PRO F 158 0.60 -12.38 -32.51
C PRO F 158 -0.30 -11.98 -33.68
N VAL F 159 0.11 -12.34 -34.88
CA VAL F 159 -0.75 -12.30 -36.06
C VAL F 159 -1.00 -13.73 -36.51
N THR F 160 -2.11 -13.92 -37.22
CA THR F 160 -2.51 -15.23 -37.72
C THR F 160 -2.62 -15.13 -39.24
N VAL F 161 -1.87 -15.97 -39.95
CA VAL F 161 -1.81 -15.96 -41.39
C VAL F 161 -2.27 -17.30 -41.93
N SER F 162 -3.24 -17.28 -42.84
CA SER F 162 -3.72 -18.47 -43.53
C SER F 162 -3.80 -18.16 -45.02
N TRP F 163 -3.92 -19.22 -45.83
CA TRP F 163 -4.00 -19.10 -47.28
C TRP F 163 -5.28 -19.75 -47.77
N ASN F 164 -6.02 -19.02 -48.61
CA ASN F 164 -7.29 -19.50 -49.17
C ASN F 164 -8.26 -19.94 -48.07
N SER F 165 -8.35 -19.13 -47.02
CA SER F 165 -9.25 -19.37 -45.89
C SER F 165 -8.98 -20.71 -45.22
N GLY F 166 -7.72 -21.15 -45.23
CA GLY F 166 -7.32 -22.36 -44.54
C GLY F 166 -7.22 -23.60 -45.40
N ALA F 167 -7.69 -23.56 -46.65
CA ALA F 167 -7.62 -24.72 -47.53
C ALA F 167 -6.33 -24.73 -48.35
N LEU F 168 -5.20 -24.45 -47.68
CA LEU F 168 -3.88 -24.60 -48.29
C LEU F 168 -2.88 -24.76 -47.14
N THR F 169 -2.39 -25.97 -46.95
CA THR F 169 -1.48 -26.28 -45.85
C THR F 169 -0.15 -26.87 -46.28
N SER F 170 -0.13 -27.70 -47.33
CA SER F 170 1.13 -28.28 -47.79
C SER F 170 1.96 -27.23 -48.50
N GLY F 171 3.25 -27.18 -48.18
CA GLY F 171 4.15 -26.22 -48.78
C GLY F 171 4.07 -24.81 -48.22
N VAL F 172 3.29 -24.59 -47.16
CA VAL F 172 3.15 -23.27 -46.56
C VAL F 172 4.14 -23.15 -45.41
N HIS F 173 4.89 -22.06 -45.40
CA HIS F 173 5.83 -21.75 -44.32
C HIS F 173 5.54 -20.36 -43.81
N THR F 174 5.16 -20.26 -42.54
CA THR F 174 5.05 -18.98 -41.84
C THR F 174 6.21 -18.87 -40.88
N PHE F 175 7.00 -17.81 -41.02
CA PHE F 175 8.24 -17.69 -40.28
C PHE F 175 8.01 -17.00 -38.95
N PRO F 176 8.89 -17.24 -37.97
CA PRO F 176 8.82 -16.47 -36.73
C PRO F 176 8.98 -14.98 -37.00
N ALA F 177 8.25 -14.17 -36.24
CA ALA F 177 8.37 -12.73 -36.38
C ALA F 177 9.74 -12.26 -35.90
N VAL F 178 10.15 -11.10 -36.39
CA VAL F 178 11.41 -10.47 -36.00
C VAL F 178 11.10 -9.11 -35.41
N LEU F 179 11.70 -8.83 -34.26
CA LEU F 179 11.54 -7.53 -33.60
C LEU F 179 12.49 -6.55 -34.28
N GLN F 180 11.93 -5.71 -35.16
CA GLN F 180 12.72 -4.73 -35.87
C GLN F 180 13.26 -3.68 -34.91
N SER F 181 14.24 -2.91 -35.38
CA SER F 181 14.83 -1.86 -34.56
C SER F 181 13.83 -0.76 -34.24
N SER F 182 12.72 -0.66 -34.98
CA SER F 182 11.70 0.33 -34.73
C SER F 182 10.75 -0.07 -33.62
N GLY F 183 10.95 -1.23 -32.98
CA GLY F 183 10.05 -1.70 -31.96
C GLY F 183 8.81 -2.39 -32.47
N LEU F 184 8.71 -2.63 -33.77
CA LEU F 184 7.55 -3.28 -34.36
C LEU F 184 7.94 -4.65 -34.90
N TYR F 185 6.97 -5.55 -34.91
CA TYR F 185 7.18 -6.91 -35.41
C TYR F 185 6.92 -6.97 -36.91
N SER F 186 7.58 -7.93 -37.56
CA SER F 186 7.37 -8.20 -38.97
C SER F 186 7.60 -9.68 -39.22
N LEU F 187 6.83 -10.26 -40.15
CA LEU F 187 7.04 -11.63 -40.56
C LEU F 187 6.59 -11.80 -41.99
N SER F 188 6.87 -12.98 -42.54
CA SER F 188 6.46 -13.35 -43.87
C SER F 188 5.93 -14.77 -43.85
N SER F 189 5.00 -15.07 -44.77
CA SER F 189 4.44 -16.40 -44.92
C SER F 189 4.49 -16.76 -46.39
N VAL F 190 5.38 -17.67 -46.76
CA VAL F 190 5.55 -18.08 -48.14
C VAL F 190 4.84 -19.42 -48.35
N VAL F 191 4.59 -19.74 -49.62
CA VAL F 191 3.97 -21.01 -49.99
C VAL F 191 4.42 -21.37 -51.40
N THR F 192 4.93 -22.58 -51.57
CA THR F 192 5.35 -23.07 -52.87
C THR F 192 4.21 -23.84 -53.53
N VAL F 193 3.92 -23.50 -54.78
CA VAL F 193 2.84 -24.16 -55.53
C VAL F 193 3.39 -24.57 -56.89
N PRO F 194 2.78 -25.56 -57.52
CA PRO F 194 3.18 -25.91 -58.89
C PRO F 194 3.00 -24.73 -59.83
N SER F 195 3.99 -24.52 -60.70
CA SER F 195 3.93 -23.43 -61.66
C SER F 195 2.75 -23.57 -62.61
N SER F 196 2.25 -24.79 -62.82
CA SER F 196 1.14 -25.01 -63.74
C SER F 196 -0.16 -24.37 -63.25
N SER F 197 -0.29 -24.11 -61.96
CA SER F 197 -1.54 -23.64 -61.37
C SER F 197 -1.56 -22.13 -61.17
N LEU F 198 -0.54 -21.40 -61.63
CA LEU F 198 -0.53 -19.95 -61.48
C LEU F 198 -1.71 -19.32 -62.22
N GLY F 199 -2.00 -19.80 -63.43
CA GLY F 199 -3.14 -19.32 -64.17
C GLY F 199 -4.46 -19.98 -63.82
N THR F 200 -4.42 -21.09 -63.08
CA THR F 200 -5.62 -21.81 -62.70
C THR F 200 -6.18 -21.35 -61.36
N GLN F 201 -5.32 -21.26 -60.34
CA GLN F 201 -5.73 -21.00 -58.98
C GLN F 201 -5.28 -19.61 -58.54
N THR F 202 -6.16 -18.91 -57.83
CA THR F 202 -5.86 -17.61 -57.26
C THR F 202 -5.56 -17.77 -55.78
N TYR F 203 -4.45 -17.18 -55.33
CA TYR F 203 -3.99 -17.32 -53.96
C TYR F 203 -4.20 -16.01 -53.21
N ILE F 204 -4.89 -16.10 -52.07
CA ILE F 204 -5.09 -14.97 -51.17
C ILE F 204 -4.59 -15.37 -49.80
N CYS F 205 -3.84 -14.48 -49.16
CA CYS F 205 -3.39 -14.71 -47.79
C CYS F 205 -4.28 -13.92 -46.83
N ASN F 206 -4.68 -14.58 -45.75
CA ASN F 206 -5.57 -13.99 -44.76
C ASN F 206 -4.73 -13.64 -43.54
N VAL F 207 -4.49 -12.35 -43.33
CA VAL F 207 -3.76 -11.87 -42.17
C VAL F 207 -4.76 -11.30 -41.18
N ASN F 208 -4.59 -11.65 -39.90
CA ASN F 208 -5.49 -11.19 -38.85
C ASN F 208 -4.68 -10.86 -37.61
N HIS F 209 -4.75 -9.60 -37.19
CA HIS F 209 -4.07 -9.13 -35.97
C HIS F 209 -5.15 -8.63 -35.02
N LYS F 210 -5.59 -9.52 -34.13
CA LYS F 210 -6.70 -9.17 -33.23
C LYS F 210 -6.42 -8.01 -32.28
N PRO F 211 -5.20 -7.79 -31.75
CA PRO F 211 -5.02 -6.65 -30.84
C PRO F 211 -5.31 -5.31 -31.48
N SER F 212 -5.19 -5.20 -32.81
CA SER F 212 -5.43 -3.95 -33.51
C SER F 212 -6.68 -3.99 -34.38
N ASN F 213 -7.43 -5.10 -34.37
CA ASN F 213 -8.64 -5.25 -35.20
C ASN F 213 -8.29 -5.06 -36.68
N THR F 214 -7.27 -5.77 -37.13
CA THR F 214 -6.79 -5.69 -38.51
C THR F 214 -7.03 -7.02 -39.20
N LYS F 215 -7.86 -7.01 -40.24
CA LYS F 215 -8.11 -8.18 -41.07
C LYS F 215 -7.86 -7.79 -42.52
N VAL F 216 -6.83 -8.38 -43.12
CA VAL F 216 -6.42 -8.03 -44.48
C VAL F 216 -6.37 -9.31 -45.31
N ASP F 217 -6.94 -9.25 -46.52
CA ASP F 217 -6.90 -10.35 -47.47
C ASP F 217 -6.33 -9.80 -48.78
N LYS F 218 -5.07 -10.12 -49.06
CA LYS F 218 -4.38 -9.64 -50.25
C LYS F 218 -4.24 -10.76 -51.27
N ARG F 219 -4.61 -10.48 -52.51
CA ARG F 219 -4.42 -11.43 -53.60
C ARG F 219 -3.00 -11.31 -54.13
N VAL F 220 -2.27 -12.41 -54.11
CA VAL F 220 -0.89 -12.44 -54.58
C VAL F 220 -0.91 -12.78 -56.07
N GLU F 221 -0.53 -11.80 -56.90
CA GLU F 221 -0.55 -11.97 -58.35
C GLU F 221 0.87 -11.88 -58.91
N PRO F 222 1.20 -12.69 -59.92
CA PRO F 222 2.51 -12.64 -60.59
C PRO F 222 2.80 -11.28 -61.24
N ASP G 1 18.55 -20.79 -3.83
CA ASP G 1 17.57 -21.82 -4.15
C ASP G 1 18.25 -23.07 -4.68
N ILE G 2 17.55 -23.80 -5.53
CA ILE G 2 18.07 -24.99 -6.20
C ILE G 2 18.17 -24.68 -7.69
N GLN G 3 19.38 -24.75 -8.23
CA GLN G 3 19.64 -24.48 -9.63
C GLN G 3 19.68 -25.79 -10.40
N MET G 4 18.91 -25.87 -11.48
CA MET G 4 18.87 -27.05 -12.32
C MET G 4 19.66 -26.81 -13.60
N THR G 5 20.47 -27.79 -13.98
CA THR G 5 21.31 -27.69 -15.16
C THR G 5 21.18 -28.97 -15.98
N GLN G 6 20.79 -28.83 -17.24
CA GLN G 6 20.69 -29.95 -18.16
C GLN G 6 21.88 -29.96 -19.10
N SER G 7 22.14 -31.14 -19.67
CA SER G 7 23.26 -31.29 -20.60
C SER G 7 22.99 -32.46 -21.54
N PRO G 8 23.12 -32.25 -22.86
CA PRO G 8 23.52 -30.97 -23.45
C PRO G 8 22.34 -30.03 -23.68
N SER G 9 22.62 -28.79 -24.07
CA SER G 9 21.55 -27.87 -24.42
C SER G 9 20.78 -28.34 -25.65
N THR G 10 21.49 -28.89 -26.64
CA THR G 10 20.88 -29.38 -27.86
C THR G 10 21.66 -30.58 -28.35
N LEU G 11 20.94 -31.55 -28.93
CA LEU G 11 21.55 -32.73 -29.51
C LEU G 11 20.74 -33.17 -30.71
N SER G 12 21.44 -33.65 -31.73
CA SER G 12 20.81 -34.17 -32.95
C SER G 12 21.04 -35.67 -33.00
N ALA G 13 19.95 -36.43 -33.16
CA ALA G 13 20.04 -37.88 -33.19
C ALA G 13 19.14 -38.41 -34.29
N SER G 14 19.48 -39.61 -34.78
CA SER G 14 18.72 -40.26 -35.84
C SER G 14 17.59 -41.08 -35.25
N VAL G 15 16.54 -41.29 -36.05
CA VAL G 15 15.41 -42.09 -35.61
C VAL G 15 15.86 -43.52 -35.34
N GLY G 16 15.56 -44.01 -34.14
CA GLY G 16 15.99 -45.33 -33.73
C GLY G 16 17.21 -45.37 -32.83
N ASP G 17 17.74 -44.21 -32.45
CA ASP G 17 18.92 -44.14 -31.59
C ASP G 17 18.50 -44.02 -30.13
N ARG G 18 19.49 -44.19 -29.25
CA ARG G 18 19.29 -44.05 -27.81
C ARG G 18 19.84 -42.71 -27.36
N VAL G 19 19.04 -41.96 -26.61
CA VAL G 19 19.38 -40.61 -26.18
C VAL G 19 19.45 -40.57 -24.67
N ASN G 20 20.54 -40.04 -24.14
CA ASN G 20 20.72 -39.84 -22.70
C ASN G 20 20.73 -38.33 -22.43
N ILE G 21 19.72 -37.84 -21.73
CA ILE G 21 19.63 -36.44 -21.35
C ILE G 21 19.96 -36.34 -19.86
N THR G 22 20.97 -35.54 -19.54
CA THR G 22 21.45 -35.37 -18.18
C THR G 22 20.80 -34.16 -17.54
N CYS G 23 20.56 -34.25 -16.23
CA CYS G 23 19.94 -33.17 -15.47
C CYS G 23 20.55 -33.16 -14.08
N ARG G 24 21.40 -32.18 -13.80
CA ARG G 24 22.08 -32.08 -12.52
C ARG G 24 21.44 -31.00 -11.66
N ALA G 25 21.49 -31.20 -10.34
CA ALA G 25 20.91 -30.28 -9.37
C ALA G 25 21.97 -29.82 -8.38
N SER G 26 21.84 -28.58 -7.91
CA SER G 26 22.82 -28.01 -7.00
C SER G 26 22.66 -28.53 -5.57
N GLN G 27 21.50 -29.06 -5.21
CA GLN G 27 21.26 -29.64 -3.90
C GLN G 27 20.74 -31.07 -4.07
N SER G 28 20.59 -31.76 -2.94
CA SER G 28 20.12 -33.14 -2.96
C SER G 28 18.60 -33.17 -3.04
N ILE G 29 18.08 -33.87 -4.04
CA ILE G 29 16.64 -33.97 -4.26
C ILE G 29 16.12 -35.36 -3.91
N ASN G 30 16.96 -36.39 -3.95
CA ASN G 30 16.84 -37.77 -3.50
C ASN G 30 15.96 -38.69 -4.35
N GLN G 31 14.87 -38.19 -4.94
CA GLN G 31 14.37 -38.70 -6.21
C GLN G 31 13.39 -37.70 -6.83
N TRP G 32 13.14 -36.59 -6.15
CA TRP G 32 12.01 -35.72 -6.47
C TRP G 32 12.32 -34.90 -7.72
N LEU G 33 12.34 -35.59 -8.85
CA LEU G 33 12.60 -34.98 -10.15
C LEU G 33 11.51 -35.40 -11.14
N ALA G 34 11.02 -34.42 -11.90
CA ALA G 34 10.05 -34.66 -12.95
C ALA G 34 10.63 -34.27 -14.30
N TRP G 35 10.08 -34.86 -15.35
CA TRP G 35 10.47 -34.58 -16.73
C TRP G 35 9.26 -34.16 -17.53
N TYR G 36 9.44 -33.19 -18.42
CA TYR G 36 8.36 -32.67 -19.24
C TYR G 36 8.79 -32.62 -20.69
N GLN G 37 7.81 -32.67 -21.59
CA GLN G 37 8.03 -32.62 -23.03
C GLN G 37 7.20 -31.50 -23.63
N GLN G 38 7.81 -30.71 -24.51
CA GLN G 38 7.10 -29.63 -25.19
C GLN G 38 7.49 -29.61 -26.65
N LYS G 39 6.51 -29.76 -27.53
CA LYS G 39 6.71 -29.48 -28.94
C LYS G 39 6.54 -28.00 -29.20
N PRO G 40 7.18 -27.46 -30.25
CA PRO G 40 7.09 -26.02 -30.50
C PRO G 40 5.66 -25.57 -30.74
N GLY G 41 5.31 -24.42 -30.17
CA GLY G 41 3.96 -23.91 -30.25
C GLY G 41 2.92 -24.71 -29.49
N LYS G 42 3.32 -25.74 -28.76
CA LYS G 42 2.40 -26.58 -28.00
C LYS G 42 2.64 -26.40 -26.51
N ALA G 43 1.66 -26.85 -25.73
CA ALA G 43 1.78 -26.80 -24.28
C ALA G 43 2.65 -27.96 -23.78
N PRO G 44 3.40 -27.76 -22.69
CA PRO G 44 4.25 -28.83 -22.16
C PRO G 44 3.42 -30.04 -21.74
N LYS G 45 4.06 -31.21 -21.78
CA LYS G 45 3.41 -32.47 -21.47
C LYS G 45 4.15 -33.17 -20.34
N PHE G 46 3.40 -33.62 -19.33
CA PHE G 46 3.98 -34.31 -18.20
C PHE G 46 4.32 -35.75 -18.57
N LEU G 47 5.58 -36.12 -18.36
CA LEU G 47 6.08 -37.43 -18.77
C LEU G 47 6.40 -38.35 -17.60
N MET G 48 7.11 -37.85 -16.59
CA MET G 48 7.75 -38.73 -15.62
C MET G 48 7.89 -37.99 -14.29
N TYR G 49 7.84 -38.75 -13.21
CA TYR G 49 8.03 -38.23 -11.86
C TYR G 49 8.79 -39.26 -11.03
N LYS G 50 9.24 -38.84 -9.85
CA LYS G 50 10.14 -39.62 -9.01
C LYS G 50 11.38 -40.08 -9.78
N ALA G 51 11.71 -39.35 -10.84
CA ALA G 51 12.92 -39.53 -11.66
C ALA G 51 12.94 -40.84 -12.43
N SER G 52 11.99 -41.75 -12.17
CA SER G 52 11.93 -42.99 -12.94
C SER G 52 10.52 -43.47 -13.28
N THR G 53 9.48 -42.80 -12.81
CA THR G 53 8.12 -43.33 -12.89
C THR G 53 7.36 -42.62 -14.00
N LEU G 54 7.00 -43.38 -15.04
CA LEU G 54 6.27 -42.82 -16.17
C LEU G 54 4.84 -42.49 -15.77
N GLU G 55 4.32 -41.40 -16.31
CA GLU G 55 2.89 -41.13 -16.23
C GLU G 55 2.15 -42.06 -17.18
N THR G 56 1.01 -42.58 -16.72
CA THR G 56 0.25 -43.55 -17.50
C THR G 56 -0.06 -43.00 -18.89
N GLY G 57 0.28 -43.79 -19.91
CA GLY G 57 0.15 -43.38 -21.30
C GLY G 57 1.47 -43.12 -21.99
N VAL G 58 2.52 -42.80 -21.24
CA VAL G 58 3.82 -42.53 -21.85
C VAL G 58 4.44 -43.84 -22.33
N PRO G 59 5.00 -43.89 -23.54
CA PRO G 59 5.58 -45.15 -24.03
C PRO G 59 6.74 -45.61 -23.17
N SER G 60 6.88 -46.94 -23.06
CA SER G 60 7.89 -47.54 -22.20
C SER G 60 9.32 -47.31 -22.69
N ARG G 61 9.50 -46.80 -23.91
CA ARG G 61 10.84 -46.45 -24.37
C ARG G 61 11.42 -45.29 -23.59
N PHE G 62 10.58 -44.50 -22.93
CA PHE G 62 11.04 -43.48 -22.00
C PHE G 62 11.40 -44.11 -20.66
N SER G 63 12.52 -43.69 -20.08
CA SER G 63 12.93 -44.19 -18.78
C SER G 63 13.87 -43.19 -18.15
N GLY G 64 13.85 -43.14 -16.82
CA GLY G 64 14.72 -42.27 -16.06
C GLY G 64 15.37 -43.00 -14.91
N SER G 65 16.40 -42.37 -14.36
CA SER G 65 17.14 -42.95 -13.24
C SER G 65 17.91 -41.84 -12.54
N GLY G 66 18.37 -42.14 -11.33
CA GLY G 66 19.19 -41.20 -10.59
C GLY G 66 18.63 -40.84 -9.24
N SER G 67 19.51 -40.44 -8.31
CA SER G 67 19.11 -39.98 -6.99
C SER G 67 20.15 -39.01 -6.48
N GLY G 68 19.69 -38.00 -5.73
CA GLY G 68 20.60 -37.01 -5.20
C GLY G 68 20.75 -35.80 -6.10
N THR G 69 21.83 -35.76 -6.89
CA THR G 69 22.09 -34.65 -7.79
C THR G 69 22.28 -35.05 -9.24
N GLU G 70 22.41 -36.34 -9.55
CA GLU G 70 22.65 -36.81 -10.91
C GLU G 70 21.40 -37.54 -11.39
N PHE G 71 20.84 -37.07 -12.51
CA PHE G 71 19.61 -37.63 -13.03
C PHE G 71 19.68 -37.71 -14.55
N THR G 72 19.14 -38.79 -15.12
CA THR G 72 19.25 -39.05 -16.54
C THR G 72 17.89 -39.47 -17.09
N LEU G 73 17.55 -38.97 -18.28
CA LEU G 73 16.39 -39.41 -19.03
C LEU G 73 16.85 -40.14 -20.28
N THR G 74 16.27 -41.29 -20.56
CA THR G 74 16.69 -42.16 -21.64
C THR G 74 15.52 -42.46 -22.57
N ILE G 75 15.76 -42.33 -23.88
CA ILE G 75 14.80 -42.69 -24.90
C ILE G 75 15.46 -43.77 -25.75
N SER G 76 15.02 -45.02 -25.59
CA SER G 76 15.72 -46.15 -26.18
C SER G 76 15.63 -46.14 -27.71
N SER G 77 14.42 -46.23 -28.25
CA SER G 77 14.19 -46.25 -29.69
C SER G 77 13.51 -44.93 -30.06
N LEU G 78 14.32 -43.95 -30.41
CA LEU G 78 13.84 -42.61 -30.72
C LEU G 78 12.84 -42.62 -31.87
N GLN G 79 11.59 -42.28 -31.57
CA GLN G 79 10.53 -42.21 -32.55
C GLN G 79 10.34 -40.78 -33.06
N PRO G 80 9.76 -40.61 -34.25
CA PRO G 80 9.55 -39.24 -34.75
C PRO G 80 8.72 -38.38 -33.82
N ASP G 81 7.74 -38.96 -33.13
CA ASP G 81 6.87 -38.19 -32.24
C ASP G 81 7.59 -37.75 -30.96
N ASP G 82 8.83 -38.18 -30.74
CA ASP G 82 9.56 -37.86 -29.52
C ASP G 82 10.51 -36.67 -29.68
N PHE G 83 10.68 -36.16 -30.89
CA PHE G 83 11.56 -35.02 -31.10
C PHE G 83 10.89 -33.76 -30.59
N ALA G 84 11.41 -33.21 -29.50
CA ALA G 84 10.86 -32.02 -28.85
C ALA G 84 11.92 -31.51 -27.86
N THR G 85 11.54 -30.54 -27.06
CA THR G 85 12.40 -30.02 -26.00
C THR G 85 11.97 -30.62 -24.66
N TYR G 86 12.95 -31.07 -23.88
CA TYR G 86 12.70 -31.77 -22.63
C TYR G 86 13.25 -30.96 -21.47
N TYR G 87 12.37 -30.64 -20.51
CA TYR G 87 12.73 -29.88 -19.32
C TYR G 87 12.61 -30.78 -18.10
N CYS G 88 13.64 -30.77 -17.25
CA CYS G 88 13.57 -31.46 -15.97
C CYS G 88 13.20 -30.46 -14.88
N GLN G 89 12.51 -30.96 -13.86
CA GLN G 89 12.03 -30.14 -12.76
C GLN G 89 12.15 -30.91 -11.45
N HIS G 90 12.57 -30.22 -10.40
CA HIS G 90 12.61 -30.77 -9.06
C HIS G 90 11.36 -30.37 -8.29
N TYR G 91 10.96 -31.22 -7.36
CA TYR G 91 9.86 -30.88 -6.45
C TYR G 91 10.23 -31.26 -5.02
N PHE G 92 11.43 -30.84 -4.59
CA PHE G 92 11.85 -31.05 -3.21
C PHE G 92 11.27 -29.98 -2.29
N SER G 93 11.63 -28.72 -2.52
CA SER G 93 11.11 -27.59 -1.75
C SER G 93 10.48 -26.59 -2.71
N TYR G 94 9.54 -25.81 -2.19
CA TYR G 94 8.58 -25.12 -3.04
C TYR G 94 9.17 -24.12 -4.05
N PRO G 95 10.39 -23.61 -3.89
CA PRO G 95 10.97 -22.91 -5.03
C PRO G 95 11.23 -23.88 -6.18
N TRP G 96 10.16 -24.30 -6.86
CA TRP G 96 10.32 -25.18 -8.00
C TRP G 96 11.13 -24.47 -9.08
N THR G 97 12.13 -25.17 -9.61
CA THR G 97 12.94 -24.63 -10.69
C THR G 97 13.12 -25.69 -11.77
N PHE G 98 13.17 -25.23 -13.01
CA PHE G 98 13.49 -26.08 -14.15
C PHE G 98 14.96 -25.87 -14.55
N GLY G 99 15.37 -26.62 -15.56
CA GLY G 99 16.61 -26.34 -16.25
C GLY G 99 16.28 -25.94 -17.67
N GLN G 100 17.15 -25.13 -18.28
CA GLN G 100 16.96 -24.78 -19.68
C GLN G 100 16.96 -26.04 -20.52
N GLY G 101 15.88 -26.25 -21.25
CA GLY G 101 15.60 -27.57 -21.80
C GLY G 101 16.66 -28.05 -22.78
N THR G 102 16.63 -29.36 -23.01
CA THR G 102 17.46 -30.00 -24.02
C THR G 102 16.61 -30.21 -25.27
N LYS G 103 17.01 -29.60 -26.38
CA LYS G 103 16.29 -29.71 -27.63
C LYS G 103 16.85 -30.89 -28.43
N VAL G 104 15.94 -31.72 -28.95
CA VAL G 104 16.30 -32.91 -29.70
C VAL G 104 15.90 -32.69 -31.16
N GLU G 105 16.89 -32.71 -32.05
CA GLU G 105 16.68 -32.45 -33.47
C GLU G 105 16.85 -33.73 -34.27
N ILE G 106 15.99 -33.93 -35.26
CA ILE G 106 16.12 -35.08 -36.15
C ILE G 106 17.35 -34.90 -37.03
N LYS G 107 18.22 -35.89 -37.04
CA LYS G 107 19.37 -35.89 -37.92
C LYS G 107 19.02 -36.58 -39.22
N ARG G 108 19.32 -35.94 -40.35
CA ARG G 108 19.00 -36.48 -41.67
C ARG G 108 20.18 -36.20 -42.60
N THR G 109 20.00 -36.52 -43.87
CA THR G 109 21.04 -36.27 -44.86
C THR G 109 21.04 -34.81 -45.26
N VAL G 110 22.20 -34.33 -45.72
CA VAL G 110 22.37 -32.93 -46.06
C VAL G 110 21.52 -32.58 -47.26
N ALA G 111 20.72 -31.52 -47.14
CA ALA G 111 19.85 -31.04 -48.21
C ALA G 111 20.19 -29.58 -48.50
N ALA G 112 20.34 -29.26 -49.78
CA ALA G 112 20.63 -27.91 -50.20
C ALA G 112 19.34 -27.09 -50.29
N PRO G 113 19.41 -25.78 -50.05
CA PRO G 113 18.21 -24.95 -50.12
C PRO G 113 17.88 -24.53 -51.54
N SER G 114 16.60 -24.25 -51.75
CA SER G 114 16.12 -23.62 -52.97
C SER G 114 15.92 -22.15 -52.69
N VAL G 115 16.65 -21.30 -53.41
CA VAL G 115 16.69 -19.87 -53.14
C VAL G 115 15.68 -19.16 -54.04
N PHE G 116 14.87 -18.30 -53.43
CA PHE G 116 13.96 -17.43 -54.16
C PHE G 116 14.18 -16.00 -53.71
N ILE G 117 13.76 -15.04 -54.54
CA ILE G 117 13.94 -13.63 -54.23
C ILE G 117 12.72 -12.85 -54.72
N PHE G 118 12.20 -11.98 -53.87
CA PHE G 118 11.00 -11.22 -54.16
C PHE G 118 11.31 -9.73 -54.17
N PRO G 119 11.00 -9.01 -55.24
CA PRO G 119 11.17 -7.56 -55.23
C PRO G 119 10.05 -6.89 -54.44
N PRO G 120 10.28 -5.69 -53.91
CA PRO G 120 9.19 -5.00 -53.21
C PRO G 120 8.04 -4.67 -54.14
N SER G 121 6.85 -4.60 -53.57
CA SER G 121 5.65 -4.29 -54.33
C SER G 121 5.46 -2.79 -54.44
N ASP G 122 4.74 -2.37 -55.48
CA ASP G 122 4.40 -0.96 -55.63
C ASP G 122 3.60 -0.46 -54.44
N GLU G 123 2.84 -1.34 -53.80
CA GLU G 123 2.03 -0.95 -52.65
C GLU G 123 2.89 -0.51 -51.48
N GLN G 124 4.13 -1.02 -51.38
CA GLN G 124 5.05 -0.58 -50.36
C GLN G 124 5.95 0.55 -50.83
N LEU G 125 6.33 0.54 -52.11
CA LEU G 125 7.18 1.60 -52.65
C LEU G 125 6.50 2.96 -52.55
N LYS G 126 5.19 3.01 -52.80
CA LYS G 126 4.44 4.25 -52.69
C LYS G 126 4.37 4.77 -51.27
N SER G 127 4.81 4.00 -50.28
CA SER G 127 4.88 4.46 -48.89
C SER G 127 6.25 5.02 -48.52
N GLY G 128 7.28 4.73 -49.30
CA GLY G 128 8.61 5.26 -49.06
C GLY G 128 9.67 4.22 -48.72
N THR G 129 9.29 2.98 -48.42
CA THR G 129 10.24 1.95 -48.03
C THR G 129 10.19 0.80 -49.03
N ALA G 130 11.33 0.16 -49.22
CA ALA G 130 11.46 -1.01 -50.09
C ALA G 130 12.02 -2.17 -49.30
N SER G 131 11.31 -3.30 -49.32
CA SER G 131 11.75 -4.51 -48.65
C SER G 131 11.96 -5.61 -49.69
N VAL G 132 13.14 -6.20 -49.70
CA VAL G 132 13.47 -7.33 -50.57
C VAL G 132 13.60 -8.56 -49.70
N VAL G 133 12.91 -9.63 -50.07
CA VAL G 133 12.81 -10.84 -49.26
C VAL G 133 13.51 -11.97 -50.00
N CYS G 134 14.50 -12.59 -49.34
CA CYS G 134 15.14 -13.79 -49.84
C CYS G 134 14.59 -14.99 -49.09
N LEU G 135 14.40 -16.10 -49.81
CA LEU G 135 13.75 -17.29 -49.27
C LEU G 135 14.64 -18.50 -49.49
N LEU G 136 15.14 -19.08 -48.40
CA LEU G 136 15.82 -20.36 -48.41
C LEU G 136 14.81 -21.43 -48.01
N ASN G 137 14.78 -22.54 -48.75
CA ASN G 137 13.68 -23.49 -48.66
C ASN G 137 14.20 -24.91 -48.54
N ASN G 138 13.81 -25.60 -47.47
CA ASN G 138 13.99 -27.05 -47.29
C ASN G 138 15.46 -27.45 -47.38
N PHE G 139 16.22 -27.00 -46.40
CA PHE G 139 17.63 -27.31 -46.30
C PHE G 139 17.96 -27.93 -44.95
N TYR G 140 19.09 -28.65 -44.90
CA TYR G 140 19.62 -29.24 -43.69
C TYR G 140 21.12 -29.39 -43.89
N PRO G 141 21.95 -29.08 -42.88
CA PRO G 141 21.59 -28.65 -41.52
C PRO G 141 21.10 -27.21 -41.44
N ARG G 142 20.88 -26.73 -40.21
CA ARG G 142 20.25 -25.43 -40.00
C ARG G 142 21.19 -24.29 -40.40
N GLU G 143 22.49 -24.44 -40.13
CA GLU G 143 23.43 -23.35 -40.37
C GLU G 143 23.49 -22.98 -41.84
N ALA G 144 23.23 -21.70 -42.13
CA ALA G 144 23.31 -21.18 -43.48
C ALA G 144 23.66 -19.70 -43.42
N LYS G 145 24.34 -19.22 -44.46
CA LYS G 145 24.78 -17.83 -44.55
C LYS G 145 24.07 -17.16 -45.71
N VAL G 146 23.48 -15.99 -45.45
CA VAL G 146 22.76 -15.22 -46.46
C VAL G 146 23.43 -13.85 -46.55
N GLN G 147 24.13 -13.62 -47.65
CA GLN G 147 24.77 -12.33 -47.93
C GLN G 147 23.91 -11.53 -48.89
N TRP G 148 23.60 -10.29 -48.51
CA TRP G 148 22.84 -9.38 -49.37
C TRP G 148 23.79 -8.54 -50.21
N LYS G 149 23.48 -8.43 -51.50
CA LYS G 149 24.28 -7.64 -52.42
C LYS G 149 23.39 -6.63 -53.12
N VAL G 150 23.89 -5.41 -53.28
CA VAL G 150 23.21 -4.35 -54.02
C VAL G 150 24.23 -3.77 -55.00
N ASP G 151 24.06 -4.08 -56.28
CA ASP G 151 25.06 -3.77 -57.31
C ASP G 151 26.44 -4.25 -56.87
N ASN G 152 26.50 -5.51 -56.42
CA ASN G 152 27.71 -6.21 -55.99
C ASN G 152 28.31 -5.63 -54.71
N ALA G 153 27.58 -4.74 -54.02
CA ALA G 153 28.06 -4.16 -52.77
C ALA G 153 27.45 -4.93 -51.60
N LEU G 154 28.30 -5.51 -50.76
CA LEU G 154 27.84 -6.33 -49.65
C LEU G 154 27.17 -5.48 -48.59
N GLN G 155 25.89 -5.72 -48.36
CA GLN G 155 25.13 -4.97 -47.37
C GLN G 155 25.50 -5.45 -45.96
N SER G 156 25.14 -4.62 -44.97
CA SER G 156 25.40 -4.95 -43.58
C SER G 156 24.55 -4.05 -42.69
N GLY G 157 23.85 -4.64 -41.73
CA GLY G 157 23.08 -3.87 -40.77
C GLY G 157 21.74 -3.38 -41.24
N ASN G 158 21.21 -3.92 -42.34
CA ASN G 158 19.90 -3.52 -42.85
C ASN G 158 19.07 -4.73 -43.25
N SER G 159 19.30 -5.87 -42.60
CA SER G 159 18.58 -7.10 -42.92
C SER G 159 18.37 -7.92 -41.66
N GLN G 160 17.31 -8.71 -41.67
CA GLN G 160 17.00 -9.61 -40.56
C GLN G 160 16.57 -10.96 -41.11
N GLU G 161 16.97 -12.03 -40.42
CA GLU G 161 16.68 -13.39 -40.82
C GLU G 161 15.59 -13.98 -39.92
N SER G 162 15.09 -15.14 -40.35
CA SER G 162 14.07 -15.86 -39.60
C SER G 162 14.08 -17.31 -40.03
N VAL G 163 14.31 -18.22 -39.09
CA VAL G 163 14.37 -19.65 -39.37
C VAL G 163 13.16 -20.32 -38.74
N THR G 164 12.54 -21.22 -39.49
CA THR G 164 11.40 -21.97 -38.99
C THR G 164 11.87 -23.15 -38.15
N GLU G 165 10.91 -23.85 -37.56
CA GLU G 165 11.22 -25.09 -36.86
C GLU G 165 11.45 -26.21 -37.87
N GLN G 166 12.03 -27.30 -37.38
CA GLN G 166 12.30 -28.44 -38.25
C GLN G 166 11.00 -29.01 -38.78
N ASP G 167 10.93 -29.17 -40.10
CA ASP G 167 9.71 -29.62 -40.74
C ASP G 167 9.35 -31.03 -40.30
N SER G 168 8.04 -31.28 -40.14
CA SER G 168 7.56 -32.59 -39.72
C SER G 168 7.52 -33.60 -40.85
N LYS G 169 7.67 -33.17 -42.10
CA LYS G 169 7.60 -34.07 -43.25
C LYS G 169 8.99 -34.56 -43.65
N ASP G 170 9.92 -33.64 -43.93
CA ASP G 170 11.25 -34.00 -44.42
C ASP G 170 12.36 -33.53 -43.48
N SER G 171 12.03 -33.03 -42.29
CA SER G 171 13.02 -32.63 -41.29
C SER G 171 13.94 -31.52 -41.78
N THR G 172 13.42 -30.65 -42.65
CA THR G 172 14.23 -29.58 -43.23
C THR G 172 13.83 -28.24 -42.63
N TYR G 173 14.71 -27.27 -42.79
CA TYR G 173 14.51 -25.91 -42.31
C TYR G 173 14.26 -24.97 -43.48
N SER G 174 13.74 -23.79 -43.16
CA SER G 174 13.53 -22.74 -44.14
C SER G 174 13.89 -21.40 -43.51
N LEU G 175 14.50 -20.52 -44.29
CA LEU G 175 15.00 -19.25 -43.81
C LEU G 175 14.45 -18.12 -44.65
N SER G 176 14.00 -17.06 -43.99
CA SER G 176 13.52 -15.85 -44.64
C SER G 176 14.40 -14.68 -44.21
N SER G 177 14.92 -13.95 -45.18
CA SER G 177 15.77 -12.78 -44.92
C SER G 177 15.20 -11.59 -45.65
N THR G 178 14.91 -10.52 -44.89
CA THR G 178 14.33 -9.31 -45.44
C THR G 178 15.37 -8.20 -45.47
N LEU G 179 15.58 -7.61 -46.64
CA LEU G 179 16.50 -6.49 -46.82
C LEU G 179 15.66 -5.22 -46.97
N THR G 180 15.76 -4.31 -46.01
CA THR G 180 14.93 -3.12 -45.96
C THR G 180 15.75 -1.91 -46.38
N LEU G 181 15.28 -1.21 -47.41
CA LEU G 181 15.91 0.00 -47.91
C LEU G 181 14.85 1.09 -48.03
N SER G 182 15.30 2.34 -48.05
CA SER G 182 14.42 3.45 -48.38
C SER G 182 14.25 3.55 -49.88
N LYS G 183 13.08 4.04 -50.30
CA LYS G 183 12.79 4.15 -51.73
C LYS G 183 13.85 4.96 -52.46
N ALA G 184 14.44 5.95 -51.78
CA ALA G 184 15.53 6.72 -52.38
C ALA G 184 16.72 5.81 -52.69
N ASP G 185 17.16 5.03 -51.70
CA ASP G 185 18.27 4.11 -51.92
C ASP G 185 17.90 3.01 -52.91
N TYR G 186 16.63 2.60 -52.93
CA TYR G 186 16.24 1.49 -53.80
C TYR G 186 16.26 1.89 -55.26
N GLU G 187 15.84 3.12 -55.58
CA GLU G 187 15.73 3.55 -56.96
C GLU G 187 17.05 4.04 -57.55
N LYS G 188 18.13 4.08 -56.78
CA LYS G 188 19.44 4.46 -57.30
C LYS G 188 20.29 3.26 -57.65
N HIS G 189 19.77 2.04 -57.51
CA HIS G 189 20.51 0.82 -57.80
C HIS G 189 19.66 -0.09 -58.68
N LYS G 190 20.34 -1.03 -59.34
CA LYS G 190 19.69 -1.91 -60.31
C LYS G 190 19.62 -3.36 -59.84
N VAL G 191 20.76 -3.97 -59.50
CA VAL G 191 20.84 -5.40 -59.24
C VAL G 191 20.70 -5.64 -57.74
N TYR G 192 19.79 -6.55 -57.39
CA TYR G 192 19.58 -6.97 -56.00
C TYR G 192 19.70 -8.48 -55.94
N ALA G 193 20.58 -8.98 -55.07
CA ALA G 193 20.86 -10.40 -54.99
C ALA G 193 21.10 -10.81 -53.54
N CYS G 194 20.77 -12.07 -53.25
CA CYS G 194 21.16 -12.70 -51.99
C CYS G 194 22.05 -13.89 -52.30
N GLU G 195 23.22 -13.94 -51.68
CA GLU G 195 24.21 -14.99 -51.88
C GLU G 195 24.11 -15.96 -50.72
N VAL G 196 23.89 -17.24 -51.04
CA VAL G 196 23.63 -18.27 -50.04
C VAL G 196 24.82 -19.21 -49.98
N THR G 197 25.36 -19.41 -48.78
CA THR G 197 26.41 -20.40 -48.52
C THR G 197 25.83 -21.49 -47.64
N HIS G 198 25.86 -22.73 -48.12
CA HIS G 198 25.34 -23.86 -47.36
C HIS G 198 26.23 -25.07 -47.58
N GLN G 199 26.20 -25.98 -46.60
CA GLN G 199 27.02 -27.19 -46.67
C GLN G 199 26.64 -28.07 -47.84
N GLY G 200 25.37 -28.06 -48.24
CA GLY G 200 24.93 -28.86 -49.37
C GLY G 200 25.20 -28.28 -50.74
N LEU G 201 25.92 -27.16 -50.82
CA LEU G 201 26.22 -26.50 -52.07
C LEU G 201 27.71 -26.58 -52.36
N SER G 202 28.06 -26.82 -53.62
CA SER G 202 29.47 -26.84 -54.02
C SER G 202 30.05 -25.44 -54.08
N SER G 203 29.23 -24.44 -54.41
CA SER G 203 29.64 -23.05 -54.48
C SER G 203 28.44 -22.19 -54.13
N PRO G 204 28.66 -20.98 -53.62
CA PRO G 204 27.53 -20.13 -53.23
C PRO G 204 26.60 -19.85 -54.41
N VAL G 205 25.31 -19.96 -54.17
CA VAL G 205 24.26 -19.72 -55.16
C VAL G 205 23.74 -18.30 -54.99
N THR G 206 23.44 -17.65 -56.11
CA THR G 206 22.98 -16.26 -56.10
C THR G 206 21.72 -16.15 -56.93
N LYS G 207 20.63 -15.71 -56.30
CA LYS G 207 19.39 -15.36 -56.98
C LYS G 207 19.26 -13.85 -57.00
N SER G 208 18.96 -13.29 -58.17
CA SER G 208 18.93 -11.85 -58.32
C SER G 208 17.81 -11.45 -59.27
N PHE G 209 17.48 -10.15 -59.24
CA PHE G 209 16.61 -9.53 -60.22
C PHE G 209 17.15 -8.14 -60.53
N ASN G 210 16.77 -7.62 -61.69
CA ASN G 210 17.12 -6.27 -62.09
C ASN G 210 15.93 -5.36 -61.85
N ARG G 211 16.16 -4.25 -61.15
CA ARG G 211 15.09 -3.32 -60.82
C ARG G 211 14.40 -2.82 -62.09
N GLY G 212 13.12 -3.12 -62.21
CA GLY G 212 12.38 -2.83 -63.42
C GLY G 212 12.34 -4.00 -64.37
N GLU G 213 13.52 -4.45 -64.82
CA GLU G 213 13.61 -5.60 -65.71
C GLU G 213 13.16 -6.88 -65.03
N GLU H 1 -31.05 -7.91 -3.69
CA GLU H 1 -29.66 -7.51 -3.92
C GLU H 1 -29.11 -8.17 -5.18
N VAL H 2 -29.87 -8.09 -6.26
CA VAL H 2 -29.48 -8.71 -7.53
C VAL H 2 -28.40 -7.88 -8.19
N GLN H 3 -27.49 -8.55 -8.89
CA GLN H 3 -26.42 -7.87 -9.62
C GLN H 3 -26.19 -8.58 -10.94
N LEU H 4 -26.25 -7.82 -12.03
CA LEU H 4 -26.06 -8.34 -13.38
C LEU H 4 -24.80 -7.71 -13.96
N LEU H 5 -23.77 -8.53 -14.20
CA LEU H 5 -22.49 -8.07 -14.71
C LEU H 5 -22.27 -8.66 -16.10
N GLU H 6 -22.17 -7.80 -17.11
CA GLU H 6 -21.92 -8.25 -18.46
C GLU H 6 -20.43 -8.18 -18.78
N SER H 7 -20.06 -8.79 -19.90
CA SER H 7 -18.70 -8.75 -20.42
C SER H 7 -18.72 -9.27 -21.85
N GLY H 8 -17.61 -9.06 -22.55
CA GLY H 8 -17.42 -9.57 -23.89
C GLY H 8 -17.45 -8.53 -24.99
N GLY H 9 -17.93 -7.33 -24.71
CA GLY H 9 -17.98 -6.30 -25.73
C GLY H 9 -16.59 -5.84 -26.13
N ARG H 10 -16.38 -5.71 -27.44
CA ARG H 10 -15.09 -5.29 -27.97
C ARG H 10 -15.30 -4.83 -29.41
N LEU H 11 -14.22 -4.35 -30.02
CA LEU H 11 -14.23 -3.97 -31.42
C LEU H 11 -14.11 -5.22 -32.29
N VAL H 12 -14.99 -5.33 -33.29
CA VAL H 12 -15.00 -6.47 -34.19
C VAL H 12 -15.19 -5.98 -35.62
N GLN H 13 -14.67 -6.74 -36.57
CA GLN H 13 -14.82 -6.42 -37.98
C GLN H 13 -16.23 -6.78 -38.46
N PRO H 14 -16.73 -6.07 -39.46
CA PRO H 14 -18.03 -6.44 -40.04
C PRO H 14 -18.01 -7.86 -40.57
N GLY H 15 -19.06 -8.62 -40.24
CA GLY H 15 -19.13 -10.02 -40.57
C GLY H 15 -18.49 -10.95 -39.55
N GLY H 16 -17.86 -10.41 -38.51
CA GLY H 16 -17.21 -11.22 -37.52
C GLY H 16 -18.16 -11.72 -36.44
N SER H 17 -17.63 -12.55 -35.55
CA SER H 17 -18.37 -13.13 -34.46
C SER H 17 -17.96 -12.51 -33.14
N LEU H 18 -18.81 -12.68 -32.13
CA LEU H 18 -18.56 -12.16 -30.80
C LEU H 18 -19.51 -12.82 -29.83
N THR H 19 -19.01 -13.14 -28.64
CA THR H 19 -19.80 -13.79 -27.60
C THR H 19 -19.92 -12.86 -26.38
N LEU H 20 -21.15 -12.63 -25.96
CA LEU H 20 -21.43 -11.87 -24.75
C LEU H 20 -21.82 -12.82 -23.62
N SER H 21 -21.50 -12.42 -22.40
CA SER H 21 -21.84 -13.21 -21.22
C SER H 21 -22.34 -12.28 -20.12
N CYS H 22 -23.29 -12.80 -19.33
CA CYS H 22 -23.87 -12.06 -18.22
C CYS H 22 -23.89 -12.98 -17.00
N ALA H 23 -23.18 -12.59 -15.95
CA ALA H 23 -23.15 -13.33 -14.70
C ALA H 23 -24.17 -12.72 -13.74
N ALA H 24 -25.11 -13.54 -13.28
CA ALA H 24 -26.23 -13.09 -12.47
C ALA H 24 -26.12 -13.63 -11.06
N SER H 25 -26.31 -12.76 -10.07
CA SER H 25 -26.29 -13.16 -8.67
C SER H 25 -27.38 -12.42 -7.92
N GLY H 26 -27.83 -13.01 -6.83
CA GLY H 26 -28.78 -12.37 -5.94
C GLY H 26 -30.23 -12.78 -6.08
N PHE H 27 -30.51 -13.91 -6.72
CA PHE H 27 -31.88 -14.39 -6.91
C PHE H 27 -31.80 -15.78 -7.53
N PRO H 28 -32.90 -16.55 -7.46
CA PRO H 28 -32.88 -17.88 -8.08
C PRO H 28 -32.85 -17.78 -9.59
N PHE H 29 -31.68 -18.04 -10.19
CA PHE H 29 -31.47 -17.73 -11.59
C PHE H 29 -32.25 -18.69 -12.50
N SER H 30 -32.35 -19.96 -12.10
CA SER H 30 -32.89 -20.98 -12.99
C SER H 30 -34.40 -20.86 -13.21
N THR H 31 -35.10 -20.08 -12.40
CA THR H 31 -36.55 -19.97 -12.53
C THR H 31 -36.99 -18.65 -13.16
N TYR H 32 -36.08 -17.71 -13.38
CA TYR H 32 -36.42 -16.43 -13.97
C TYR H 32 -36.05 -16.40 -15.44
N ALA H 33 -36.77 -15.56 -16.19
CA ALA H 33 -36.52 -15.39 -17.62
C ALA H 33 -35.55 -14.23 -17.83
N MET H 34 -34.52 -14.46 -18.63
CA MET H 34 -33.51 -13.45 -18.92
C MET H 34 -33.64 -12.97 -20.36
N SER H 35 -33.27 -11.71 -20.59
CA SER H 35 -33.39 -11.11 -21.90
C SER H 35 -32.21 -10.17 -22.16
N TRP H 36 -31.82 -10.08 -23.42
CA TRP H 36 -30.78 -9.15 -23.87
C TRP H 36 -31.43 -7.96 -24.58
N LEU H 37 -30.90 -6.77 -24.33
CA LEU H 37 -31.33 -5.56 -25.01
C LEU H 37 -30.10 -4.77 -25.41
N ARG H 38 -30.29 -3.80 -26.30
CA ARG H 38 -29.19 -2.97 -26.79
C ARG H 38 -29.66 -1.54 -26.95
N GLN H 39 -28.70 -0.61 -26.87
CA GLN H 39 -28.97 0.81 -27.01
C GLN H 39 -27.83 1.43 -27.81
N ALA H 40 -28.11 1.82 -29.05
CA ALA H 40 -27.11 2.49 -29.86
C ALA H 40 -26.79 3.85 -29.25
N PRO H 41 -25.56 4.35 -29.47
CA PRO H 41 -25.19 5.67 -28.92
C PRO H 41 -26.14 6.77 -29.37
N GLY H 42 -26.65 7.52 -28.40
CA GLY H 42 -27.58 8.60 -28.67
C GLY H 42 -28.98 8.18 -29.07
N LYS H 43 -29.26 6.88 -29.13
CA LYS H 43 -30.57 6.37 -29.51
C LYS H 43 -31.26 5.77 -28.30
N GLY H 44 -32.42 5.15 -28.54
CA GLY H 44 -33.24 4.58 -27.49
C GLY H 44 -32.99 3.11 -27.26
N LEU H 45 -33.93 2.47 -26.59
CA LEU H 45 -33.81 1.07 -26.21
C LEU H 45 -34.39 0.16 -27.27
N GLU H 46 -33.88 -1.07 -27.32
CA GLU H 46 -34.35 -2.07 -28.27
C GLU H 46 -34.24 -3.45 -27.63
N TRP H 47 -35.27 -4.27 -27.81
CA TRP H 47 -35.28 -5.64 -27.30
C TRP H 47 -34.67 -6.58 -28.33
N VAL H 48 -33.82 -7.49 -27.86
CA VAL H 48 -33.06 -8.39 -28.73
C VAL H 48 -33.55 -9.82 -28.63
N SER H 49 -33.49 -10.41 -27.44
CA SER H 49 -33.78 -11.83 -27.29
C SER H 49 -34.29 -12.11 -25.88
N GLY H 50 -34.67 -13.37 -25.66
CA GLY H 50 -35.16 -13.80 -24.37
C GLY H 50 -35.20 -15.31 -24.24
N ILE H 51 -35.00 -15.78 -23.01
CA ILE H 51 -35.06 -17.20 -22.67
C ILE H 51 -35.88 -17.35 -21.40
N THR H 52 -36.64 -18.45 -21.31
CA THR H 52 -37.69 -18.61 -20.30
C THR H 52 -37.26 -19.43 -19.09
N GLY H 53 -35.99 -19.34 -18.67
CA GLY H 53 -35.61 -19.94 -17.40
C GLY H 53 -35.12 -21.38 -17.47
N ASP H 54 -36.00 -22.30 -17.84
CA ASP H 54 -35.63 -23.68 -18.07
C ASP H 54 -35.12 -23.92 -19.48
N SER H 55 -34.82 -22.84 -20.22
CA SER H 55 -34.32 -22.89 -21.59
C SER H 55 -35.30 -23.57 -22.54
N GLY H 56 -36.58 -23.61 -22.19
CA GLY H 56 -37.56 -24.30 -23.01
C GLY H 56 -38.00 -23.53 -24.24
N SER H 57 -37.92 -22.20 -24.20
CA SER H 57 -38.37 -21.37 -25.31
C SER H 57 -37.47 -20.16 -25.46
N THR H 58 -37.07 -19.88 -26.70
CA THR H 58 -36.26 -18.72 -27.04
C THR H 58 -37.06 -17.75 -27.90
N TYR H 59 -36.64 -16.49 -27.88
CA TYR H 59 -37.28 -15.44 -28.66
C TYR H 59 -36.21 -14.54 -29.25
N TYR H 60 -36.50 -13.96 -30.42
CA TYR H 60 -35.54 -13.09 -31.09
C TYR H 60 -36.31 -11.99 -31.82
N ALA H 61 -35.77 -10.77 -31.76
CA ALA H 61 -36.26 -9.70 -32.60
C ALA H 61 -35.87 -9.97 -34.05
N ALA H 62 -36.64 -9.39 -34.97
CA ALA H 62 -36.42 -9.67 -36.39
C ALA H 62 -35.08 -9.15 -36.88
N SER H 63 -34.55 -8.10 -36.24
CA SER H 63 -33.30 -7.50 -36.69
C SER H 63 -32.09 -8.40 -36.44
N VAL H 64 -32.21 -9.37 -35.52
CA VAL H 64 -31.11 -10.25 -35.18
C VAL H 64 -31.44 -11.71 -35.42
N LYS H 65 -32.66 -12.03 -35.85
CA LYS H 65 -33.05 -13.42 -36.04
C LYS H 65 -32.20 -14.06 -37.13
N GLY H 66 -31.70 -15.26 -36.84
CA GLY H 66 -30.82 -15.97 -37.74
C GLY H 66 -29.35 -15.69 -37.55
N ARG H 67 -28.98 -14.67 -36.78
CA ARG H 67 -27.60 -14.34 -36.51
C ARG H 67 -27.22 -14.41 -35.04
N PHE H 68 -28.16 -14.20 -34.12
CA PHE H 68 -27.89 -14.23 -32.70
C PHE H 68 -28.42 -15.52 -32.09
N THR H 69 -27.81 -15.94 -30.99
CA THR H 69 -28.24 -17.13 -30.27
C THR H 69 -28.15 -16.86 -28.77
N ILE H 70 -29.29 -16.85 -28.11
CA ILE H 70 -29.35 -16.69 -26.66
C ILE H 70 -29.33 -18.07 -26.02
N SER H 71 -28.65 -18.19 -24.89
CA SER H 71 -28.55 -19.45 -24.17
C SER H 71 -28.18 -19.14 -22.72
N ARG H 72 -28.24 -20.16 -21.88
CA ARG H 72 -27.97 -19.94 -20.46
C ARG H 72 -27.39 -21.21 -19.84
N ASP H 73 -26.80 -21.03 -18.66
CA ASP H 73 -26.18 -22.11 -17.89
C ASP H 73 -26.65 -21.93 -16.45
N ASN H 74 -27.66 -22.72 -16.04
CA ASN H 74 -28.26 -22.52 -14.74
C ASN H 74 -27.33 -22.87 -13.59
N SER H 75 -26.35 -23.76 -13.82
CA SER H 75 -25.41 -24.10 -12.76
C SER H 75 -24.37 -23.02 -12.56
N LYS H 76 -24.05 -22.25 -13.60
CA LYS H 76 -23.10 -21.16 -13.51
C LYS H 76 -23.76 -19.80 -13.34
N ASN H 77 -25.09 -19.75 -13.33
CA ASN H 77 -25.85 -18.50 -13.24
C ASN H 77 -25.45 -17.52 -14.34
N THR H 78 -25.13 -18.03 -15.52
CA THR H 78 -24.61 -17.23 -16.61
C THR H 78 -25.58 -17.21 -17.78
N LEU H 79 -25.73 -16.05 -18.40
CA LEU H 79 -26.52 -15.87 -19.61
C LEU H 79 -25.59 -15.52 -20.77
N TYR H 80 -25.82 -16.14 -21.93
CA TYR H 80 -24.94 -15.98 -23.07
C TYR H 80 -25.69 -15.38 -24.25
N LEU H 81 -24.94 -14.68 -25.11
CA LEU H 81 -25.48 -14.11 -26.34
C LEU H 81 -24.38 -14.16 -27.39
N GLN H 82 -24.49 -15.13 -28.30
CA GLN H 82 -23.59 -15.19 -29.45
C GLN H 82 -24.13 -14.30 -30.56
N MET H 83 -23.23 -13.57 -31.21
CA MET H 83 -23.59 -12.62 -32.26
C MET H 83 -22.77 -12.94 -33.51
N ASN H 84 -23.45 -13.19 -34.62
CA ASN H 84 -22.82 -13.57 -35.88
C ASN H 84 -23.14 -12.56 -36.96
N SER H 85 -22.22 -12.42 -37.92
CA SER H 85 -22.39 -11.58 -39.09
C SER H 85 -22.80 -10.15 -38.70
N LEU H 86 -21.91 -9.51 -37.95
CA LEU H 86 -22.20 -8.20 -37.40
C LEU H 86 -22.02 -7.11 -38.45
N THR H 87 -22.87 -6.09 -38.35
CA THR H 87 -22.76 -4.87 -39.14
C THR H 87 -22.68 -3.67 -38.19
N ALA H 88 -22.48 -2.49 -38.76
CA ALA H 88 -22.37 -1.28 -37.95
C ALA H 88 -23.68 -0.96 -37.22
N ASP H 89 -24.81 -1.46 -37.69
CA ASP H 89 -26.06 -1.26 -36.98
C ASP H 89 -26.12 -2.05 -35.69
N ASP H 90 -25.28 -3.08 -35.54
CA ASP H 90 -25.18 -3.81 -34.29
C ASP H 90 -24.32 -3.08 -33.25
N THR H 91 -23.70 -1.97 -33.63
CA THR H 91 -22.90 -1.18 -32.69
C THR H 91 -23.83 -0.54 -31.66
N ALA H 92 -23.72 -1.00 -30.42
CA ALA H 92 -24.56 -0.51 -29.33
C ALA H 92 -23.97 -1.01 -28.01
N VAL H 93 -24.56 -0.56 -26.92
CA VAL H 93 -24.30 -1.14 -25.60
C VAL H 93 -25.35 -2.20 -25.34
N TYR H 94 -24.91 -3.41 -25.02
CA TYR H 94 -25.81 -4.55 -24.85
C TYR H 94 -26.07 -4.79 -23.37
N TYR H 95 -27.35 -4.79 -23.00
CA TYR H 95 -27.78 -4.85 -21.62
C TYR H 95 -28.32 -6.23 -21.28
N CYS H 96 -28.20 -6.58 -20.00
CA CYS H 96 -28.69 -7.84 -19.45
C CYS H 96 -29.85 -7.53 -18.51
N ALA H 97 -30.95 -8.28 -18.63
CA ALA H 97 -32.18 -7.93 -17.92
C ALA H 97 -32.81 -9.16 -17.30
N LYS H 98 -33.30 -9.00 -16.07
CA LYS H 98 -34.03 -10.02 -15.34
C LYS H 98 -35.52 -9.76 -15.44
N ASP H 99 -36.30 -10.83 -15.62
CA ASP H 99 -37.75 -10.70 -15.61
C ASP H 99 -38.23 -10.37 -14.20
N ARG H 100 -39.41 -9.74 -14.12
CA ARG H 100 -39.92 -9.28 -12.83
C ARG H 100 -40.22 -10.45 -11.91
N LEU H 101 -41.05 -11.39 -12.37
CA LEU H 101 -41.38 -12.58 -11.61
C LEU H 101 -40.77 -13.82 -12.26
N HIS H 102 -40.68 -14.89 -11.47
CA HIS H 102 -40.17 -16.15 -11.98
C HIS H 102 -41.22 -16.84 -12.84
N SER H 103 -40.76 -17.81 -13.62
CA SER H 103 -41.63 -18.65 -14.44
C SER H 103 -42.44 -17.82 -15.44
N GLY H 104 -41.79 -16.84 -16.06
CA GLY H 104 -42.40 -16.00 -17.06
C GLY H 104 -41.75 -16.16 -18.42
N LEU H 105 -42.26 -15.38 -19.37
CA LEU H 105 -41.72 -15.38 -20.73
C LEU H 105 -40.73 -14.26 -20.97
N GLY H 106 -40.42 -13.45 -19.96
CA GLY H 106 -39.53 -12.32 -20.15
C GLY H 106 -40.22 -11.09 -20.69
N GLU H 107 -41.42 -10.77 -20.18
CA GLU H 107 -42.15 -9.61 -20.65
C GLU H 107 -41.62 -8.31 -20.05
N LEU H 108 -41.17 -8.36 -18.81
CA LEU H 108 -40.70 -7.17 -18.09
C LEU H 108 -39.22 -7.29 -17.80
N PHE H 109 -38.55 -6.15 -17.73
CA PHE H 109 -37.12 -6.07 -17.46
C PHE H 109 -36.96 -5.32 -16.14
N SER H 110 -37.02 -6.05 -15.04
CA SER H 110 -37.07 -5.44 -13.71
C SER H 110 -35.72 -4.93 -13.24
N TYR H 111 -34.64 -5.54 -13.70
CA TYR H 111 -33.30 -5.12 -13.30
C TYR H 111 -32.36 -5.21 -14.50
N TRP H 112 -31.54 -4.18 -14.67
CA TRP H 112 -30.61 -4.10 -15.79
C TRP H 112 -29.18 -4.08 -15.27
N GLY H 113 -28.25 -4.53 -16.13
CA GLY H 113 -26.83 -4.42 -15.83
C GLY H 113 -26.22 -3.17 -16.44
N GLN H 114 -24.98 -2.90 -16.05
CA GLN H 114 -24.29 -1.71 -16.55
C GLN H 114 -24.08 -1.76 -18.05
N GLY H 115 -24.15 -2.93 -18.67
CA GLY H 115 -23.99 -3.04 -20.10
C GLY H 115 -22.56 -3.29 -20.51
N THR H 116 -22.40 -3.48 -21.83
CA THR H 116 -21.08 -3.68 -22.43
C THR H 116 -21.13 -3.16 -23.85
N LEU H 117 -20.07 -2.46 -24.26
CA LEU H 117 -20.03 -1.77 -25.54
C LEU H 117 -19.52 -2.72 -26.63
N VAL H 118 -20.33 -2.91 -27.67
CA VAL H 118 -19.96 -3.70 -28.83
C VAL H 118 -19.82 -2.75 -30.02
N THR H 119 -18.62 -2.69 -30.59
CA THR H 119 -18.32 -1.80 -31.69
C THR H 119 -18.01 -2.62 -32.93
N VAL H 120 -18.73 -2.34 -34.02
CA VAL H 120 -18.57 -3.07 -35.27
C VAL H 120 -18.10 -2.08 -36.33
N SER H 121 -16.82 -2.19 -36.70
CA SER H 121 -16.25 -1.31 -37.71
C SER H 121 -15.04 -2.00 -38.33
N SER H 122 -14.73 -1.60 -39.56
CA SER H 122 -13.56 -2.13 -40.26
C SER H 122 -12.29 -1.35 -39.95
N ALA H 123 -12.39 -0.21 -39.29
CA ALA H 123 -11.21 0.55 -38.89
C ALA H 123 -10.42 -0.21 -37.84
N SER H 124 -9.11 -0.04 -37.86
CA SER H 124 -8.23 -0.69 -36.91
C SER H 124 -7.98 0.23 -35.71
N THR H 125 -7.50 -0.37 -34.62
CA THR H 125 -7.29 0.36 -33.38
C THR H 125 -6.15 1.35 -33.54
N LYS H 126 -6.46 2.64 -33.32
CA LYS H 126 -5.48 3.70 -33.41
C LYS H 126 -5.52 4.56 -32.15
N GLY H 127 -4.34 4.88 -31.63
CA GLY H 127 -4.23 5.75 -30.47
C GLY H 127 -4.37 7.20 -30.85
N PRO H 128 -4.87 8.02 -29.93
CA PRO H 128 -5.10 9.43 -30.23
C PRO H 128 -3.81 10.23 -30.25
N SER H 129 -3.91 11.41 -30.85
CA SER H 129 -2.87 12.43 -30.80
C SER H 129 -3.41 13.61 -30.00
N VAL H 130 -2.76 13.91 -28.88
CA VAL H 130 -3.24 14.93 -27.96
C VAL H 130 -2.60 16.26 -28.32
N PHE H 131 -3.41 17.18 -28.85
CA PHE H 131 -2.96 18.52 -29.20
C PHE H 131 -3.54 19.52 -28.22
N PRO H 132 -2.73 20.43 -27.68
CA PRO H 132 -3.25 21.36 -26.68
C PRO H 132 -3.99 22.54 -27.31
N LEU H 133 -5.14 22.85 -26.74
CA LEU H 133 -5.88 24.04 -27.13
C LEU H 133 -5.26 25.26 -26.45
N ALA H 134 -4.88 26.24 -27.25
CA ALA H 134 -4.02 27.32 -26.74
C ALA H 134 -4.77 28.20 -25.76
N PRO H 135 -4.22 28.43 -24.57
CA PRO H 135 -4.77 29.43 -23.62
C PRO H 135 -4.18 30.82 -23.85
N SER H 136 -4.70 31.49 -24.89
CA SER H 136 -4.17 32.81 -25.24
C SER H 136 -4.50 33.85 -24.18
N SER H 137 -5.56 33.64 -23.41
CA SER H 137 -6.04 34.53 -22.36
C SER H 137 -6.44 35.91 -22.89
N LYS H 138 -6.48 36.09 -24.20
CA LYS H 138 -7.04 37.28 -24.84
C LYS H 138 -8.16 36.96 -25.81
N SER H 139 -7.99 35.94 -26.64
CA SER H 139 -9.04 35.46 -27.53
C SER H 139 -9.86 34.34 -26.92
N THR H 140 -9.41 33.78 -25.80
CA THR H 140 -10.15 32.79 -25.02
C THR H 140 -10.41 33.31 -23.62
N SER H 141 -10.80 34.58 -23.50
CA SER H 141 -10.97 35.21 -22.20
C SER H 141 -12.24 36.04 -22.18
N GLY H 142 -13.01 35.90 -21.10
CA GLY H 142 -14.18 36.72 -20.86
C GLY H 142 -14.21 37.18 -19.41
N GLY H 143 -13.02 37.44 -18.87
CA GLY H 143 -12.85 37.67 -17.44
C GLY H 143 -12.00 36.57 -16.86
N THR H 144 -12.20 35.35 -17.35
CA THR H 144 -11.36 34.21 -17.04
C THR H 144 -10.94 33.53 -18.34
N ALA H 145 -9.84 32.79 -18.27
CA ALA H 145 -9.23 32.18 -19.45
C ALA H 145 -9.51 30.69 -19.49
N ALA H 146 -9.71 30.16 -20.69
CA ALA H 146 -10.02 28.75 -20.90
C ALA H 146 -8.92 28.07 -21.71
N LEU H 147 -8.70 26.79 -21.42
CA LEU H 147 -7.72 25.98 -22.13
C LEU H 147 -8.30 24.57 -22.27
N GLY H 148 -7.47 23.62 -22.70
CA GLY H 148 -7.91 22.25 -22.80
C GLY H 148 -7.07 21.47 -23.79
N CYS H 149 -7.41 20.19 -23.90
CA CYS H 149 -6.75 19.27 -24.81
C CYS H 149 -7.76 18.77 -25.85
N LEU H 150 -7.25 18.39 -27.02
CA LEU H 150 -8.06 17.92 -28.14
C LEU H 150 -7.64 16.49 -28.45
N VAL H 151 -8.42 15.52 -27.96
CA VAL H 151 -8.16 14.10 -28.20
C VAL H 151 -8.74 13.76 -29.57
N LYS H 152 -7.88 13.63 -30.56
CA LYS H 152 -8.30 13.54 -31.95
C LYS H 152 -7.75 12.30 -32.63
N ASP H 153 -8.57 11.69 -33.48
CA ASP H 153 -8.17 10.58 -34.34
C ASP H 153 -7.78 9.34 -33.54
N TYR H 154 -8.72 8.89 -32.70
CA TYR H 154 -8.56 7.64 -31.97
C TYR H 154 -9.70 6.69 -32.30
N PHE H 155 -9.48 5.40 -32.03
CA PHE H 155 -10.46 4.37 -32.30
C PHE H 155 -10.05 3.08 -31.59
N PRO H 156 -10.99 2.36 -30.96
CA PRO H 156 -12.40 2.73 -30.80
C PRO H 156 -12.64 3.49 -29.49
N GLU H 157 -13.90 3.55 -29.07
CA GLU H 157 -14.23 4.08 -27.77
C GLU H 157 -13.85 3.07 -26.69
N PRO H 158 -13.64 3.53 -25.43
CA PRO H 158 -13.67 4.92 -24.98
C PRO H 158 -12.29 5.49 -24.65
N VAL H 159 -12.25 6.77 -24.26
CA VAL H 159 -11.06 7.40 -23.72
C VAL H 159 -11.36 7.87 -22.31
N THR H 160 -10.29 8.21 -21.58
CA THR H 160 -10.40 8.73 -20.23
C THR H 160 -9.50 9.95 -20.11
N VAL H 161 -10.09 11.11 -19.87
CA VAL H 161 -9.37 12.37 -19.78
C VAL H 161 -9.43 12.87 -18.35
N SER H 162 -8.28 13.25 -17.80
CA SER H 162 -8.18 13.81 -16.46
C SER H 162 -7.28 15.03 -16.51
N TRP H 163 -7.21 15.75 -15.39
CA TRP H 163 -6.37 16.94 -15.27
C TRP H 163 -5.63 16.90 -13.94
N ASN H 164 -4.31 17.00 -14.01
CA ASN H 164 -3.44 17.02 -12.82
C ASN H 164 -3.69 15.78 -11.96
N SER H 165 -3.83 14.63 -12.62
CA SER H 165 -4.08 13.33 -11.99
C SER H 165 -5.38 13.30 -11.18
N GLY H 166 -6.27 14.27 -11.39
CA GLY H 166 -7.53 14.34 -10.67
C GLY H 166 -7.64 15.46 -9.67
N ALA H 167 -6.56 16.25 -9.47
CA ALA H 167 -6.63 17.35 -8.52
C ALA H 167 -7.50 18.49 -9.04
N LEU H 168 -7.62 18.63 -10.35
CA LEU H 168 -8.44 19.67 -10.97
C LEU H 168 -9.68 19.01 -11.56
N THR H 169 -10.78 19.08 -10.83
CA THR H 169 -12.06 18.54 -11.28
C THR H 169 -13.10 19.61 -11.56
N SER H 170 -13.23 20.60 -10.67
CA SER H 170 -14.22 21.65 -10.87
C SER H 170 -13.78 22.59 -11.98
N GLY H 171 -14.63 22.74 -12.99
CA GLY H 171 -14.34 23.59 -14.13
C GLY H 171 -14.06 22.86 -15.42
N VAL H 172 -14.24 21.55 -15.48
CA VAL H 172 -13.96 20.75 -16.66
C VAL H 172 -15.28 20.35 -17.31
N HIS H 173 -15.30 20.33 -18.64
CA HIS H 173 -16.47 19.92 -19.42
C HIS H 173 -15.98 19.02 -20.55
N THR H 174 -15.94 17.72 -20.29
CA THR H 174 -15.53 16.74 -21.31
C THR H 174 -16.72 16.49 -22.23
N PHE H 175 -16.58 16.91 -23.49
CA PHE H 175 -17.66 16.75 -24.45
C PHE H 175 -17.71 15.32 -24.97
N PRO H 176 -18.89 14.81 -25.31
CA PRO H 176 -18.98 13.50 -25.94
C PRO H 176 -18.18 13.45 -27.23
N ALA H 177 -17.72 12.25 -27.58
CA ALA H 177 -16.94 12.09 -28.80
C ALA H 177 -17.82 12.21 -30.03
N VAL H 178 -17.21 12.66 -31.12
CA VAL H 178 -17.88 12.75 -32.42
C VAL H 178 -17.26 11.74 -33.35
N LEU H 179 -18.07 11.14 -34.21
CA LEU H 179 -17.61 10.16 -35.20
C LEU H 179 -17.34 10.91 -36.50
N GLN H 180 -16.07 11.11 -36.81
CA GLN H 180 -15.69 11.87 -37.98
C GLN H 180 -16.05 11.11 -39.26
N SER H 181 -15.99 11.82 -40.38
CA SER H 181 -16.27 11.20 -41.67
C SER H 181 -15.25 10.13 -42.04
N SER H 182 -14.08 10.15 -41.42
CA SER H 182 -13.05 9.15 -41.69
C SER H 182 -13.26 7.85 -40.92
N GLY H 183 -14.14 7.84 -39.93
CA GLY H 183 -14.35 6.68 -39.10
C GLY H 183 -13.60 6.70 -37.78
N LEU H 184 -12.84 7.74 -37.50
CA LEU H 184 -12.10 7.87 -36.25
C LEU H 184 -12.79 8.87 -35.33
N TYR H 185 -12.81 8.55 -34.04
CA TYR H 185 -13.43 9.42 -33.06
C TYR H 185 -12.54 10.62 -32.75
N SER H 186 -13.13 11.62 -32.08
CA SER H 186 -12.42 12.82 -31.67
C SER H 186 -13.28 13.57 -30.67
N LEU H 187 -12.64 14.17 -29.68
CA LEU H 187 -13.34 14.97 -28.68
C LEU H 187 -12.39 16.01 -28.12
N SER H 188 -12.90 16.81 -27.18
CA SER H 188 -12.13 17.86 -26.53
C SER H 188 -12.55 17.97 -25.08
N SER H 189 -11.61 18.30 -24.21
CA SER H 189 -11.86 18.48 -22.78
C SER H 189 -11.31 19.84 -22.38
N VAL H 190 -12.21 20.80 -22.14
CA VAL H 190 -11.84 22.17 -21.83
C VAL H 190 -11.92 22.39 -20.33
N VAL H 191 -11.16 23.35 -19.84
CA VAL H 191 -11.15 23.72 -18.43
C VAL H 191 -11.15 25.25 -18.34
N THR H 192 -11.96 25.78 -17.42
CA THR H 192 -12.07 27.22 -17.20
C THR H 192 -11.50 27.55 -15.82
N VAL H 193 -10.38 28.25 -15.80
CA VAL H 193 -9.67 28.61 -14.56
C VAL H 193 -9.33 30.10 -14.66
N PRO H 194 -9.37 30.85 -13.55
CA PRO H 194 -9.03 32.29 -13.63
C PRO H 194 -7.67 32.53 -14.28
N SER H 195 -7.55 33.70 -14.91
CA SER H 195 -6.41 33.97 -15.78
C SER H 195 -5.13 34.18 -14.99
N SER H 196 -5.22 34.67 -13.76
CA SER H 196 -4.01 35.00 -13.00
C SER H 196 -3.22 33.75 -12.63
N SER H 197 -3.87 32.60 -12.52
CA SER H 197 -3.22 31.36 -12.09
C SER H 197 -2.51 30.64 -13.24
N LEU H 198 -2.33 31.28 -14.38
CA LEU H 198 -1.65 30.66 -15.52
C LEU H 198 -0.13 30.73 -15.42
N GLY H 199 0.41 31.19 -14.29
CA GLY H 199 1.85 31.30 -14.14
C GLY H 199 2.40 30.41 -13.05
N THR H 200 1.58 30.07 -12.06
CA THR H 200 1.98 29.23 -10.95
C THR H 200 1.55 27.77 -11.12
N GLN H 201 0.29 27.55 -11.50
CA GLN H 201 -0.25 26.21 -11.66
C GLN H 201 0.02 25.72 -13.09
N THR H 202 0.61 24.54 -13.20
CA THR H 202 0.84 23.89 -14.48
C THR H 202 -0.29 22.92 -14.78
N TYR H 203 -0.79 22.95 -16.00
CA TYR H 203 -1.96 22.17 -16.40
C TYR H 203 -1.54 21.07 -17.36
N ILE H 204 -1.72 19.82 -16.94
CA ILE H 204 -1.46 18.65 -17.76
C ILE H 204 -2.73 17.83 -17.87
N CYS H 205 -3.05 17.37 -19.07
CA CYS H 205 -4.23 16.56 -19.32
C CYS H 205 -3.80 15.09 -19.44
N ASN H 206 -4.45 14.23 -18.65
CA ASN H 206 -4.10 12.82 -18.59
C ASN H 206 -5.05 12.06 -19.53
N VAL H 207 -4.61 11.85 -20.76
CA VAL H 207 -5.37 11.09 -21.75
C VAL H 207 -4.88 9.65 -21.72
N ASN H 208 -5.81 8.71 -21.64
CA ASN H 208 -5.49 7.29 -21.57
C ASN H 208 -6.45 6.54 -22.48
N HIS H 209 -5.91 5.90 -23.51
CA HIS H 209 -6.70 5.10 -24.45
C HIS H 209 -6.33 3.64 -24.22
N LYS H 210 -7.11 2.97 -23.37
CA LYS H 210 -6.83 1.57 -23.05
C LYS H 210 -6.91 0.62 -24.24
N PRO H 211 -7.84 0.78 -25.19
CA PRO H 211 -7.87 -0.17 -26.33
C PRO H 211 -6.59 -0.19 -27.14
N SER H 212 -5.87 0.92 -27.24
CA SER H 212 -4.63 0.97 -27.99
C SER H 212 -3.39 1.01 -27.09
N ASN H 213 -3.58 0.91 -25.77
CA ASN H 213 -2.48 1.01 -24.80
C ASN H 213 -1.74 2.34 -24.95
N THR H 214 -2.49 3.41 -25.21
CA THR H 214 -1.94 4.74 -25.35
C THR H 214 -2.14 5.51 -24.05
N LYS H 215 -1.05 6.04 -23.51
CA LYS H 215 -1.08 6.80 -22.25
C LYS H 215 -0.15 7.99 -22.42
N VAL H 216 -0.70 9.20 -22.45
CA VAL H 216 0.05 10.41 -22.74
C VAL H 216 -0.33 11.49 -21.73
N ASP H 217 0.68 12.14 -21.16
CA ASP H 217 0.50 13.33 -20.31
C ASP H 217 1.00 14.53 -21.10
N LYS H 218 0.09 15.41 -21.48
CA LYS H 218 0.42 16.57 -22.32
C LYS H 218 0.33 17.83 -21.48
N ARG H 219 1.45 18.55 -21.38
CA ARG H 219 1.47 19.81 -20.65
C ARG H 219 0.86 20.92 -21.49
N VAL H 220 0.03 21.74 -20.85
CA VAL H 220 -0.65 22.86 -21.49
C VAL H 220 -0.18 24.13 -20.80
N GLU H 221 0.55 24.98 -21.53
CA GLU H 221 1.05 26.24 -21.01
C GLU H 221 0.59 27.39 -21.90
N PRO H 222 0.45 28.60 -21.33
CA PRO H 222 -0.05 29.72 -22.14
C PRO H 222 0.88 30.07 -23.28
N LYS H 223 0.32 30.66 -24.33
CA LYS H 223 1.09 31.09 -25.48
C LYS H 223 1.27 32.61 -25.49
N ASP I 1 -45.35 -5.96 -35.91
CA ASP I 1 -44.77 -5.16 -34.83
C ASP I 1 -45.70 -4.04 -34.40
N ILE I 2 -45.81 -3.84 -33.09
CA ILE I 2 -46.60 -2.76 -32.52
C ILE I 2 -45.70 -1.56 -32.30
N GLN I 3 -46.13 -0.40 -32.77
CA GLN I 3 -45.34 0.83 -32.66
C GLN I 3 -45.74 1.61 -31.42
N MET I 4 -44.74 2.09 -30.69
CA MET I 4 -44.93 2.87 -29.48
C MET I 4 -44.44 4.30 -29.74
N THR I 5 -45.36 5.26 -29.71
CA THR I 5 -45.05 6.66 -29.96
C THR I 5 -45.27 7.45 -28.68
N GLN I 6 -44.22 8.06 -28.17
CA GLN I 6 -44.28 8.91 -26.99
C GLN I 6 -44.41 10.37 -27.38
N SER I 7 -44.83 11.19 -26.42
CA SER I 7 -44.98 12.62 -26.63
C SER I 7 -45.00 13.34 -25.29
N PRO I 8 -44.23 14.43 -25.14
CA PRO I 8 -43.33 14.95 -26.17
C PRO I 8 -42.00 14.21 -26.21
N SER I 9 -41.10 14.62 -27.11
CA SER I 9 -39.74 14.06 -27.10
C SER I 9 -38.85 14.76 -26.10
N THR I 10 -39.16 16.02 -25.75
CA THR I 10 -38.41 16.77 -24.76
C THR I 10 -39.40 17.62 -23.97
N LEU I 11 -39.16 17.75 -22.66
CA LEU I 11 -40.06 18.50 -21.80
C LEU I 11 -39.25 19.28 -20.78
N SER I 12 -39.46 20.60 -20.75
CA SER I 12 -38.87 21.46 -19.73
C SER I 12 -39.86 21.65 -18.59
N ALA I 13 -39.40 21.43 -17.37
CA ALA I 13 -40.24 21.58 -16.19
C ALA I 13 -39.37 21.94 -15.00
N SER I 14 -39.88 22.83 -14.16
CA SER I 14 -39.17 23.19 -12.93
C SER I 14 -39.43 22.14 -11.85
N VAL I 15 -38.62 22.18 -10.80
CA VAL I 15 -38.73 21.23 -9.72
C VAL I 15 -40.04 21.47 -8.98
N GLY I 16 -40.88 20.44 -8.91
CA GLY I 16 -42.15 20.52 -8.22
C GLY I 16 -43.37 20.65 -9.11
N ASP I 17 -43.24 20.43 -10.41
CA ASP I 17 -44.36 20.51 -11.33
C ASP I 17 -45.07 19.17 -11.45
N ARG I 18 -46.38 19.23 -11.66
CA ARG I 18 -47.14 18.05 -12.05
C ARG I 18 -46.94 17.85 -13.55
N VAL I 19 -46.19 16.82 -13.92
CA VAL I 19 -45.72 16.62 -15.28
C VAL I 19 -46.64 15.65 -16.01
N ASN I 20 -46.91 15.95 -17.29
CA ASN I 20 -47.71 15.10 -18.16
C ASN I 20 -46.82 14.45 -19.20
N ILE I 21 -46.74 13.11 -19.17
CA ILE I 21 -46.03 12.33 -20.17
C ILE I 21 -46.97 11.24 -20.68
N THR I 22 -47.21 11.23 -21.99
CA THR I 22 -48.10 10.25 -22.60
C THR I 22 -47.33 9.39 -23.59
N CYS I 23 -47.89 8.23 -23.88
CA CYS I 23 -47.26 7.26 -24.78
C CYS I 23 -48.37 6.47 -25.46
N ARG I 24 -48.39 6.49 -26.79
CA ARG I 24 -49.44 5.88 -27.59
C ARG I 24 -48.95 4.61 -28.26
N ALA I 25 -49.90 3.75 -28.60
CA ALA I 25 -49.63 2.50 -29.29
C ALA I 25 -50.34 2.48 -30.64
N SER I 26 -49.72 1.82 -31.62
CA SER I 26 -50.31 1.75 -32.95
C SER I 26 -51.62 0.98 -32.95
N GLN I 27 -51.80 0.06 -32.00
CA GLN I 27 -53.05 -0.66 -31.83
C GLN I 27 -53.36 -0.75 -30.34
N SER I 28 -54.65 -0.85 -30.03
CA SER I 28 -55.06 -1.03 -28.65
C SER I 28 -54.51 -2.35 -28.12
N ILE I 29 -53.53 -2.28 -27.20
CA ILE I 29 -52.89 -3.51 -26.75
C ILE I 29 -53.67 -4.09 -25.59
N ASN I 30 -53.55 -3.47 -24.42
CA ASN I 30 -54.28 -3.80 -23.20
C ASN I 30 -53.79 -2.86 -22.11
N GLN I 31 -54.13 -3.14 -20.86
CA GLN I 31 -53.35 -2.54 -19.77
C GLN I 31 -51.92 -3.06 -19.71
N TRP I 32 -51.49 -3.93 -20.62
CA TRP I 32 -50.14 -4.49 -20.61
C TRP I 32 -49.15 -3.44 -21.12
N LEU I 33 -48.63 -2.62 -20.20
CA LEU I 33 -47.67 -1.58 -20.56
C LEU I 33 -46.76 -1.33 -19.38
N ALA I 34 -45.50 -0.99 -19.68
CA ALA I 34 -44.49 -0.77 -18.66
C ALA I 34 -43.81 0.58 -18.88
N TRP I 35 -43.12 1.04 -17.85
CA TRP I 35 -42.41 2.32 -17.89
C TRP I 35 -41.00 2.15 -17.33
N TYR I 36 -40.08 2.97 -17.84
CA TYR I 36 -38.68 2.92 -17.46
C TYR I 36 -38.11 4.33 -17.37
N GLN I 37 -36.99 4.45 -16.67
CA GLN I 37 -36.29 5.71 -16.51
C GLN I 37 -34.80 5.49 -16.70
N GLN I 38 -34.16 6.37 -17.47
CA GLN I 38 -32.73 6.26 -17.73
C GLN I 38 -32.08 7.63 -17.68
N LYS I 39 -30.99 7.74 -16.91
CA LYS I 39 -30.11 8.89 -16.81
C LYS I 39 -28.84 8.64 -17.62
N PRO I 40 -28.22 9.70 -18.14
CA PRO I 40 -27.08 9.51 -19.04
C PRO I 40 -25.95 8.74 -18.39
N GLY I 41 -25.46 7.70 -19.08
CA GLY I 41 -24.39 6.88 -18.59
C GLY I 41 -24.79 5.82 -17.58
N LYS I 42 -26.07 5.77 -17.20
CA LYS I 42 -26.55 4.79 -16.24
C LYS I 42 -27.53 3.83 -16.91
N ALA I 43 -27.65 2.64 -16.33
CA ALA I 43 -28.58 1.65 -16.85
C ALA I 43 -30.02 2.06 -16.57
N PRO I 44 -30.95 1.64 -17.41
CA PRO I 44 -32.36 1.99 -17.18
C PRO I 44 -32.89 1.38 -15.89
N LYS I 45 -33.86 2.07 -15.29
CA LYS I 45 -34.52 1.64 -14.06
C LYS I 45 -35.98 1.31 -14.35
N PHE I 46 -36.46 0.21 -13.78
CA PHE I 46 -37.82 -0.26 -13.99
C PHE I 46 -38.75 0.44 -13.00
N LEU I 47 -39.72 1.19 -13.52
CA LEU I 47 -40.61 2.01 -12.70
C LEU I 47 -41.98 1.37 -12.48
N MET I 48 -42.70 1.09 -13.57
CA MET I 48 -44.09 0.66 -13.48
C MET I 48 -44.38 -0.43 -14.49
N TYR I 49 -45.41 -1.22 -14.19
CA TYR I 49 -45.91 -2.24 -15.09
C TYR I 49 -47.44 -2.26 -14.99
N LYS I 50 -48.06 -2.97 -15.92
CA LYS I 50 -49.53 -3.04 -16.06
C LYS I 50 -50.15 -1.66 -16.22
N ALA I 51 -49.33 -0.67 -16.58
CA ALA I 51 -49.75 0.67 -16.97
C ALA I 51 -50.30 1.49 -15.81
N SER I 52 -50.41 0.90 -14.63
CA SER I 52 -50.99 1.59 -13.48
C SER I 52 -50.30 1.29 -12.15
N THR I 53 -49.61 0.16 -12.01
CA THR I 53 -49.03 -0.23 -10.74
C THR I 53 -47.51 -0.09 -10.78
N LEU I 54 -46.94 0.21 -9.61
CA LEU I 54 -45.53 0.54 -9.47
C LEU I 54 -44.76 -0.65 -8.91
N GLU I 55 -43.46 -0.69 -9.21
CA GLU I 55 -42.57 -1.65 -8.60
C GLU I 55 -42.16 -1.18 -7.21
N THR I 56 -41.94 -2.14 -6.31
CA THR I 56 -41.58 -1.81 -4.94
C THR I 56 -40.33 -0.94 -4.90
N GLY I 57 -40.39 0.13 -4.11
CA GLY I 57 -39.31 1.10 -4.01
C GLY I 57 -39.53 2.37 -4.80
N VAL I 58 -40.39 2.33 -5.80
CA VAL I 58 -40.66 3.54 -6.60
C VAL I 58 -41.53 4.48 -5.77
N PRO I 59 -41.16 5.76 -5.64
CA PRO I 59 -41.94 6.67 -4.79
C PRO I 59 -43.37 6.82 -5.27
N SER I 60 -44.24 7.21 -4.33
CA SER I 60 -45.66 7.35 -4.62
C SER I 60 -45.98 8.52 -5.54
N ARG I 61 -45.04 9.42 -5.79
CA ARG I 61 -45.28 10.54 -6.69
C ARG I 61 -45.47 10.07 -8.13
N PHE I 62 -45.00 8.88 -8.48
CA PHE I 62 -45.20 8.31 -9.81
C PHE I 62 -46.54 7.57 -9.87
N SER I 63 -47.21 7.67 -11.00
CA SER I 63 -48.47 6.97 -11.20
C SER I 63 -48.72 6.85 -12.69
N GLY I 64 -49.50 5.85 -13.06
CA GLY I 64 -49.84 5.63 -14.46
C GLY I 64 -51.29 5.24 -14.62
N SER I 65 -51.84 5.53 -15.80
CA SER I 65 -53.22 5.19 -16.11
C SER I 65 -53.34 5.05 -17.61
N GLY I 66 -54.51 4.56 -18.04
CA GLY I 66 -54.77 4.38 -19.46
C GLY I 66 -55.04 2.93 -19.84
N SER I 67 -55.67 2.73 -20.98
CA SER I 67 -55.99 1.40 -21.48
C SER I 67 -56.23 1.47 -22.98
N GLY I 68 -55.71 0.48 -23.70
CA GLY I 68 -55.88 0.44 -25.13
C GLY I 68 -54.78 1.12 -25.91
N THR I 69 -55.02 2.35 -26.35
CA THR I 69 -54.09 3.06 -27.21
C THR I 69 -53.37 4.22 -26.54
N GLU I 70 -53.98 4.85 -25.54
CA GLU I 70 -53.39 6.00 -24.87
C GLU I 70 -53.07 5.66 -23.42
N PHE I 71 -51.86 6.01 -22.99
CA PHE I 71 -51.39 5.77 -21.63
C PHE I 71 -50.65 7.01 -21.15
N THR I 72 -50.72 7.26 -19.85
CA THR I 72 -50.14 8.48 -19.27
C THR I 72 -49.42 8.15 -17.98
N LEU I 73 -48.14 8.51 -17.91
CA LEU I 73 -47.35 8.44 -16.70
C LEU I 73 -47.27 9.82 -16.07
N THR I 74 -47.55 9.91 -14.78
CA THR I 74 -47.68 11.20 -14.10
C THR I 74 -46.70 11.27 -12.92
N ILE I 75 -46.21 12.49 -12.68
CA ILE I 75 -45.39 12.79 -11.51
C ILE I 75 -46.04 13.96 -10.79
N SER I 76 -46.53 13.73 -9.57
CA SER I 76 -47.30 14.75 -8.87
C SER I 76 -46.44 15.96 -8.48
N SER I 77 -45.17 15.74 -8.18
CA SER I 77 -44.25 16.84 -7.87
C SER I 77 -42.86 16.43 -8.33
N LEU I 78 -42.38 17.08 -9.38
CA LEU I 78 -41.10 16.72 -9.97
C LEU I 78 -39.94 17.01 -9.02
N GLN I 79 -39.10 16.02 -8.80
CA GLN I 79 -37.96 16.10 -7.91
C GLN I 79 -36.65 16.14 -8.69
N PRO I 80 -35.55 16.55 -8.05
CA PRO I 80 -34.26 16.53 -8.77
C PRO I 80 -33.88 15.17 -9.30
N ASP I 81 -34.17 14.10 -8.56
CA ASP I 81 -33.82 12.75 -9.00
C ASP I 81 -34.72 12.23 -10.11
N ASP I 82 -35.60 13.05 -10.68
CA ASP I 82 -36.53 12.60 -11.71
C ASP I 82 -36.19 13.10 -13.11
N PHE I 83 -35.27 14.04 -13.24
CA PHE I 83 -34.90 14.57 -14.55
C PHE I 83 -34.10 13.53 -15.31
N ALA I 84 -34.75 12.86 -16.26
CA ALA I 84 -34.14 11.79 -17.03
C ALA I 84 -34.99 11.56 -18.27
N THR I 85 -34.72 10.47 -18.98
CA THR I 85 -35.49 10.06 -20.14
C THR I 85 -36.38 8.87 -19.75
N TYR I 86 -37.63 8.91 -20.19
CA TYR I 86 -38.62 7.92 -19.81
C TYR I 86 -39.10 7.15 -21.03
N TYR I 87 -39.04 5.82 -20.94
CA TYR I 87 -39.41 4.92 -22.02
C TYR I 87 -40.60 4.07 -21.60
N CYS I 88 -41.60 3.97 -22.47
CA CYS I 88 -42.70 3.04 -22.28
C CYS I 88 -42.44 1.78 -23.10
N GLN I 89 -43.01 0.66 -22.64
CA GLN I 89 -42.83 -0.63 -23.30
C GLN I 89 -44.11 -1.43 -23.20
N HIS I 90 -44.56 -1.98 -24.32
CA HIS I 90 -45.67 -2.90 -24.34
C HIS I 90 -45.17 -4.34 -24.25
N TYR I 91 -46.00 -5.21 -23.71
CA TYR I 91 -45.71 -6.64 -23.72
C TYR I 91 -46.97 -7.43 -24.11
N PHE I 92 -47.61 -6.99 -25.19
CA PHE I 92 -48.78 -7.69 -25.73
C PHE I 92 -48.38 -8.77 -26.72
N SER I 93 -47.70 -8.41 -27.79
CA SER I 93 -47.23 -9.35 -28.80
C SER I 93 -45.77 -9.72 -28.55
N TYR I 94 -45.38 -10.87 -29.09
CA TYR I 94 -44.06 -11.43 -28.80
C TYR I 94 -42.89 -10.47 -29.03
N PRO I 95 -42.85 -9.68 -30.12
CA PRO I 95 -41.78 -8.67 -30.24
C PRO I 95 -42.07 -7.45 -29.39
N TRP I 96 -41.35 -7.31 -28.27
CA TRP I 96 -41.51 -6.13 -27.44
C TRP I 96 -40.87 -4.93 -28.10
N THR I 97 -41.48 -3.77 -27.91
CA THR I 97 -41.02 -2.54 -28.54
C THR I 97 -41.15 -1.37 -27.58
N PHE I 98 -40.12 -0.53 -27.54
CA PHE I 98 -40.09 0.67 -26.72
C PHE I 98 -40.54 1.88 -27.51
N GLY I 99 -40.75 2.99 -26.81
CA GLY I 99 -40.92 4.28 -27.43
C GLY I 99 -39.59 4.93 -27.73
N GLN I 100 -39.67 6.12 -28.33
CA GLN I 100 -38.45 6.88 -28.61
C GLN I 100 -37.90 7.59 -27.38
N GLY I 101 -38.69 7.71 -26.33
CA GLY I 101 -38.23 8.32 -25.09
C GLY I 101 -38.70 9.76 -24.95
N THR I 102 -38.94 10.17 -23.70
CA THR I 102 -39.29 11.54 -23.37
C THR I 102 -38.25 12.07 -22.39
N LYS I 103 -37.38 12.95 -22.87
CA LYS I 103 -36.37 13.54 -22.01
C LYS I 103 -36.98 14.71 -21.22
N VAL I 104 -36.63 14.78 -19.94
CA VAL I 104 -37.16 15.80 -19.04
C VAL I 104 -35.96 16.61 -18.55
N GLU I 105 -35.83 17.83 -19.04
CA GLU I 105 -34.73 18.72 -18.67
C GLU I 105 -35.20 19.75 -17.65
N ILE I 106 -34.23 20.33 -16.93
CA ILE I 106 -34.51 21.32 -15.91
C ILE I 106 -34.78 22.66 -16.60
N LYS I 107 -36.01 23.14 -16.51
CA LYS I 107 -36.35 24.46 -17.03
C LYS I 107 -35.76 25.53 -16.13
N ARG I 108 -34.91 26.40 -16.69
CA ARG I 108 -34.25 27.44 -15.92
C ARG I 108 -34.27 28.74 -16.71
N THR I 109 -33.65 29.77 -16.15
CA THR I 109 -33.61 31.08 -16.78
C THR I 109 -32.71 31.08 -18.01
N VAL I 110 -32.94 32.06 -18.87
CA VAL I 110 -32.17 32.18 -20.10
C VAL I 110 -30.77 32.69 -19.78
N ALA I 111 -29.76 31.95 -20.23
CA ALA I 111 -28.37 32.30 -19.99
C ALA I 111 -27.62 32.33 -21.31
N ALA I 112 -26.94 33.45 -21.58
CA ALA I 112 -26.18 33.61 -22.81
C ALA I 112 -24.87 32.84 -22.74
N PRO I 113 -24.41 32.31 -23.87
CA PRO I 113 -23.18 31.52 -23.87
C PRO I 113 -21.93 32.38 -23.85
N SER I 114 -20.88 31.85 -23.24
CA SER I 114 -19.56 32.46 -23.25
C SER I 114 -18.77 31.83 -24.40
N VAL I 115 -18.56 32.60 -25.46
CA VAL I 115 -17.98 32.08 -26.69
C VAL I 115 -16.46 32.18 -26.63
N PHE I 116 -15.79 31.08 -26.99
CA PHE I 116 -14.34 31.01 -27.01
C PHE I 116 -13.89 30.42 -28.34
N ILE I 117 -12.63 30.65 -28.69
CA ILE I 117 -12.06 30.12 -29.93
C ILE I 117 -10.60 29.79 -29.67
N PHE I 118 -10.16 28.64 -30.20
CA PHE I 118 -8.78 28.19 -30.00
C PHE I 118 -8.07 28.04 -31.33
N PRO I 119 -6.82 28.49 -31.43
CA PRO I 119 -6.08 28.35 -32.68
C PRO I 119 -5.46 26.96 -32.77
N PRO I 120 -5.16 26.50 -33.98
CA PRO I 120 -4.49 25.20 -34.12
C PRO I 120 -3.10 25.23 -33.48
N SER I 121 -2.71 24.08 -32.94
CA SER I 121 -1.41 23.95 -32.29
C SER I 121 -0.32 23.64 -33.31
N ASP I 122 0.90 24.08 -33.01
CA ASP I 122 2.03 23.81 -33.89
C ASP I 122 2.32 22.31 -33.97
N GLU I 123 2.02 21.57 -32.91
CA GLU I 123 2.24 20.12 -32.93
C GLU I 123 1.34 19.42 -33.94
N GLN I 124 0.19 20.03 -34.26
CA GLN I 124 -0.68 19.50 -35.30
C GLN I 124 -0.31 20.00 -36.69
N LEU I 125 0.28 21.20 -36.79
CA LEU I 125 0.63 21.76 -38.09
C LEU I 125 1.65 20.89 -38.80
N LYS I 126 2.61 20.34 -38.06
CA LYS I 126 3.64 19.50 -38.67
C LYS I 126 3.10 18.17 -39.17
N SER I 127 1.87 17.80 -38.80
CA SER I 127 1.25 16.58 -39.27
C SER I 127 0.46 16.77 -40.56
N GLY I 128 0.19 18.01 -40.97
CA GLY I 128 -0.44 18.29 -42.23
C GLY I 128 -1.91 18.67 -42.17
N THR I 129 -2.49 18.82 -40.99
CA THR I 129 -3.88 19.21 -40.84
C THR I 129 -4.01 20.30 -39.79
N ALA I 130 -5.10 21.06 -39.88
CA ALA I 130 -5.38 22.16 -38.97
C ALA I 130 -6.78 22.01 -38.40
N SER I 131 -6.92 22.27 -37.09
CA SER I 131 -8.18 22.14 -36.39
C SER I 131 -8.47 23.41 -35.61
N VAL I 132 -9.63 24.01 -35.86
CA VAL I 132 -10.09 25.19 -35.13
C VAL I 132 -11.28 24.77 -34.28
N VAL I 133 -11.28 25.19 -33.01
CA VAL I 133 -12.30 24.78 -32.05
C VAL I 133 -13.02 26.02 -31.54
N CYS I 134 -14.34 26.04 -31.67
CA CYS I 134 -15.19 27.10 -31.13
C CYS I 134 -15.91 26.54 -29.90
N LEU I 135 -15.89 27.30 -28.81
CA LEU I 135 -16.41 26.83 -27.52
C LEU I 135 -17.53 27.73 -27.03
N LEU I 136 -18.68 27.12 -26.74
CA LEU I 136 -19.80 27.79 -26.10
C LEU I 136 -20.00 27.16 -24.73
N ASN I 137 -20.05 28.00 -23.69
CA ASN I 137 -20.07 27.50 -22.32
C ASN I 137 -21.19 28.13 -21.52
N ASN I 138 -21.89 27.30 -20.76
CA ASN I 138 -22.88 27.74 -19.76
C ASN I 138 -23.99 28.57 -20.39
N PHE I 139 -24.78 27.89 -21.24
CA PHE I 139 -25.92 28.52 -21.88
C PHE I 139 -27.17 27.66 -21.70
N TYR I 140 -28.32 28.31 -21.83
CA TYR I 140 -29.63 27.69 -21.80
C TYR I 140 -30.61 28.63 -22.46
N PRO I 141 -31.54 28.14 -23.31
CA PRO I 141 -31.80 26.74 -23.66
C PRO I 141 -30.72 26.12 -24.54
N ARG I 142 -30.87 24.81 -24.81
CA ARG I 142 -29.86 24.08 -25.56
C ARG I 142 -29.76 24.56 -27.01
N GLU I 143 -30.85 25.10 -27.56
CA GLU I 143 -30.86 25.52 -28.95
C GLU I 143 -29.80 26.58 -29.21
N ALA I 144 -28.98 26.34 -30.23
CA ALA I 144 -27.92 27.26 -30.62
C ALA I 144 -27.51 26.94 -32.05
N LYS I 145 -27.01 27.95 -32.75
CA LYS I 145 -26.61 27.83 -34.15
C LYS I 145 -25.17 28.30 -34.29
N VAL I 146 -24.26 27.38 -34.58
CA VAL I 146 -22.85 27.67 -34.79
C VAL I 146 -22.54 27.49 -36.27
N GLN I 147 -22.12 28.57 -36.92
CA GLN I 147 -21.76 28.54 -38.34
C GLN I 147 -20.33 29.02 -38.50
N TRP I 148 -19.60 28.35 -39.39
CA TRP I 148 -18.19 28.66 -39.66
C TRP I 148 -18.09 29.43 -40.97
N LYS I 149 -17.52 30.64 -40.89
CA LYS I 149 -17.26 31.44 -42.09
C LYS I 149 -16.01 32.28 -41.82
N VAL I 150 -14.89 31.88 -42.42
CA VAL I 150 -13.66 32.64 -42.29
C VAL I 150 -13.68 33.87 -43.18
N ASP I 151 -14.12 33.72 -44.43
CA ASP I 151 -14.22 34.83 -45.37
C ASP I 151 -15.50 34.73 -46.18
N ASN I 152 -16.56 34.25 -45.55
CA ASN I 152 -17.87 34.08 -46.19
C ASN I 152 -17.77 33.20 -47.44
N GLN I 155 -17.31 26.25 -45.96
CA GLN I 155 -17.34 25.65 -44.64
C GLN I 155 -18.75 25.13 -44.36
N SER I 156 -19.16 24.11 -45.13
CA SER I 156 -20.53 23.61 -45.14
C SER I 156 -20.54 22.09 -45.05
N GLY I 157 -19.82 21.54 -44.08
CA GLY I 157 -19.71 20.10 -43.95
C GLY I 157 -18.34 19.61 -43.52
N ASN I 158 -17.46 20.55 -43.19
CA ASN I 158 -16.15 20.24 -42.65
C ASN I 158 -16.05 20.55 -41.16
N SER I 159 -17.15 20.39 -40.44
CA SER I 159 -17.17 20.63 -39.00
C SER I 159 -18.20 19.71 -38.36
N GLN I 160 -17.99 19.43 -37.06
CA GLN I 160 -18.87 18.59 -36.28
C GLN I 160 -18.99 19.14 -34.87
N GLU I 161 -20.21 19.11 -34.33
CA GLU I 161 -20.49 19.67 -33.02
C GLU I 161 -20.63 18.58 -31.97
N SER I 162 -20.40 18.98 -30.71
CA SER I 162 -20.58 18.09 -29.57
C SER I 162 -21.11 18.91 -28.41
N VAL I 163 -22.24 18.51 -27.85
CA VAL I 163 -22.88 19.23 -26.76
C VAL I 163 -22.92 18.32 -25.53
N THR I 164 -22.59 18.89 -24.37
CA THR I 164 -22.59 18.15 -23.13
C THR I 164 -24.02 17.93 -22.64
N GLU I 165 -24.14 17.16 -21.55
CA GLU I 165 -25.42 17.02 -20.88
C GLU I 165 -25.73 18.26 -20.06
N GLN I 166 -26.98 18.38 -19.64
CA GLN I 166 -27.38 19.49 -18.79
C GLN I 166 -26.67 19.39 -17.44
N ASP I 167 -26.01 20.48 -17.05
CA ASP I 167 -25.22 20.47 -15.82
C ASP I 167 -26.12 20.21 -14.60
N SER I 168 -25.47 19.84 -13.50
CA SER I 168 -26.19 19.47 -12.29
C SER I 168 -26.46 20.66 -11.38
N LYS I 169 -25.48 21.52 -11.17
CA LYS I 169 -25.62 22.59 -10.18
C LYS I 169 -26.32 23.81 -10.76
N ASP I 170 -26.05 24.15 -12.02
CA ASP I 170 -26.66 25.31 -12.65
C ASP I 170 -27.49 24.97 -13.89
N SER I 171 -27.56 23.69 -14.28
CA SER I 171 -28.47 23.23 -15.33
C SER I 171 -28.17 23.90 -16.68
N THR I 172 -26.89 24.10 -16.98
CA THR I 172 -26.47 24.72 -18.22
C THR I 172 -25.86 23.69 -19.15
N TYR I 173 -25.65 24.09 -20.40
CA TYR I 173 -25.08 23.25 -21.44
C TYR I 173 -23.73 23.82 -21.88
N SER I 174 -23.11 23.11 -22.81
CA SER I 174 -21.86 23.55 -23.41
C SER I 174 -21.74 22.95 -24.80
N LEU I 175 -21.10 23.69 -25.70
CA LEU I 175 -21.00 23.30 -27.10
C LEU I 175 -19.56 23.42 -27.57
N SER I 176 -19.13 22.46 -28.39
CA SER I 176 -17.77 22.43 -28.92
C SER I 176 -17.84 22.01 -30.39
N SER I 177 -17.50 22.93 -31.29
CA SER I 177 -17.46 22.66 -32.71
C SER I 177 -16.01 22.68 -33.18
N THR I 178 -15.63 21.67 -33.96
CA THR I 178 -14.26 21.51 -34.43
C THR I 178 -14.24 21.63 -35.95
N LEU I 179 -13.61 22.69 -36.45
CA LEU I 179 -13.44 22.92 -37.88
C LEU I 179 -12.09 22.37 -38.31
N THR I 180 -12.10 21.39 -39.21
CA THR I 180 -10.89 20.72 -39.65
C THR I 180 -10.78 20.80 -41.17
N LEU I 181 -9.66 21.33 -41.65
CA LEU I 181 -9.35 21.37 -43.07
C LEU I 181 -7.86 21.13 -43.26
N SER I 182 -7.47 20.93 -44.52
CA SER I 182 -6.08 20.63 -44.84
C SER I 182 -5.17 21.79 -44.47
N LYS I 183 -3.88 21.47 -44.28
CA LYS I 183 -2.90 22.51 -43.96
C LYS I 183 -2.73 23.48 -45.12
N ALA I 184 -2.90 23.00 -46.36
CA ALA I 184 -2.81 23.91 -47.51
C ALA I 184 -3.96 24.89 -47.51
N ASP I 185 -5.15 24.45 -47.10
CA ASP I 185 -6.30 25.37 -47.04
C ASP I 185 -6.17 26.35 -45.88
N TYR I 186 -5.53 25.94 -44.79
CA TYR I 186 -5.31 26.86 -43.67
C TYR I 186 -4.31 27.95 -44.02
N GLU I 187 -3.43 27.72 -45.00
CA GLU I 187 -2.48 28.72 -45.46
C GLU I 187 -3.05 29.59 -46.58
N LYS I 188 -4.16 29.19 -47.20
CA LYS I 188 -4.77 30.00 -48.25
C LYS I 188 -5.59 31.15 -47.68
N HIS I 189 -5.91 31.11 -46.39
CA HIS I 189 -6.59 32.20 -45.70
C HIS I 189 -5.84 32.49 -44.42
N LYS I 190 -6.16 33.63 -43.80
CA LYS I 190 -5.41 34.11 -42.64
C LYS I 190 -6.24 34.11 -41.36
N VAL I 191 -7.35 34.84 -41.33
CA VAL I 191 -8.10 35.08 -40.10
C VAL I 191 -9.40 34.29 -40.14
N TYR I 192 -9.71 33.64 -39.02
CA TYR I 192 -10.89 32.78 -38.89
C TYR I 192 -11.78 33.29 -37.77
N ALA I 193 -13.04 32.83 -37.76
CA ALA I 193 -13.99 33.21 -36.74
C ALA I 193 -15.22 32.31 -36.84
N CYS I 194 -15.91 32.17 -35.71
CA CYS I 194 -17.17 31.43 -35.65
C CYS I 194 -18.30 32.34 -35.21
N GLU I 195 -19.53 31.96 -35.59
CA GLU I 195 -20.73 32.74 -35.31
C GLU I 195 -21.66 31.93 -34.41
N VAL I 196 -22.35 32.62 -33.51
CA VAL I 196 -23.26 31.98 -32.56
C VAL I 196 -24.55 32.79 -32.50
N THR I 197 -25.67 32.14 -32.83
CA THR I 197 -26.99 32.73 -32.68
C THR I 197 -27.73 31.99 -31.56
N HIS I 198 -28.06 32.71 -30.50
CA HIS I 198 -28.69 32.12 -29.32
C HIS I 198 -29.82 33.02 -28.84
N GLN I 199 -30.76 32.42 -28.13
CA GLN I 199 -31.90 33.17 -27.60
C GLN I 199 -31.45 34.23 -26.61
N GLY I 200 -30.51 33.88 -25.73
CA GLY I 200 -30.02 34.81 -24.73
C GLY I 200 -29.13 35.91 -25.26
N LEU I 201 -28.72 35.82 -26.53
CA LEU I 201 -27.88 36.83 -27.16
C LEU I 201 -28.75 37.76 -28.01
N SER I 202 -28.60 39.06 -27.80
CA SER I 202 -29.36 40.04 -28.57
C SER I 202 -28.78 40.27 -29.96
N SER I 203 -27.57 39.78 -30.22
CA SER I 203 -26.92 39.94 -31.51
C SER I 203 -25.98 38.78 -31.73
N PRO I 204 -25.76 38.36 -32.97
CA PRO I 204 -24.82 37.26 -33.23
C PRO I 204 -23.40 37.65 -32.84
N VAL I 205 -22.73 36.75 -32.14
CA VAL I 205 -21.39 37.00 -31.60
C VAL I 205 -20.36 36.38 -32.52
N THR I 206 -19.21 37.05 -32.66
CA THR I 206 -18.11 36.59 -33.48
C THR I 206 -16.82 36.67 -32.67
N LYS I 207 -15.84 35.85 -33.03
CA LYS I 207 -14.56 35.81 -32.34
C LYS I 207 -13.45 36.30 -33.28
N SER I 208 -12.21 36.19 -32.80
CA SER I 208 -11.03 36.68 -33.52
C SER I 208 -10.93 36.11 -34.93
N ASN I 210 -6.21 37.68 -34.81
CA ASN I 210 -5.76 37.34 -36.16
C ASN I 210 -4.65 36.30 -36.13
N ARG I 211 -4.28 35.80 -37.31
CA ARG I 211 -3.22 34.80 -37.43
C ARG I 211 -1.87 35.50 -37.30
N GLY I 212 -1.24 35.34 -36.15
CA GLY I 212 0.04 35.99 -35.89
C GLY I 212 0.07 36.71 -34.55
N GLU I 213 -0.98 36.54 -33.76
CA GLU I 213 -1.08 37.18 -32.46
C GLU I 213 -1.09 36.14 -31.34
N GLU J 1 12.36 16.13 32.65
CA GLU J 1 12.87 15.43 33.82
C GLU J 1 11.74 14.68 34.53
N VAL J 2 11.06 15.34 35.45
CA VAL J 2 9.91 14.75 36.12
C VAL J 2 8.71 14.81 35.17
N GLN J 3 8.03 13.69 35.01
CA GLN J 3 6.90 13.62 34.09
C GLN J 3 5.96 12.50 34.51
N LEU J 4 4.67 12.74 34.30
CA LEU J 4 3.63 11.76 34.55
C LEU J 4 2.83 11.53 33.28
N LEU J 5 2.47 10.27 33.01
CA LEU J 5 1.82 9.89 31.77
C LEU J 5 0.60 9.03 32.11
N GLU J 6 -0.58 9.48 31.69
CA GLU J 6 -1.83 8.78 31.95
C GLU J 6 -2.33 8.10 30.69
N SER J 7 -2.84 6.87 30.84
CA SER J 7 -3.42 6.14 29.74
C SER J 7 -4.64 5.37 30.25
N GLY J 8 -5.37 4.77 29.31
CA GLY J 8 -6.56 4.02 29.63
C GLY J 8 -7.87 4.74 29.34
N GLY J 9 -7.82 6.02 29.01
CA GLY J 9 -9.04 6.75 28.72
C GLY J 9 -9.63 6.35 27.38
N ARG J 10 -10.94 6.16 27.36
CA ARG J 10 -11.66 5.72 26.18
C ARG J 10 -13.14 5.98 26.39
N LEU J 11 -13.97 5.52 25.46
CA LEU J 11 -15.41 5.67 25.52
C LEU J 11 -16.04 4.37 26.01
N VAL J 12 -16.86 4.46 27.05
CA VAL J 12 -17.47 3.30 27.68
C VAL J 12 -18.96 3.55 27.88
N GLN J 13 -19.70 2.44 27.95
CA GLN J 13 -21.13 2.51 28.21
C GLN J 13 -21.39 2.90 29.66
N PRO J 14 -22.56 3.47 29.95
CA PRO J 14 -22.91 3.76 31.34
C PRO J 14 -22.97 2.49 32.18
N GLY J 15 -22.37 2.54 33.36
CA GLY J 15 -22.25 1.39 34.21
C GLY J 15 -21.07 0.49 33.93
N GLY J 16 -20.28 0.79 32.90
CA GLY J 16 -19.13 -0.01 32.55
C GLY J 16 -17.94 0.24 33.44
N SER J 17 -16.86 -0.50 33.18
CA SER J 17 -15.65 -0.43 33.97
C SER J 17 -14.50 0.14 33.15
N LEU J 18 -13.51 0.68 33.85
CA LEU J 18 -12.31 1.23 33.23
C LEU J 18 -11.21 1.33 34.26
N THR J 19 -9.98 1.17 33.79
CA THR J 19 -8.79 1.30 34.63
C THR J 19 -7.88 2.35 34.02
N LEU J 20 -7.34 3.23 34.87
CA LEU J 20 -6.49 4.32 34.43
C LEU J 20 -5.13 4.18 35.10
N SER J 21 -4.09 4.03 34.29
CA SER J 21 -2.72 3.90 34.79
C SER J 21 -1.98 5.22 34.62
N CYS J 22 -1.01 5.45 35.52
CA CYS J 22 -0.23 6.68 35.54
C CYS J 22 1.24 6.32 35.73
N ALA J 23 2.01 6.40 34.64
CA ALA J 23 3.44 6.10 34.70
C ALA J 23 4.20 7.29 35.28
N ALA J 24 5.00 7.04 36.31
CA ALA J 24 5.72 8.08 37.02
C ALA J 24 7.22 7.89 36.84
N SER J 25 7.93 9.02 36.80
CA SER J 25 9.38 9.02 36.69
C SER J 25 9.91 10.38 37.12
N GLY J 26 11.12 10.37 37.68
CA GLY J 26 11.79 11.60 38.07
C GLY J 26 11.89 11.85 39.55
N PHE J 27 11.25 11.02 40.38
CA PHE J 27 11.21 11.25 41.82
C PHE J 27 11.13 9.89 42.51
N PRO J 28 11.40 9.84 43.82
CA PRO J 28 11.24 8.57 44.55
C PRO J 28 9.78 8.21 44.72
N PHE J 29 9.21 7.57 43.70
CA PHE J 29 7.78 7.29 43.66
C PHE J 29 7.32 6.49 44.88
N SER J 30 8.19 5.67 45.46
CA SER J 30 7.82 4.86 46.60
C SER J 30 7.57 5.66 47.87
N THR J 31 7.95 6.94 47.89
CA THR J 31 7.84 7.76 49.09
C THR J 31 7.07 9.06 48.82
N TYR J 32 6.14 9.04 47.87
CA TYR J 32 5.35 10.22 47.55
C TYR J 32 3.88 9.85 47.45
N ALA J 33 3.01 10.78 47.83
CA ALA J 33 1.58 10.59 47.75
C ALA J 33 1.09 10.96 46.35
N MET J 34 0.23 10.12 45.79
CA MET J 34 -0.32 10.33 44.46
C MET J 34 -1.83 10.44 44.54
N SER J 35 -2.40 11.32 43.73
CA SER J 35 -3.83 11.59 43.76
C SER J 35 -4.36 11.74 42.34
N TRP J 36 -5.64 11.40 42.17
CA TRP J 36 -6.34 11.57 40.91
C TRP J 36 -7.26 12.78 40.98
N LEU J 37 -7.35 13.50 39.86
CA LEU J 37 -8.21 14.66 39.75
C LEU J 37 -8.91 14.60 38.39
N ARG J 38 -10.04 15.30 38.27
CA ARG J 38 -10.78 15.32 37.03
C ARG J 38 -11.29 16.73 36.74
N GLN J 39 -11.42 17.03 35.45
CA GLN J 39 -11.89 18.33 34.97
C GLN J 39 -12.80 18.09 33.78
N ALA J 40 -14.10 18.28 33.98
CA ALA J 40 -15.04 18.14 32.87
C ALA J 40 -14.87 19.29 31.88
N PRO J 41 -15.14 19.04 30.60
CA PRO J 41 -15.01 20.12 29.61
C PRO J 41 -15.95 21.27 29.92
N GLY J 42 -15.38 22.47 30.03
CA GLY J 42 -16.12 23.65 30.37
C GLY J 42 -16.24 23.94 31.85
N LYS J 43 -15.97 22.95 32.71
CA LYS J 43 -16.03 23.13 34.14
C LYS J 43 -14.63 23.33 34.71
N GLY J 44 -14.54 23.39 36.04
CA GLY J 44 -13.30 23.62 36.74
C GLY J 44 -12.62 22.35 37.19
N LEU J 45 -11.82 22.46 38.23
CA LEU J 45 -11.06 21.34 38.75
C LEU J 45 -11.82 20.67 39.89
N GLU J 46 -11.48 19.39 40.13
CA GLU J 46 -12.15 18.61 41.14
C GLU J 46 -11.24 17.46 41.57
N TRP J 47 -11.19 17.19 42.86
CA TRP J 47 -10.41 16.09 43.40
C TRP J 47 -11.19 14.79 43.38
N VAL J 48 -10.47 13.68 43.17
CA VAL J 48 -11.12 12.38 43.05
C VAL J 48 -10.66 11.45 44.17
N SER J 49 -9.37 11.14 44.23
CA SER J 49 -8.87 10.16 45.18
C SER J 49 -7.43 10.51 45.55
N GLY J 50 -6.78 9.62 46.29
CA GLY J 50 -5.41 9.83 46.71
C GLY J 50 -4.81 8.70 47.53
N ILE J 51 -3.54 8.38 47.28
CA ILE J 51 -2.81 7.34 48.00
C ILE J 51 -1.82 8.02 48.95
N THR J 52 -1.63 7.43 50.12
CA THR J 52 -0.72 7.97 51.13
C THR J 52 0.75 7.66 50.81
N GLY J 53 1.04 7.08 49.68
CA GLY J 53 2.41 6.66 49.35
C GLY J 53 2.74 5.28 49.85
N ASP J 54 2.48 5.02 51.13
CA ASP J 54 2.61 3.69 51.70
C ASP J 54 1.51 2.75 51.24
N SER J 55 0.53 3.26 50.49
CA SER J 55 -0.61 2.48 50.00
C SER J 55 -1.40 1.84 51.15
N GLY J 56 -1.47 2.53 52.28
CA GLY J 56 -2.19 2.03 53.43
C GLY J 56 -3.40 2.87 53.79
N SER J 57 -3.33 4.18 53.52
CA SER J 57 -4.42 5.11 53.79
C SER J 57 -4.96 5.62 52.46
N THR J 58 -6.24 5.34 52.20
CA THR J 58 -6.88 5.74 50.96
C THR J 58 -7.97 6.77 51.25
N TYR J 59 -8.05 7.78 50.39
CA TYR J 59 -9.05 8.84 50.50
C TYR J 59 -9.79 8.97 49.18
N TYR J 60 -11.12 8.95 49.25
CA TYR J 60 -11.97 9.05 48.07
C TYR J 60 -12.93 10.22 48.22
N ALA J 61 -13.20 10.90 47.11
CA ALA J 61 -14.19 11.97 47.10
C ALA J 61 -15.58 11.39 47.34
N ALA J 62 -16.52 12.30 47.62
CA ALA J 62 -17.89 11.87 47.91
C ALA J 62 -18.54 11.24 46.68
N SER J 63 -18.44 11.89 45.53
CA SER J 63 -19.13 11.44 44.32
C SER J 63 -18.53 10.17 43.73
N VAL J 64 -17.48 9.61 44.32
CA VAL J 64 -16.84 8.41 43.79
C VAL J 64 -16.67 7.31 44.82
N LYS J 65 -17.13 7.51 46.06
CA LYS J 65 -17.00 6.49 47.08
C LYS J 65 -17.87 5.29 46.76
N GLY J 66 -17.35 4.09 47.05
CA GLY J 66 -18.05 2.87 46.75
C GLY J 66 -18.11 2.51 45.27
N ARG J 67 -17.56 3.35 44.40
CA ARG J 67 -17.57 3.14 42.96
C ARG J 67 -16.18 2.99 42.36
N PHE J 68 -15.24 3.83 42.77
CA PHE J 68 -13.87 3.76 42.28
C PHE J 68 -12.99 3.04 43.30
N THR J 69 -11.76 2.73 42.87
CA THR J 69 -10.80 2.06 43.73
C THR J 69 -9.40 2.44 43.25
N ILE J 70 -8.66 3.16 44.08
CA ILE J 70 -7.33 3.64 43.72
C ILE J 70 -6.29 2.64 44.18
N SER J 71 -5.25 2.45 43.37
CA SER J 71 -4.24 1.44 43.66
C SER J 71 -2.84 2.04 43.54
N ARG J 72 -1.82 1.19 43.64
CA ARG J 72 -0.42 1.63 43.56
C ARG J 72 0.47 0.43 43.36
N ASP J 73 1.46 0.57 42.49
CA ASP J 73 2.47 -0.47 42.23
C ASP J 73 3.84 0.19 42.23
N ASN J 74 4.52 0.14 43.38
CA ASN J 74 5.80 0.82 43.50
C ASN J 74 6.90 0.12 42.72
N SER J 75 6.79 -1.19 42.53
CA SER J 75 7.78 -1.91 41.73
C SER J 75 7.71 -1.54 40.25
N LYS J 76 6.56 -1.05 39.79
CA LYS J 76 6.41 -0.55 38.43
C LYS J 76 6.33 0.97 38.36
N ASN J 77 6.31 1.65 39.50
CA ASN J 77 6.18 3.11 39.55
C ASN J 77 4.91 3.59 38.85
N THR J 78 3.82 2.85 39.04
CA THR J 78 2.57 3.10 38.36
C THR J 78 1.45 3.33 39.37
N LEU J 79 0.59 4.30 39.08
CA LEU J 79 -0.60 4.59 39.87
C LEU J 79 -1.83 4.16 39.08
N TYR J 80 -2.74 3.45 39.74
CA TYR J 80 -3.94 2.95 39.10
C TYR J 80 -5.18 3.57 39.73
N LEU J 81 -6.27 3.57 38.96
CA LEU J 81 -7.56 4.05 39.44
C LEU J 81 -8.65 3.19 38.78
N GLN J 82 -9.21 2.27 39.56
CA GLN J 82 -10.32 1.47 39.07
C GLN J 82 -11.59 2.33 39.01
N MET J 83 -12.41 2.09 38.01
CA MET J 83 -13.68 2.81 37.84
C MET J 83 -14.78 1.81 37.54
N ASN J 84 -15.82 1.81 38.37
CA ASN J 84 -16.95 0.92 38.20
C ASN J 84 -18.24 1.73 38.25
N SER J 85 -19.29 1.18 37.64
CA SER J 85 -20.61 1.81 37.60
C SER J 85 -20.51 3.25 37.11
N LEU J 86 -19.80 3.44 36.00
CA LEU J 86 -19.55 4.77 35.48
C LEU J 86 -20.85 5.42 35.03
N THR J 87 -21.15 6.60 35.58
CA THR J 87 -22.33 7.35 35.21
C THR J 87 -22.01 8.32 34.08
N ALA J 88 -23.06 8.84 33.45
CA ALA J 88 -22.88 9.79 32.36
C ALA J 88 -22.21 11.08 32.81
N ASP J 89 -22.30 11.43 34.09
CA ASP J 89 -21.68 12.62 34.62
C ASP J 89 -20.23 12.41 35.04
N ASP J 90 -19.67 11.24 34.77
CA ASP J 90 -18.26 10.98 35.01
C ASP J 90 -17.38 11.33 33.81
N THR J 91 -17.96 11.93 32.78
CA THR J 91 -17.20 12.32 31.59
C THR J 91 -16.30 13.50 31.92
N ALA J 92 -14.99 13.26 31.95
CA ALA J 92 -14.04 14.31 32.27
C ALA J 92 -12.65 13.83 31.90
N VAL J 93 -11.73 14.78 31.80
CA VAL J 93 -10.30 14.47 31.64
C VAL J 93 -9.73 14.22 33.04
N TYR J 94 -9.21 13.02 33.25
CA TYR J 94 -8.66 12.64 34.55
C TYR J 94 -7.16 12.89 34.59
N TYR J 95 -6.71 13.59 35.62
CA TYR J 95 -5.32 13.96 35.80
C TYR J 95 -4.69 13.13 36.92
N CYS J 96 -3.36 13.09 36.89
CA CYS J 96 -2.56 12.36 37.87
C CYS J 96 -1.59 13.35 38.51
N ALA J 97 -1.71 13.54 39.83
CA ALA J 97 -0.98 14.58 40.53
C ALA J 97 -0.07 13.97 41.59
N LYS J 98 1.11 14.56 41.75
CA LYS J 98 2.10 14.12 42.72
C LYS J 98 2.15 15.10 43.88
N ASP J 99 2.32 14.57 45.10
CA ASP J 99 2.39 15.41 46.28
C ASP J 99 3.70 16.19 46.30
N ARG J 100 3.70 17.30 47.04
CA ARG J 100 4.88 18.16 47.07
C ARG J 100 5.99 17.56 47.91
N LEU J 101 5.68 17.14 49.13
CA LEU J 101 6.68 16.61 50.04
C LEU J 101 6.65 15.08 50.02
N HIS J 102 7.68 14.48 50.61
CA HIS J 102 7.86 13.03 50.56
C HIS J 102 6.87 12.34 51.49
N SER J 103 5.98 11.54 50.88
CA SER J 103 5.01 10.66 51.51
C SER J 103 3.84 11.41 52.16
N GLY J 104 3.97 12.72 52.34
CA GLY J 104 2.88 13.67 52.50
C GLY J 104 1.61 13.16 53.18
N LEU J 105 0.47 13.57 52.62
CA LEU J 105 -0.76 12.78 52.73
C LEU J 105 -1.59 12.85 51.45
N GLY J 106 -1.11 13.52 50.41
CA GLY J 106 -1.91 13.82 49.25
C GLY J 106 -2.54 15.19 49.26
N GLU J 107 -1.88 16.18 49.89
CA GLU J 107 -2.49 17.50 50.07
C GLU J 107 -2.32 18.36 48.84
N LEU J 108 -1.08 18.56 48.39
CA LEU J 108 -0.79 19.47 47.30
C LEU J 108 -0.59 18.70 46.00
N PHE J 109 -0.89 19.37 44.89
CA PHE J 109 -0.79 18.79 43.55
C PHE J 109 0.27 19.59 42.79
N SER J 110 1.53 19.18 42.95
CA SER J 110 2.66 19.93 42.39
C SER J 110 2.76 19.74 40.87
N TYR J 111 2.90 18.50 40.43
CA TYR J 111 3.06 18.20 39.02
C TYR J 111 1.82 17.48 38.51
N TRP J 112 1.31 17.91 37.36
CA TRP J 112 0.13 17.34 36.75
C TRP J 112 0.50 16.62 35.47
N GLY J 113 -0.12 15.46 35.24
CA GLY J 113 -0.04 14.84 33.94
C GLY J 113 -0.90 15.57 32.94
N GLN J 114 -0.66 15.27 31.66
CA GLN J 114 -1.46 15.89 30.62
C GLN J 114 -2.92 15.43 30.68
N GLY J 115 -3.17 14.24 31.24
CA GLY J 115 -4.52 13.77 31.43
C GLY J 115 -5.08 13.02 30.24
N THR J 116 -5.80 11.93 30.51
CA THR J 116 -6.49 11.17 29.48
C THR J 116 -7.99 11.42 29.61
N LEU J 117 -8.67 11.41 28.47
CA LEU J 117 -10.09 11.74 28.43
C LEU J 117 -10.92 10.46 28.54
N VAL J 118 -11.86 10.47 29.49
CA VAL J 118 -12.80 9.37 29.67
C VAL J 118 -14.20 9.89 29.37
N THR J 119 -14.88 9.26 28.42
CA THR J 119 -16.22 9.64 28.02
C THR J 119 -17.17 8.49 28.33
N VAL J 120 -18.24 8.78 29.07
CA VAL J 120 -19.26 7.80 29.40
C VAL J 120 -20.55 8.23 28.72
N SER J 121 -21.11 7.35 27.89
CA SER J 121 -22.32 7.63 27.14
C SER J 121 -22.83 6.34 26.52
N SER J 122 -24.15 6.30 26.30
CA SER J 122 -24.75 5.19 25.57
C SER J 122 -24.67 5.35 24.06
N ALA J 123 -24.35 6.56 23.58
CA ALA J 123 -24.27 6.79 22.15
C ALA J 123 -23.08 6.06 21.54
N SER J 124 -23.32 5.37 20.43
CA SER J 124 -22.26 4.67 19.75
C SER J 124 -21.44 5.65 18.91
N THR J 125 -20.27 5.19 18.48
CA THR J 125 -19.37 6.02 17.68
C THR J 125 -20.03 6.38 16.35
N LYS J 126 -19.94 7.65 15.98
CA LYS J 126 -20.60 8.17 14.79
C LYS J 126 -19.63 9.04 13.99
N GLY J 127 -19.76 8.99 12.67
CA GLY J 127 -18.92 9.78 11.80
C GLY J 127 -19.55 11.13 11.47
N PRO J 128 -18.71 12.17 11.41
CA PRO J 128 -19.24 13.52 11.17
C PRO J 128 -19.65 13.72 9.72
N SER J 129 -20.82 14.31 9.53
CA SER J 129 -21.26 14.77 8.22
C SER J 129 -20.75 16.20 8.02
N VAL J 130 -20.00 16.41 6.94
CA VAL J 130 -19.34 17.68 6.70
C VAL J 130 -20.14 18.44 5.63
N PHE J 131 -20.83 19.51 6.06
CA PHE J 131 -21.60 20.34 5.16
C PHE J 131 -20.90 21.67 4.93
N PRO J 132 -20.92 22.20 3.70
CA PRO J 132 -20.19 23.43 3.41
C PRO J 132 -20.98 24.69 3.76
N LEU J 133 -20.32 25.63 4.45
CA LEU J 133 -20.90 26.94 4.72
C LEU J 133 -20.43 27.87 3.60
N ALA J 134 -21.18 27.87 2.50
CA ALA J 134 -20.75 28.60 1.32
C ALA J 134 -20.89 30.10 1.53
N PRO J 135 -19.98 30.90 0.95
CA PRO J 135 -20.13 32.35 1.02
C PRO J 135 -21.12 32.86 -0.02
N SER J 136 -21.77 33.97 0.33
CA SER J 136 -22.79 34.56 -0.54
C SER J 136 -22.70 36.09 -0.41
N SER J 137 -23.68 36.77 -1.01
CA SER J 137 -23.80 38.21 -0.87
C SER J 137 -24.85 38.61 0.16
N LYS J 138 -25.86 37.75 0.38
CA LYS J 138 -26.86 38.03 1.41
C LYS J 138 -26.22 38.18 2.78
N SER J 139 -25.07 37.56 2.99
CA SER J 139 -24.33 37.70 4.24
C SER J 139 -22.85 37.48 3.91
N THR J 140 -22.05 37.27 4.95
CA THR J 140 -20.65 36.85 4.83
C THR J 140 -19.81 37.81 4.00
N SER J 141 -20.19 39.09 3.94
CA SER J 141 -19.50 40.06 3.11
C SER J 141 -19.15 41.30 3.93
N GLY J 142 -18.59 42.30 3.25
CA GLY J 142 -18.02 43.45 3.91
C GLY J 142 -16.79 43.93 3.15
N GLY J 143 -15.66 43.99 3.84
CA GLY J 143 -14.39 44.18 3.16
C GLY J 143 -13.81 42.86 2.70
N THR J 144 -14.21 41.78 3.37
CA THR J 144 -13.76 40.43 3.03
C THR J 144 -14.96 39.48 2.94
N ALA J 145 -14.68 38.17 2.84
CA ALA J 145 -15.72 37.17 2.73
C ALA J 145 -15.50 36.08 3.77
N ALA J 146 -16.59 35.41 4.14
CA ALA J 146 -16.57 34.39 5.19
C ALA J 146 -17.22 33.11 4.68
N LEU J 147 -16.51 31.99 4.87
CA LEU J 147 -17.02 30.67 4.52
C LEU J 147 -16.53 29.69 5.57
N GLY J 148 -17.00 28.45 5.49
CA GLY J 148 -16.57 27.47 6.48
C GLY J 148 -17.18 26.10 6.22
N CYS J 149 -16.93 25.20 7.17
CA CYS J 149 -17.44 23.85 7.15
C CYS J 149 -18.20 23.57 8.44
N LEU J 150 -19.25 22.76 8.34
CA LEU J 150 -20.08 22.38 9.47
C LEU J 150 -19.85 20.91 9.79
N VAL J 151 -19.10 20.64 10.86
CA VAL J 151 -18.81 19.28 11.31
C VAL J 151 -19.93 18.90 12.28
N LYS J 152 -20.88 18.10 11.79
CA LYS J 152 -22.12 17.85 12.50
C LYS J 152 -22.35 16.36 12.73
N ASP J 153 -22.96 16.05 13.87
CA ASP J 153 -23.44 14.70 14.19
C ASP J 153 -22.30 13.68 14.17
N TYR J 154 -21.36 13.86 15.10
CA TYR J 154 -20.29 12.90 15.31
C TYR J 154 -20.17 12.59 16.80
N PHE J 155 -19.52 11.48 17.10
CA PHE J 155 -19.27 11.03 18.47
C PHE J 155 -18.24 9.92 18.44
N PRO J 156 -17.28 9.90 19.39
CA PRO J 156 -17.09 10.90 20.43
C PRO J 156 -16.07 11.97 20.06
N GLU J 157 -15.73 12.82 21.03
CA GLU J 157 -14.71 13.83 20.83
C GLU J 157 -13.31 13.19 20.85
N PRO J 158 -12.32 13.83 20.22
CA PRO J 158 -12.41 15.07 19.44
C PRO J 158 -12.31 14.85 17.94
N VAL J 159 -12.30 15.95 17.19
CA VAL J 159 -12.03 15.94 15.75
C VAL J 159 -10.95 16.98 15.47
N THR J 160 -10.52 17.02 14.21
CA THR J 160 -9.54 18.01 13.76
C THR J 160 -9.98 18.56 12.42
N VAL J 161 -9.87 19.87 12.27
CA VAL J 161 -10.22 20.56 11.02
C VAL J 161 -9.00 21.32 10.54
N SER J 162 -8.79 21.32 9.23
CA SER J 162 -7.67 22.03 8.62
C SER J 162 -8.07 22.48 7.22
N TRP J 163 -7.53 23.61 6.79
CA TRP J 163 -7.83 24.19 5.49
C TRP J 163 -6.59 24.09 4.62
N ASN J 164 -6.70 23.34 3.52
CA ASN J 164 -5.61 23.14 2.57
C ASN J 164 -4.40 22.46 3.22
N SER J 165 -4.66 21.59 4.19
CA SER J 165 -3.62 20.83 4.90
C SER J 165 -2.62 21.76 5.58
N GLY J 166 -3.15 22.72 6.35
CA GLY J 166 -2.33 23.66 7.08
C GLY J 166 -1.81 24.82 6.27
N ALA J 167 -2.14 24.91 4.99
CA ALA J 167 -1.67 26.01 4.15
C ALA J 167 -2.47 27.30 4.35
N LEU J 168 -3.44 27.30 5.27
CA LEU J 168 -4.26 28.47 5.51
C LEU J 168 -4.57 28.50 7.02
N THR J 169 -3.87 29.37 7.75
CA THR J 169 -4.00 29.43 9.20
C THR J 169 -4.49 30.78 9.71
N SER J 170 -4.01 31.88 9.15
CA SER J 170 -4.41 33.20 9.62
C SER J 170 -5.86 33.48 9.25
N GLY J 171 -6.64 33.92 10.24
CA GLY J 171 -8.03 34.21 10.02
C GLY J 171 -8.98 33.03 10.13
N VAL J 172 -8.56 31.94 10.77
CA VAL J 172 -9.36 30.73 10.90
C VAL J 172 -9.87 30.65 12.34
N HIS J 173 -11.16 30.39 12.49
CA HIS J 173 -11.80 30.24 13.79
C HIS J 173 -12.45 28.86 13.86
N THR J 174 -11.93 28.00 14.73
CA THR J 174 -12.52 26.69 14.99
C THR J 174 -13.19 26.74 16.36
N PHE J 175 -14.49 26.52 16.38
CA PHE J 175 -15.28 26.68 17.58
C PHE J 175 -15.34 25.38 18.38
N PRO J 176 -15.47 25.47 19.70
CA PRO J 176 -15.74 24.27 20.50
C PRO J 176 -17.01 23.57 20.04
N ALA J 177 -17.00 22.25 20.14
CA ALA J 177 -18.17 21.47 19.77
C ALA J 177 -19.26 21.61 20.83
N VAL J 178 -20.51 21.56 20.38
CA VAL J 178 -21.66 21.61 21.26
C VAL J 178 -22.26 20.21 21.33
N LEU J 179 -22.72 19.83 22.52
CA LEU J 179 -23.32 18.52 22.74
C LEU J 179 -24.81 18.64 22.52
N GLN J 180 -25.28 18.19 21.36
CA GLN J 180 -26.70 18.22 21.04
C GLN J 180 -27.47 17.28 21.94
N SER J 181 -28.78 17.51 22.04
CA SER J 181 -29.63 16.65 22.86
C SER J 181 -29.64 15.22 22.34
N SER J 182 -29.35 15.03 21.05
CA SER J 182 -29.28 13.69 20.48
C SER J 182 -28.11 12.90 21.02
N GLY J 183 -27.14 13.55 21.67
CA GLY J 183 -25.95 12.90 22.17
C GLY J 183 -24.75 12.98 21.26
N LEU J 184 -24.89 13.57 20.08
CA LEU J 184 -23.80 13.72 19.13
C LEU J 184 -23.22 15.12 19.22
N TYR J 185 -21.91 15.22 19.03
CA TYR J 185 -21.25 16.52 19.04
C TYR J 185 -21.38 17.17 17.66
N SER J 186 -21.17 18.48 17.65
CA SER J 186 -21.24 19.25 16.40
C SER J 186 -20.45 20.54 16.59
N LEU J 187 -19.58 20.84 15.62
CA LEU J 187 -18.83 22.08 15.63
C LEU J 187 -18.77 22.64 14.22
N SER J 188 -18.26 23.87 14.12
CA SER J 188 -18.10 24.55 12.85
C SER J 188 -16.75 25.26 12.83
N SER J 189 -16.16 25.36 11.65
CA SER J 189 -14.89 26.06 11.46
C SER J 189 -15.05 27.02 10.29
N VAL J 190 -14.75 28.29 10.53
CA VAL J 190 -14.88 29.32 9.51
C VAL J 190 -13.51 29.97 9.28
N VAL J 191 -13.34 30.53 8.09
CA VAL J 191 -12.12 31.25 7.74
C VAL J 191 -12.52 32.51 7.00
N THR J 192 -11.95 33.64 7.42
CA THR J 192 -12.18 34.92 6.76
C THR J 192 -11.14 35.11 5.67
N VAL J 193 -11.58 35.13 4.42
CA VAL J 193 -10.68 35.28 3.28
C VAL J 193 -10.99 36.58 2.57
N PRO J 194 -10.04 37.19 1.86
CA PRO J 194 -10.35 38.38 1.08
C PRO J 194 -11.39 38.08 0.02
N SER J 195 -12.42 38.94 -0.04
CA SER J 195 -13.52 38.72 -0.98
C SER J 195 -13.07 38.76 -2.44
N SER J 196 -11.90 39.34 -2.71
CA SER J 196 -11.38 39.33 -4.07
C SER J 196 -10.75 38.00 -4.45
N SER J 197 -10.28 37.24 -3.45
CA SER J 197 -9.69 35.92 -3.71
C SER J 197 -10.72 34.81 -3.59
N LEU J 198 -11.85 34.98 -4.29
CA LEU J 198 -12.87 33.94 -4.36
C LEU J 198 -12.98 33.30 -5.72
N GLY J 199 -12.50 33.95 -6.77
CA GLY J 199 -12.46 33.34 -8.08
C GLY J 199 -11.19 32.56 -8.31
N THR J 200 -10.09 33.00 -7.69
CA THR J 200 -8.77 32.41 -7.92
C THR J 200 -8.54 31.17 -7.05
N GLN J 201 -8.62 31.33 -5.72
CA GLN J 201 -8.25 30.26 -4.81
C GLN J 201 -9.46 29.39 -4.47
N THR J 202 -9.22 28.08 -4.42
CA THR J 202 -10.23 27.11 -4.01
C THR J 202 -9.95 26.68 -2.58
N TYR J 203 -11.01 26.58 -1.77
CA TYR J 203 -10.90 26.28 -0.35
C TYR J 203 -11.48 24.91 -0.06
N ILE J 204 -10.73 24.09 0.66
CA ILE J 204 -11.16 22.77 1.10
C ILE J 204 -10.82 22.61 2.57
N CYS J 205 -11.74 22.05 3.35
CA CYS J 205 -11.53 21.78 4.76
C CYS J 205 -11.25 20.30 4.96
N ASN J 206 -10.32 20.00 5.85
CA ASN J 206 -9.87 18.63 6.08
C ASN J 206 -10.37 18.19 7.45
N VAL J 207 -11.45 17.42 7.46
CA VAL J 207 -12.06 16.92 8.69
C VAL J 207 -11.58 15.49 8.92
N ASN J 208 -11.12 15.20 10.13
CA ASN J 208 -10.56 13.89 10.45
C ASN J 208 -11.06 13.49 11.84
N HIS J 209 -11.91 12.48 11.90
CA HIS J 209 -12.44 11.94 13.15
C HIS J 209 -11.75 10.61 13.42
N LYS J 210 -10.79 10.62 14.36
CA LYS J 210 -10.02 9.41 14.63
C LYS J 210 -10.87 8.30 15.23
N PRO J 211 -11.69 8.53 16.26
CA PRO J 211 -12.44 7.40 16.86
C PRO J 211 -13.33 6.65 15.88
N SER J 212 -13.71 7.26 14.76
CA SER J 212 -14.54 6.60 13.77
C SER J 212 -13.80 6.30 12.47
N ASN J 213 -12.50 6.61 12.39
CA ASN J 213 -11.71 6.42 11.18
C ASN J 213 -12.34 7.14 9.99
N THR J 214 -12.71 8.40 10.21
CA THR J 214 -13.34 9.23 9.20
C THR J 214 -12.36 10.29 8.74
N LYS J 215 -12.19 10.41 7.42
CA LYS J 215 -11.33 11.42 6.83
C LYS J 215 -12.03 11.97 5.59
N VAL J 216 -12.58 13.18 5.70
CA VAL J 216 -13.35 13.80 4.63
C VAL J 216 -12.70 15.12 4.26
N ASP J 217 -12.50 15.32 2.96
CA ASP J 217 -11.97 16.57 2.41
C ASP J 217 -13.09 17.19 1.57
N LYS J 218 -13.82 18.12 2.17
CA LYS J 218 -14.96 18.76 1.53
C LYS J 218 -14.58 20.14 1.01
N ARG J 219 -14.99 20.43 -0.21
CA ARG J 219 -14.73 21.74 -0.82
C ARG J 219 -15.93 22.67 -0.61
N VAL J 220 -15.63 23.94 -0.44
CA VAL J 220 -16.64 24.97 -0.18
C VAL J 220 -16.72 25.86 -1.41
N GLU J 221 -17.80 25.69 -2.19
CA GLU J 221 -18.00 26.43 -3.42
C GLU J 221 -19.08 27.48 -3.24
N PRO J 222 -18.82 28.73 -3.64
CA PRO J 222 -19.86 29.76 -3.53
C PRO J 222 -21.03 29.44 -4.46
N LYS J 223 -22.24 29.70 -3.96
CA LYS J 223 -23.45 29.43 -4.73
C LYS J 223 -23.90 30.71 -5.45
N SER J 224 -24.21 30.57 -6.73
CA SER J 224 -24.64 31.70 -7.55
C SER J 224 -26.09 32.08 -7.24
N ASP K 1 -17.45 19.70 54.32
CA ASP K 1 -17.18 20.13 52.95
C ASP K 1 -16.97 21.63 52.85
N ILE K 2 -15.71 22.04 52.77
CA ILE K 2 -15.37 23.46 52.64
C ILE K 2 -15.62 23.89 51.21
N GLN K 3 -16.51 24.87 51.03
CA GLN K 3 -16.85 25.38 49.71
C GLN K 3 -15.95 26.57 49.38
N MET K 4 -15.36 26.55 48.19
CA MET K 4 -14.46 27.60 47.74
C MET K 4 -15.12 28.41 46.62
N THR K 5 -14.95 29.72 46.68
CA THR K 5 -15.52 30.63 45.69
C THR K 5 -14.55 31.78 45.45
N GLN K 6 -14.49 32.23 44.19
CA GLN K 6 -13.56 33.27 43.77
C GLN K 6 -14.34 34.45 43.21
N SER K 7 -13.62 35.57 43.04
CA SER K 7 -14.20 36.78 42.50
C SER K 7 -13.08 37.69 42.02
N PRO K 8 -13.20 38.29 40.83
CA PRO K 8 -14.34 38.11 39.92
C PRO K 8 -14.23 36.83 39.10
N SER K 9 -15.30 36.47 38.39
CA SER K 9 -15.25 35.30 37.51
C SER K 9 -14.24 35.54 36.39
N THR K 10 -14.29 36.72 35.77
CA THR K 10 -13.29 37.15 34.81
C THR K 10 -12.92 38.59 35.11
N LEU K 11 -11.67 38.96 34.79
CA LEU K 11 -11.20 40.33 34.96
C LEU K 11 -10.39 40.72 33.73
N SER K 12 -10.56 41.96 33.29
CA SER K 12 -9.90 42.48 32.10
C SER K 12 -8.80 43.44 32.53
N ALA K 13 -7.55 43.08 32.24
CA ALA K 13 -6.41 43.91 32.57
C ALA K 13 -5.46 43.96 31.39
N SER K 14 -4.83 45.11 31.18
CA SER K 14 -3.85 45.26 30.13
C SER K 14 -2.49 44.75 30.60
N VAL K 15 -1.54 44.68 29.66
CA VAL K 15 -0.22 44.13 29.93
C VAL K 15 0.52 45.10 30.87
N GLY K 16 0.75 44.67 32.11
CA GLY K 16 1.47 45.46 33.08
C GLY K 16 0.65 46.02 34.21
N ASP K 17 -0.61 45.62 34.36
CA ASP K 17 -1.48 46.17 35.39
C ASP K 17 -1.28 45.42 36.72
N ARG K 18 -1.81 46.01 37.78
CA ARG K 18 -1.86 45.36 39.09
C ARG K 18 -3.13 44.52 39.16
N VAL K 19 -3.00 43.20 39.07
CA VAL K 19 -4.11 42.28 39.07
C VAL K 19 -4.32 41.73 40.48
N ASN K 20 -5.57 41.65 40.92
CA ASN K 20 -5.93 41.08 42.21
C ASN K 20 -7.01 40.04 42.02
N ILE K 21 -6.83 38.87 42.63
CA ILE K 21 -7.80 37.78 42.58
C ILE K 21 -8.03 37.30 44.01
N THR K 22 -9.29 37.25 44.43
CA THR K 22 -9.65 36.86 45.78
C THR K 22 -10.28 35.48 45.78
N CYS K 23 -10.29 34.86 46.97
CA CYS K 23 -10.82 33.52 47.15
C CYS K 23 -11.16 33.31 48.61
N ARG K 24 -12.35 32.79 48.88
CA ARG K 24 -12.86 32.66 50.24
C ARG K 24 -13.32 31.23 50.49
N ALA K 25 -13.46 30.89 51.78
CA ALA K 25 -13.81 29.54 52.18
C ALA K 25 -14.96 29.53 53.19
N SER K 26 -15.24 28.37 53.79
CA SER K 26 -16.37 28.23 54.71
C SER K 26 -15.98 27.52 56.00
N GLN K 27 -14.69 27.42 56.31
CA GLN K 27 -14.25 26.97 57.62
C GLN K 27 -13.09 27.81 58.16
N SER K 28 -12.63 28.81 57.42
CA SER K 28 -11.58 29.72 57.85
C SER K 28 -10.29 28.96 58.18
N ILE K 29 -9.77 28.27 57.16
CA ILE K 29 -8.52 27.55 57.30
C ILE K 29 -7.41 28.55 57.60
N ASN K 30 -6.40 28.09 58.36
CA ASN K 30 -5.40 29.01 58.89
C ASN K 30 -4.65 29.73 57.77
N GLN K 31 -3.92 28.97 56.95
CA GLN K 31 -3.23 29.51 55.78
C GLN K 31 -3.07 28.45 54.69
N TRP K 32 -3.69 27.29 54.85
CA TRP K 32 -3.52 26.16 53.94
C TRP K 32 -4.38 26.41 52.70
N LEU K 33 -3.80 27.09 51.73
CA LEU K 33 -4.47 27.37 50.46
C LEU K 33 -3.41 27.46 49.37
N ALA K 34 -3.65 26.76 48.26
CA ALA K 34 -2.74 26.74 47.13
C ALA K 34 -3.38 27.42 45.93
N TRP K 35 -2.53 27.89 45.02
CA TRP K 35 -2.96 28.54 43.80
C TRP K 35 -2.43 27.78 42.59
N TYR K 36 -3.20 27.80 41.50
CA TYR K 36 -2.84 27.11 40.29
C TYR K 36 -3.09 28.01 39.08
N GLN K 37 -2.61 27.57 37.92
CA GLN K 37 -2.74 28.32 36.68
C GLN K 37 -2.94 27.33 35.54
N GLN K 38 -4.04 27.47 34.81
CA GLN K 38 -4.37 26.56 33.72
C GLN K 38 -4.62 27.36 32.45
N LYS K 39 -3.68 27.28 31.51
CA LYS K 39 -3.88 27.88 30.21
C LYS K 39 -4.70 26.94 29.33
N PRO K 40 -5.49 27.48 28.40
CA PRO K 40 -6.38 26.62 27.60
C PRO K 40 -5.62 25.53 26.86
N GLY K 41 -6.09 24.29 27.03
CA GLY K 41 -5.49 23.14 26.39
C GLY K 41 -4.36 22.50 27.17
N LYS K 42 -3.73 23.23 28.08
CA LYS K 42 -2.60 22.72 28.85
C LYS K 42 -3.06 22.27 30.24
N ALA K 43 -2.17 21.58 30.94
CA ALA K 43 -2.44 21.11 32.28
C ALA K 43 -2.20 22.22 33.30
N PRO K 44 -2.87 22.16 34.45
CA PRO K 44 -2.64 23.19 35.48
C PRO K 44 -1.23 23.16 36.02
N LYS K 45 -0.74 24.34 36.40
CA LYS K 45 0.59 24.50 36.97
C LYS K 45 0.47 24.88 38.44
N PHE K 46 1.27 24.25 39.28
CA PHE K 46 1.31 24.60 40.69
C PHE K 46 2.02 25.93 40.89
N LEU K 47 1.34 26.87 41.54
CA LEU K 47 1.86 28.23 41.69
C LEU K 47 2.38 28.52 43.10
N MET K 48 1.56 28.31 44.13
CA MET K 48 1.93 28.71 45.47
C MET K 48 1.32 27.76 46.49
N TYR K 49 1.90 27.76 47.69
CA TYR K 49 1.37 27.03 48.84
C TYR K 49 1.57 27.88 50.08
N LYS K 50 0.90 27.51 51.16
CA LYS K 50 0.79 28.31 52.38
C LYS K 50 0.16 29.68 52.14
N ALA K 51 -0.35 29.92 50.93
CA ALA K 51 -1.09 31.13 50.57
C ALA K 51 -0.21 32.37 50.52
N SER K 52 1.08 32.23 50.86
CA SER K 52 2.01 33.35 50.84
C SER K 52 3.40 32.98 50.37
N THR K 53 3.69 31.71 50.10
CA THR K 53 5.00 31.26 49.69
C THR K 53 4.97 30.81 48.24
N LEU K 54 5.91 31.28 47.44
CA LEU K 54 5.96 30.95 46.03
C LEU K 54 6.62 29.59 45.82
N GLU K 55 6.21 28.92 44.75
CA GLU K 55 6.82 27.66 44.36
C GLU K 55 8.06 27.92 43.51
N THR K 56 9.07 27.09 43.69
CA THR K 56 10.29 27.22 42.90
C THR K 56 9.97 27.15 41.41
N GLY K 57 10.41 28.19 40.69
CA GLY K 57 10.13 28.30 39.27
C GLY K 57 9.08 29.32 38.91
N VAL K 58 8.49 30.00 39.90
CA VAL K 58 7.49 31.02 39.65
C VAL K 58 8.19 32.38 39.63
N PRO K 59 7.93 33.22 38.64
CA PRO K 59 8.57 34.55 38.60
C PRO K 59 8.20 35.38 39.82
N SER K 60 9.05 36.39 40.09
CA SER K 60 8.87 37.25 41.25
C SER K 60 7.68 38.19 41.11
N ARG K 61 7.06 38.26 39.93
CA ARG K 61 5.86 39.08 39.78
C ARG K 61 4.73 38.60 40.67
N PHE K 62 4.64 37.29 40.89
CA PHE K 62 3.58 36.72 41.69
C PHE K 62 3.86 36.91 43.18
N SER K 63 2.79 37.12 43.95
CA SER K 63 2.88 37.24 45.39
C SER K 63 1.51 36.94 45.99
N GLY K 64 1.51 36.38 47.18
CA GLY K 64 0.28 35.99 47.83
C GLY K 64 0.17 36.60 49.21
N SER K 65 -1.07 36.85 49.63
CA SER K 65 -1.36 37.38 50.95
C SER K 65 -2.77 36.96 51.35
N GLY K 66 -3.07 37.14 52.63
CA GLY K 66 -4.37 36.79 53.14
C GLY K 66 -4.32 35.56 54.03
N SER K 67 -5.16 35.55 55.07
CA SER K 67 -5.24 34.43 55.99
C SER K 67 -6.66 34.34 56.53
N GLY K 68 -7.01 33.15 57.02
CA GLY K 68 -8.32 32.93 57.59
C GLY K 68 -9.35 32.52 56.56
N THR K 69 -10.20 33.47 56.14
CA THR K 69 -11.24 33.21 55.17
C THR K 69 -11.13 34.07 53.92
N GLU K 70 -10.11 34.90 53.80
CA GLU K 70 -9.93 35.75 52.63
C GLU K 70 -8.46 35.72 52.23
N PHE K 71 -8.19 35.31 51.00
CA PHE K 71 -6.84 35.24 50.46
C PHE K 71 -6.82 35.92 49.10
N THR K 72 -5.64 36.40 48.71
CA THR K 72 -5.48 37.13 47.46
C THR K 72 -4.18 36.76 46.78
N LEU K 73 -4.14 37.02 45.48
CA LEU K 73 -2.97 36.77 44.63
C LEU K 73 -2.78 37.96 43.71
N THR K 74 -1.55 38.46 43.62
CA THR K 74 -1.25 39.70 42.90
C THR K 74 -0.17 39.46 41.87
N ILE K 75 -0.40 40.00 40.67
CA ILE K 75 0.58 40.00 39.58
C ILE K 75 0.94 41.45 39.31
N SER K 76 2.11 41.87 39.81
CA SER K 76 2.48 43.28 39.72
C SER K 76 2.66 43.73 38.27
N SER K 77 3.62 43.15 37.56
CA SER K 77 3.92 43.52 36.18
C SER K 77 3.40 42.40 35.28
N LEU K 78 2.15 42.55 34.84
CA LEU K 78 1.49 41.51 34.05
C LEU K 78 2.22 41.30 32.73
N GLN K 79 2.48 40.04 32.41
CA GLN K 79 3.12 39.64 31.16
C GLN K 79 2.13 38.87 30.29
N PRO K 80 2.41 38.77 28.98
CA PRO K 80 1.49 38.00 28.11
C PRO K 80 1.32 36.54 28.53
N ASP K 81 2.30 35.96 29.22
CA ASP K 81 2.17 34.58 29.68
C ASP K 81 1.14 34.44 30.80
N ASP K 82 0.82 35.52 31.50
CA ASP K 82 -0.06 35.46 32.66
C ASP K 82 -1.53 35.37 32.31
N PHE K 83 -1.91 35.62 31.05
CA PHE K 83 -3.31 35.53 30.65
C PHE K 83 -3.73 34.07 30.66
N ALA K 84 -4.46 33.68 31.69
CA ALA K 84 -4.91 32.30 31.86
C ALA K 84 -6.03 32.28 32.89
N THR K 85 -6.41 31.07 33.32
CA THR K 85 -7.37 30.88 34.40
C THR K 85 -6.61 30.45 35.65
N TYR K 86 -7.03 30.99 36.79
CA TYR K 86 -6.38 30.72 38.07
C TYR K 86 -7.37 30.12 39.05
N TYR K 87 -6.92 29.11 39.78
CA TYR K 87 -7.74 28.39 40.74
C TYR K 87 -7.10 28.45 42.13
N CYS K 88 -7.96 28.46 43.15
CA CYS K 88 -7.53 28.30 44.53
C CYS K 88 -8.07 26.97 45.06
N GLN K 89 -7.25 26.27 45.83
CA GLN K 89 -7.61 24.97 46.38
C GLN K 89 -7.15 24.89 47.82
N HIS K 90 -8.09 24.61 48.72
CA HIS K 90 -7.79 24.49 50.13
C HIS K 90 -7.31 23.07 50.46
N TYR K 91 -6.63 22.95 51.60
CA TYR K 91 -6.27 21.64 52.13
C TYR K 91 -6.23 21.78 53.66
N PHE K 92 -7.37 21.51 54.31
CA PHE K 92 -7.42 21.64 55.76
C PHE K 92 -7.60 20.30 56.48
N SER K 93 -8.71 19.60 56.29
CA SER K 93 -8.73 18.33 57.00
C SER K 93 -8.46 17.12 56.10
N TYR K 94 -9.51 16.55 55.50
CA TYR K 94 -9.40 15.61 54.39
C TYR K 94 -9.87 16.10 53.02
N PRO K 95 -11.11 16.63 52.90
CA PRO K 95 -11.73 16.73 51.57
C PRO K 95 -11.29 17.93 50.75
N TRP K 96 -10.19 17.76 50.00
CA TRP K 96 -9.64 18.84 49.19
C TRP K 96 -10.63 19.28 48.12
N THR K 97 -10.93 20.58 48.08
CA THR K 97 -11.89 21.16 47.17
C THR K 97 -11.27 22.37 46.47
N PHE K 98 -11.66 22.57 45.22
CA PHE K 98 -11.15 23.67 44.40
C PHE K 98 -12.12 24.84 44.39
N GLY K 99 -11.68 25.95 43.80
CA GLY K 99 -12.51 27.12 43.62
C GLY K 99 -13.13 27.16 42.23
N GLN K 100 -13.96 28.19 42.03
CA GLN K 100 -14.68 28.33 40.77
C GLN K 100 -13.78 28.76 39.63
N GLY K 101 -12.62 29.33 39.92
CA GLY K 101 -11.68 29.71 38.88
C GLY K 101 -11.90 31.10 38.34
N THR K 102 -10.85 31.90 38.29
CA THR K 102 -10.90 33.26 37.77
C THR K 102 -10.05 33.33 36.50
N LYS K 103 -10.68 33.72 35.40
CA LYS K 103 -9.98 33.87 34.13
C LYS K 103 -9.50 35.31 33.97
N VAL K 104 -8.30 35.47 33.42
CA VAL K 104 -7.71 36.77 33.14
C VAL K 104 -7.68 36.94 31.63
N GLU K 105 -8.15 38.09 31.15
CA GLU K 105 -8.25 38.37 29.73
C GLU K 105 -7.51 39.66 29.40
N ILE K 106 -7.29 39.87 28.10
CA ILE K 106 -6.59 41.06 27.62
C ILE K 106 -7.59 42.21 27.49
N LYS K 107 -7.30 43.31 28.16
CA LYS K 107 -8.17 44.49 28.12
C LYS K 107 -7.91 45.25 26.82
N ARG K 108 -8.96 45.43 26.02
CA ARG K 108 -8.87 46.14 24.75
C ARG K 108 -10.09 47.04 24.61
N THR K 109 -10.18 47.70 23.46
CA THR K 109 -11.32 48.56 23.17
C THR K 109 -12.50 47.73 22.68
N VAL K 110 -13.70 48.32 22.78
CA VAL K 110 -14.92 47.64 22.38
C VAL K 110 -14.95 47.52 20.86
N ALA K 111 -15.26 46.33 20.36
CA ALA K 111 -15.30 46.05 18.93
C ALA K 111 -16.67 45.52 18.55
N ALA K 112 -17.27 46.09 17.51
CA ALA K 112 -18.55 45.61 17.02
C ALA K 112 -18.34 44.33 16.21
N PRO K 113 -19.24 43.36 16.34
CA PRO K 113 -19.08 42.10 15.61
C PRO K 113 -19.48 42.23 14.16
N SER K 114 -18.94 41.31 13.35
CA SER K 114 -19.33 41.16 11.96
C SER K 114 -20.30 39.99 11.88
N VAL K 115 -21.57 40.28 11.64
CA VAL K 115 -22.63 39.28 11.71
C VAL K 115 -22.81 38.65 10.33
N PHE K 116 -22.58 37.35 10.25
CA PHE K 116 -22.75 36.58 9.01
C PHE K 116 -23.77 35.47 9.24
N ILE K 117 -24.46 35.08 8.17
CA ILE K 117 -25.43 34.00 8.24
C ILE K 117 -25.21 33.06 7.07
N PHE K 118 -25.54 31.78 7.29
CA PHE K 118 -25.36 30.73 6.29
C PHE K 118 -26.62 29.87 6.21
N PRO K 119 -27.32 29.87 5.08
CA PRO K 119 -28.47 28.97 4.91
C PRO K 119 -28.03 27.52 4.92
N PRO K 120 -28.95 26.57 5.07
CA PRO K 120 -28.55 25.16 5.01
C PRO K 120 -28.13 24.77 3.61
N SER K 121 -27.11 23.92 3.53
CA SER K 121 -26.60 23.48 2.24
C SER K 121 -27.57 22.51 1.58
N ASP K 122 -27.50 22.44 0.24
CA ASP K 122 -28.31 21.49 -0.49
C ASP K 122 -27.96 20.05 -0.15
N GLU K 123 -26.74 19.81 0.32
CA GLU K 123 -26.34 18.46 0.71
C GLU K 123 -27.02 18.04 2.00
N GLN K 124 -27.10 18.96 2.97
CA GLN K 124 -27.75 18.63 4.24
C GLN K 124 -29.26 18.45 4.05
N LEU K 125 -29.85 19.18 3.10
CA LEU K 125 -31.28 19.05 2.84
C LEU K 125 -31.64 17.70 2.24
N LYS K 126 -30.71 17.04 1.57
CA LYS K 126 -30.97 15.69 1.07
C LYS K 126 -30.94 14.64 2.17
N SER K 127 -30.52 14.99 3.38
CA SER K 127 -30.46 14.06 4.50
C SER K 127 -31.58 14.29 5.51
N GLY K 128 -32.46 15.24 5.28
CA GLY K 128 -33.61 15.47 6.13
C GLY K 128 -33.44 16.52 7.22
N THR K 129 -32.31 17.20 7.27
CA THR K 129 -32.05 18.20 8.29
C THR K 129 -31.78 19.55 7.62
N ALA K 130 -31.88 20.61 8.42
CA ALA K 130 -31.63 21.96 7.94
C ALA K 130 -31.03 22.76 9.08
N SER K 131 -29.75 23.12 8.95
CA SER K 131 -29.05 23.91 9.96
C SER K 131 -28.65 25.25 9.37
N VAL K 132 -28.97 26.33 10.09
CA VAL K 132 -28.60 27.68 9.73
C VAL K 132 -27.54 28.17 10.71
N VAL K 133 -26.46 28.74 10.20
CA VAL K 133 -25.33 29.17 11.02
C VAL K 133 -25.25 30.69 10.98
N CYS K 134 -25.24 31.30 12.16
CA CYS K 134 -25.09 32.74 12.32
C CYS K 134 -23.69 32.99 12.90
N LEU K 135 -22.86 33.72 12.17
CA LEU K 135 -21.45 33.89 12.51
C LEU K 135 -21.21 35.30 13.04
N LEU K 136 -20.60 35.38 14.23
CA LEU K 136 -20.19 36.63 14.85
C LEU K 136 -18.68 36.57 15.01
N ASN K 137 -17.98 37.58 14.47
CA ASN K 137 -16.53 37.51 14.37
C ASN K 137 -15.89 38.80 14.87
N ASN K 138 -14.83 38.65 15.68
CA ASN K 138 -13.94 39.74 16.07
C ASN K 138 -14.69 40.84 16.83
N PHE K 139 -15.25 40.46 17.98
CA PHE K 139 -15.94 41.39 18.86
C PHE K 139 -15.35 41.34 20.26
N TYR K 140 -15.66 42.38 21.04
CA TYR K 140 -15.24 42.48 22.43
C TYR K 140 -16.20 43.43 23.13
N PRO K 141 -16.63 43.14 24.37
CA PRO K 141 -16.24 41.99 25.18
C PRO K 141 -16.96 40.69 24.80
N ARG K 142 -16.78 39.66 25.64
CA ARG K 142 -17.32 38.34 25.34
C ARG K 142 -18.83 38.33 25.36
N GLU K 143 -19.46 39.16 26.20
CA GLU K 143 -20.91 39.15 26.37
C GLU K 143 -21.62 39.51 25.08
N ALA K 144 -22.31 38.55 24.48
CA ALA K 144 -23.03 38.76 23.24
C ALA K 144 -24.31 37.92 23.26
N LYS K 145 -25.38 38.47 22.69
CA LYS K 145 -26.67 37.82 22.65
C LYS K 145 -27.07 37.55 21.20
N VAL K 146 -27.56 36.35 20.94
CA VAL K 146 -28.01 35.96 19.61
C VAL K 146 -29.40 35.32 19.75
N GLN K 147 -30.37 35.84 19.01
CA GLN K 147 -31.73 35.32 19.01
C GLN K 147 -32.13 34.95 17.60
N TRP K 148 -32.63 33.73 17.42
CA TRP K 148 -33.14 33.27 16.13
C TRP K 148 -34.62 33.59 16.01
N LYS K 149 -35.04 33.98 14.81
CA LYS K 149 -36.43 34.27 14.53
C LYS K 149 -36.81 33.67 13.19
N VAL K 150 -37.89 32.89 13.18
CA VAL K 150 -38.41 32.25 11.98
C VAL K 150 -39.85 32.70 11.80
N ASP K 151 -40.11 33.44 10.72
CA ASP K 151 -41.41 34.09 10.49
C ASP K 151 -41.82 34.94 11.68
N ASN K 152 -40.88 35.78 12.13
CA ASN K 152 -41.08 36.70 13.25
C ASN K 152 -41.39 35.99 14.56
N ALA K 153 -41.12 34.69 14.64
CA ALA K 153 -41.36 33.89 15.84
C ALA K 153 -40.03 33.59 16.52
N LEU K 154 -39.88 34.03 17.76
CA LEU K 154 -38.64 33.85 18.51
C LEU K 154 -38.46 32.37 18.86
N GLN K 155 -37.47 31.73 18.24
CA GLN K 155 -37.22 30.32 18.47
C GLN K 155 -36.62 30.09 19.85
N SER K 156 -36.74 28.86 20.33
CA SER K 156 -36.23 28.51 21.65
C SER K 156 -35.98 27.00 21.70
N GLY K 157 -34.85 26.61 22.30
CA GLY K 157 -34.54 25.22 22.55
C GLY K 157 -34.02 24.44 21.36
N ASN K 158 -33.98 25.03 20.17
CA ASN K 158 -33.52 24.34 18.98
C ASN K 158 -32.27 24.97 18.38
N SER K 159 -31.48 25.67 19.19
CA SER K 159 -30.26 26.31 18.73
C SER K 159 -29.18 26.17 19.80
N GLN K 160 -27.93 26.10 19.34
CA GLN K 160 -26.78 26.02 20.23
C GLN K 160 -25.68 26.91 19.68
N GLU K 161 -24.92 27.52 20.59
CA GLU K 161 -23.89 28.47 20.21
C GLU K 161 -22.56 28.08 20.84
N SER K 162 -21.49 28.63 20.27
CA SER K 162 -20.13 28.33 20.72
C SER K 162 -19.27 29.56 20.49
N VAL K 163 -18.45 29.90 21.49
CA VAL K 163 -17.60 31.08 21.44
C VAL K 163 -16.14 30.63 21.54
N THR K 164 -15.29 31.21 20.69
CA THR K 164 -13.90 30.81 20.64
C THR K 164 -13.13 31.35 21.84
N GLU K 165 -11.87 30.93 21.96
CA GLU K 165 -10.96 31.49 22.93
C GLU K 165 -10.53 32.88 22.48
N GLN K 166 -10.10 33.70 23.44
CA GLN K 166 -9.65 35.05 23.13
C GLN K 166 -8.44 34.99 22.22
N ASP K 167 -8.47 35.79 21.15
CA ASP K 167 -7.45 35.70 20.12
C ASP K 167 -6.11 36.22 20.64
N SER K 168 -5.06 35.47 20.38
CA SER K 168 -3.71 35.83 20.81
C SER K 168 -3.05 36.86 19.89
N LYS K 169 -3.80 37.44 18.97
CA LYS K 169 -3.27 38.43 18.04
C LYS K 169 -3.99 39.78 18.10
N ASP K 170 -5.31 39.78 18.35
CA ASP K 170 -6.03 41.04 18.47
C ASP K 170 -7.03 41.03 19.63
N SER K 171 -6.98 40.02 20.51
CA SER K 171 -7.74 40.00 21.76
C SER K 171 -9.26 40.04 21.53
N THR K 172 -9.71 39.56 20.38
CA THR K 172 -11.13 39.54 20.06
C THR K 172 -11.69 38.13 20.16
N TYR K 173 -13.02 38.05 20.28
CA TYR K 173 -13.73 36.78 20.35
C TYR K 173 -14.53 36.57 19.08
N SER K 174 -15.07 35.36 18.93
CA SER K 174 -15.92 35.01 17.80
C SER K 174 -16.98 34.04 18.28
N LEU K 175 -18.19 34.17 17.73
CA LEU K 175 -19.33 33.38 18.14
C LEU K 175 -19.95 32.71 16.93
N SER K 176 -20.42 31.47 17.13
CA SER K 176 -21.10 30.71 16.08
C SER K 176 -22.35 30.08 16.67
N SER K 177 -23.49 30.37 16.07
CA SER K 177 -24.78 29.85 16.52
C SER K 177 -25.42 29.04 15.40
N THR K 178 -25.92 27.85 15.75
CA THR K 178 -26.52 26.95 14.78
C THR K 178 -27.97 26.70 15.15
N LEU K 179 -28.88 27.01 14.23
CA LEU K 179 -30.30 26.71 14.38
C LEU K 179 -30.62 25.47 13.57
N THR K 180 -30.91 24.36 14.24
CA THR K 180 -31.13 23.08 13.58
C THR K 180 -32.62 22.76 13.58
N LEU K 181 -33.16 22.50 12.40
CA LEU K 181 -34.55 22.09 12.21
C LEU K 181 -34.60 20.87 11.32
N SER K 182 -35.76 20.22 11.27
CA SER K 182 -35.98 19.15 10.33
C SER K 182 -36.34 19.73 8.96
N LYS K 183 -36.11 18.93 7.92
CA LYS K 183 -36.48 19.37 6.58
C LYS K 183 -37.97 19.64 6.45
N ALA K 184 -38.79 18.87 7.19
CA ALA K 184 -40.23 19.10 7.16
C ALA K 184 -40.59 20.45 7.78
N ASP K 185 -40.05 20.74 8.96
CA ASP K 185 -40.31 22.04 9.59
C ASP K 185 -39.66 23.17 8.83
N TYR K 186 -38.52 22.92 8.17
CA TYR K 186 -37.84 23.99 7.45
C TYR K 186 -38.63 24.43 6.23
N GLU K 187 -39.25 23.48 5.52
CA GLU K 187 -39.96 23.79 4.28
C GLU K 187 -41.40 24.27 4.52
N LYS K 188 -41.75 24.64 5.74
CA LYS K 188 -43.04 25.27 6.00
C LYS K 188 -42.89 26.65 6.62
N HIS K 189 -41.73 27.29 6.41
CA HIS K 189 -41.45 28.62 6.89
C HIS K 189 -40.63 29.37 5.85
N LYS K 190 -40.79 30.69 5.81
CA LYS K 190 -40.23 31.51 4.74
C LYS K 190 -38.99 32.28 5.16
N VAL K 191 -39.06 33.05 6.25
CA VAL K 191 -38.00 33.96 6.65
C VAL K 191 -37.21 33.34 7.80
N TYR K 192 -35.88 33.41 7.71
CA TYR K 192 -34.98 32.89 8.73
C TYR K 192 -33.95 33.97 9.05
N ALA K 193 -33.93 34.40 10.31
CA ALA K 193 -33.09 35.53 10.71
C ALA K 193 -32.48 35.28 12.08
N CYS K 194 -31.30 35.87 12.30
CA CYS K 194 -30.70 35.97 13.62
C CYS K 194 -30.52 37.43 13.99
N GLU K 195 -30.73 37.74 15.27
CA GLU K 195 -30.66 39.10 15.79
C GLU K 195 -29.58 39.15 16.85
N VAL K 196 -28.59 40.01 16.64
CA VAL K 196 -27.39 40.05 17.48
C VAL K 196 -27.41 41.31 18.34
N THR K 197 -27.25 41.12 19.65
CA THR K 197 -27.10 42.22 20.59
C THR K 197 -25.68 42.22 21.14
N HIS K 198 -25.10 43.41 21.29
CA HIS K 198 -23.74 43.51 21.78
C HIS K 198 -23.53 44.90 22.37
N GLN K 199 -22.59 45.00 23.31
CA GLN K 199 -22.23 46.30 23.88
C GLN K 199 -21.72 47.25 22.82
N GLY K 200 -21.07 46.74 21.79
CA GLY K 200 -20.61 47.57 20.69
C GLY K 200 -21.68 47.83 19.66
N LEU K 201 -22.94 47.68 20.06
CA LEU K 201 -24.09 47.93 19.19
C LEU K 201 -25.12 48.75 19.94
N SER K 202 -25.61 49.81 19.30
CA SER K 202 -26.66 50.62 19.91
C SER K 202 -28.00 49.91 19.84
N SER K 203 -28.25 49.21 18.74
CA SER K 203 -29.47 48.45 18.52
C SER K 203 -29.12 47.13 17.86
N PRO K 204 -29.95 46.10 18.06
CA PRO K 204 -29.62 44.79 17.49
C PRO K 204 -29.62 44.79 15.97
N VAL K 205 -28.60 44.15 15.40
CA VAL K 205 -28.46 43.98 13.95
C VAL K 205 -29.11 42.67 13.55
N THR K 206 -29.65 42.63 12.33
CA THR K 206 -30.37 41.47 11.82
C THR K 206 -29.79 41.03 10.48
N LYS K 207 -29.60 39.71 10.34
CA LYS K 207 -29.23 39.08 9.09
C LYS K 207 -30.27 38.01 8.77
N SER K 208 -30.82 38.05 7.56
CA SER K 208 -31.92 37.16 7.20
C SER K 208 -31.79 36.71 5.75
N PHE K 209 -32.66 35.77 5.39
CA PHE K 209 -32.78 35.28 4.01
C PHE K 209 -34.12 34.55 3.90
N ASN K 210 -34.49 34.24 2.66
CA ASN K 210 -35.68 33.45 2.37
C ASN K 210 -35.29 32.09 1.82
N ARG K 211 -36.27 31.20 1.75
CA ARG K 211 -36.05 29.86 1.22
C ARG K 211 -35.97 29.94 -0.30
N GLY K 212 -34.76 29.75 -0.84
CA GLY K 212 -34.55 29.81 -2.27
C GLY K 212 -33.24 30.46 -2.67
N GLU K 213 -32.71 31.34 -1.81
CA GLU K 213 -31.41 31.96 -2.05
C GLU K 213 -30.89 32.64 -0.79
C1 GOL L . 41.78 4.20 6.44
O1 GOL L . 40.94 3.18 5.98
C2 GOL L . 42.74 3.57 7.47
O2 GOL L . 42.08 3.26 8.66
C3 GOL L . 43.29 2.31 6.77
O3 GOL L . 44.19 1.72 7.65
C1 GOL M . 34.98 -22.23 8.93
O1 GOL M . 34.06 -23.11 8.38
C2 GOL M . 35.91 -23.05 9.85
O2 GOL M . 36.87 -23.75 9.11
C3 GOL M . 36.55 -22.02 10.79
O3 GOL M . 37.19 -22.73 11.80
C1 GOL N . 6.78 -39.83 7.55
O1 GOL N . 5.47 -40.29 7.67
C2 GOL N . 7.66 -41.05 7.21
O2 GOL N . 7.70 -41.30 5.84
C3 GOL N . 9.06 -40.70 7.79
O3 GOL N . 8.89 -40.56 9.17
C1 GOL O . 10.47 -12.54 -40.71
O1 GOL O . 9.60 -13.60 -40.95
C2 GOL O . 10.84 -11.93 -42.08
O2 GOL O . 10.61 -10.56 -42.10
C3 GOL O . 12.32 -12.28 -42.27
O3 GOL O . 12.63 -12.00 -43.60
C1 GOL P . -21.79 26.34 15.94
O1 GOL P . -22.72 26.38 16.98
C2 GOL P . -20.93 25.08 16.16
O2 GOL P . -20.02 25.27 17.20
C3 GOL P . -21.93 23.96 16.46
O3 GOL P . -22.77 23.84 15.36
#